data_7QNK
#
_entry.id   7QNK
#
_cell.length_a   89.501
_cell.length_b   89.501
_cell.length_c   500.895
_cell.angle_alpha   90.00
_cell.angle_beta   90.00
_cell.angle_gamma   90.00
#
_symmetry.space_group_name_H-M   'P 43 21 2'
#
loop_
_entity.id
_entity.type
_entity.pdbx_description
1 polymer 'Beta-lactamase TEM'
2 non-polymer 'TAZOBACTAM INTERMEDIATE'
3 non-polymer 'ACETATE ION'
4 water water
#
_entity_poly.entity_id   1
_entity_poly.type   'polypeptide(L)'
_entity_poly.pdbx_seq_one_letter_code
;HPETLVKVKDAEDQLGARVGYIELDLNSGKILESFRPEERFPMMSTFKVLLCGAVLSRIDAGQEQLGRRIHYSQNDLVEY
SPVTEKHLTDGMTVRELCSAAITMSDNTAANLLLTTIGGPKELTAFLHNMGDHVTRLDRWEPELNEAIPNDERDTTMPAA
MATTLRKLLTGELLTLASRQQLIDWMEADKVAGPLLRSALPAGWFIADKSGAGERGSRGIIAALGPDGKPSRIVVIYTTG
SQATMDERNRQIAEIGASLIKHW
;
_entity_poly.pdbx_strand_id   A,B,C,D,E,F
#
loop_
_chem_comp.id
_chem_comp.type
_chem_comp.name
_chem_comp.formula
ACT non-polymer 'ACETATE ION' 'C2 H3 O2 -1'
TBE non-polymer 'TAZOBACTAM INTERMEDIATE' 'C10 H14 N4 O5 S'
#
# COMPACT_ATOMS: atom_id res chain seq x y z
N HIS A 1 -7.48 12.78 -6.26
CA HIS A 1 -7.71 12.85 -4.80
C HIS A 1 -8.58 14.05 -4.49
N PRO A 2 -9.53 13.95 -3.54
CA PRO A 2 -10.40 15.08 -3.18
C PRO A 2 -9.72 16.44 -2.95
N GLU A 3 -8.50 16.48 -2.41
CA GLU A 3 -7.81 17.74 -2.06
C GLU A 3 -7.30 18.42 -3.33
N THR A 4 -7.08 17.66 -4.41
CA THR A 4 -6.64 18.19 -5.73
C THR A 4 -7.85 18.88 -6.38
N LEU A 5 -9.02 18.26 -6.28
CA LEU A 5 -10.32 18.82 -6.70
C LEU A 5 -10.59 20.16 -5.99
N VAL A 6 -10.31 20.25 -4.69
CA VAL A 6 -10.45 21.51 -3.90
C VAL A 6 -9.54 22.57 -4.51
N LYS A 7 -8.31 22.22 -4.91
CA LYS A 7 -7.34 23.19 -5.49
C LYS A 7 -7.77 23.59 -6.91
N VAL A 8 -8.32 22.67 -7.71
CA VAL A 8 -8.82 22.99 -9.08
C VAL A 8 -9.90 24.07 -8.94
N LYS A 9 -10.83 23.88 -8.01
CA LYS A 9 -11.96 24.82 -7.79
C LYS A 9 -11.42 26.15 -7.25
N ASP A 10 -10.38 26.12 -6.42
CA ASP A 10 -9.75 27.36 -5.91
C ASP A 10 -9.11 28.09 -7.09
N ALA A 11 -8.53 27.36 -8.05
CA ALA A 11 -7.91 27.94 -9.26
C ALA A 11 -8.99 28.68 -10.07
N GLU A 12 -10.19 28.11 -10.20
CA GLU A 12 -11.35 28.77 -10.85
C GLU A 12 -11.60 30.13 -10.18
N ASP A 13 -11.65 30.17 -8.84
CA ASP A 13 -11.94 31.41 -8.06
C ASP A 13 -10.87 32.46 -8.32
N GLN A 14 -9.60 32.07 -8.30
CA GLN A 14 -8.43 32.97 -8.44
C GLN A 14 -8.33 33.53 -9.86
N LEU A 15 -8.62 32.70 -10.86
CA LEU A 15 -8.54 33.09 -12.30
C LEU A 15 -9.84 33.75 -12.77
N GLY A 16 -10.96 33.54 -12.10
CA GLY A 16 -12.29 33.98 -12.56
C GLY A 16 -12.59 33.40 -13.95
N ALA A 17 -12.39 32.09 -14.08
CA ALA A 17 -12.52 31.33 -15.34
C ALA A 17 -12.72 29.85 -15.04
N ARG A 18 -13.24 29.11 -16.01
CA ARG A 18 -13.44 27.64 -15.93
C ARG A 18 -12.08 26.95 -16.04
N VAL A 19 -11.93 25.84 -15.32
CA VAL A 19 -10.73 24.94 -15.39
C VAL A 19 -11.23 23.52 -15.64
N GLY A 20 -10.72 22.88 -16.69
CA GLY A 20 -10.97 21.46 -16.97
C GLY A 20 -9.77 20.62 -16.54
N TYR A 21 -10.00 19.45 -15.95
CA TYR A 21 -8.94 18.62 -15.32
C TYR A 21 -9.32 17.15 -15.46
N ILE A 22 -8.36 16.29 -15.77
CA ILE A 22 -8.57 14.82 -15.68
C ILE A 22 -7.22 14.14 -15.42
N GLU A 23 -7.21 13.12 -14.55
CA GLU A 23 -6.12 12.15 -14.30
C GLU A 23 -6.58 10.79 -14.83
N LEU A 24 -5.86 10.18 -15.78
CA LEU A 24 -6.02 8.76 -16.16
C LEU A 24 -4.86 7.91 -15.62
N ASP A 25 -5.16 6.69 -15.19
CA ASP A 25 -4.15 5.60 -15.08
C ASP A 25 -3.66 5.29 -16.48
N LEU A 26 -2.35 5.31 -16.72
CA LEU A 26 -1.74 5.11 -18.05
C LEU A 26 -1.92 3.67 -18.51
N ASN A 27 -1.90 2.72 -17.59
CA ASN A 27 -1.96 1.26 -17.89
C ASN A 27 -3.40 0.87 -18.22
N SER A 28 -4.37 1.26 -17.39
CA SER A 28 -5.78 0.74 -17.42
C SER A 28 -6.72 1.72 -18.14
N GLY A 29 -6.41 3.02 -18.17
CA GLY A 29 -7.26 4.05 -18.81
C GLY A 29 -8.31 4.60 -17.85
N LYS A 30 -8.42 4.02 -16.64
CA LYS A 30 -9.44 4.38 -15.63
C LYS A 30 -9.23 5.83 -15.17
N ILE A 31 -10.34 6.57 -15.03
CA ILE A 31 -10.37 7.99 -14.57
C ILE A 31 -10.17 7.99 -13.06
N LEU A 32 -9.18 8.73 -12.56
CA LEU A 32 -8.82 8.78 -11.11
C LEU A 32 -9.41 10.06 -10.50
N GLU A 33 -9.49 11.13 -11.28
CA GLU A 33 -10.06 12.43 -10.83
C GLU A 33 -10.45 13.25 -12.08
N SER A 34 -11.55 14.00 -12.01
CA SER A 34 -12.05 14.84 -13.12
C SER A 34 -12.78 16.08 -12.59
N PHE A 35 -12.74 17.12 -13.39
CA PHE A 35 -13.54 18.35 -13.22
C PHE A 35 -13.79 18.95 -14.61
N ARG A 36 -15.06 19.14 -14.95
CA ARG A 36 -15.54 19.56 -16.30
C ARG A 36 -14.91 18.66 -17.36
N PRO A 37 -14.92 17.33 -17.20
CA PRO A 37 -14.25 16.41 -18.12
C PRO A 37 -14.75 16.50 -19.57
N GLU A 38 -16.03 16.85 -19.77
CA GLU A 38 -16.69 16.84 -21.10
C GLU A 38 -17.10 18.23 -21.56
N GLU A 39 -16.48 19.28 -21.03
CA GLU A 39 -16.63 20.68 -21.54
C GLU A 39 -15.50 20.97 -22.52
N ARG A 40 -15.73 21.86 -23.48
CA ARG A 40 -14.75 22.14 -24.56
C ARG A 40 -13.84 23.29 -24.14
N PHE A 41 -12.56 23.21 -24.51
CA PHE A 41 -11.53 24.26 -24.30
C PHE A 41 -10.68 24.34 -25.56
N PRO A 42 -10.10 25.52 -25.85
CA PRO A 42 -9.09 25.64 -26.89
C PRO A 42 -7.88 24.76 -26.59
N MET A 43 -7.42 23.95 -27.57
CA MET A 43 -6.21 23.12 -27.43
C MET A 43 -4.96 24.01 -27.40
N MET A 44 -4.95 25.12 -28.14
CA MET A 44 -3.72 25.92 -28.34
C MET A 44 -2.60 24.96 -28.84
N SER A 45 -1.32 25.21 -28.53
CA SER A 45 -0.17 24.38 -28.99
C SER A 45 -0.24 22.93 -28.50
N THR A 46 -1.18 22.54 -27.63
CA THR A 46 -1.24 21.11 -27.20
C THR A 46 -1.61 20.23 -28.42
N PHE A 47 -2.20 20.78 -29.48
CA PHE A 47 -2.53 19.99 -30.70
C PHE A 47 -1.25 19.45 -31.37
N LYS A 48 -0.11 20.13 -31.22
CA LYS A 48 1.16 19.76 -31.91
C LYS A 48 1.58 18.33 -31.59
N VAL A 49 1.19 17.78 -30.45
CA VAL A 49 1.46 16.35 -30.11
C VAL A 49 0.59 15.45 -30.97
N LEU A 50 -0.68 15.79 -31.14
CA LEU A 50 -1.61 15.03 -32.02
C LEU A 50 -1.11 15.05 -33.46
N LEU A 51 -0.57 16.19 -33.91
CA LEU A 51 -0.04 16.41 -35.28
C LEU A 51 1.10 15.44 -35.55
N CYS A 52 2.08 15.41 -34.65
CA CYS A 52 3.28 14.54 -34.80
C CYS A 52 2.87 13.06 -34.61
N GLY A 53 1.79 12.78 -33.89
CA GLY A 53 1.20 11.44 -33.83
C GLY A 53 0.67 11.00 -35.19
N ALA A 54 0.00 11.90 -35.91
CA ALA A 54 -0.52 11.69 -37.27
C ALA A 54 0.66 11.45 -38.23
N VAL A 55 1.73 12.25 -38.09
CA VAL A 55 2.94 12.15 -38.95
C VAL A 55 3.60 10.79 -38.74
N LEU A 56 3.79 10.38 -37.49
CA LEU A 56 4.42 9.06 -37.16
C LEU A 56 3.54 7.93 -37.68
N SER A 57 2.22 8.06 -37.62
CA SER A 57 1.28 7.05 -38.17
C SER A 57 1.52 6.82 -39.68
N ARG A 58 1.79 7.90 -40.41
CA ARG A 58 2.13 7.85 -41.84
C ARG A 58 3.53 7.26 -42.03
N ILE A 59 4.48 7.56 -41.16
CA ILE A 59 5.84 6.94 -41.27
C ILE A 59 5.67 5.43 -41.12
N ASP A 60 4.86 4.98 -40.15
CA ASP A 60 4.60 3.54 -39.90
C ASP A 60 3.96 2.90 -41.14
N ALA A 61 3.17 3.63 -41.92
CA ALA A 61 2.41 3.09 -43.07
C ALA A 61 3.21 3.22 -44.38
N GLY A 62 4.43 3.77 -44.35
CA GLY A 62 5.30 3.95 -45.52
C GLY A 62 4.83 5.10 -46.41
N GLN A 63 4.39 6.21 -45.82
CA GLN A 63 3.79 7.37 -46.52
C GLN A 63 4.56 8.65 -46.16
N GLU A 64 5.61 8.52 -45.37
CA GLU A 64 6.45 9.65 -44.89
C GLU A 64 7.74 9.06 -44.30
N GLN A 65 8.79 9.88 -44.22
CA GLN A 65 10.11 9.52 -43.65
C GLN A 65 10.61 10.64 -42.74
N LEU A 66 11.09 10.28 -41.54
CA LEU A 66 11.74 11.21 -40.58
C LEU A 66 12.82 12.02 -41.31
N GLY A 67 13.55 11.41 -42.25
CA GLY A 67 14.72 12.02 -42.89
C GLY A 67 14.38 12.91 -44.08
N ARG A 68 13.11 13.01 -44.51
CA ARG A 68 12.77 13.84 -45.69
C ARG A 68 13.01 15.32 -45.35
N ARG A 69 13.75 16.03 -46.21
CA ARG A 69 14.11 17.46 -46.03
C ARG A 69 13.08 18.31 -46.76
N ILE A 70 12.55 19.34 -46.10
CA ILE A 70 11.51 20.26 -46.62
C ILE A 70 12.11 21.65 -46.72
N HIS A 71 11.99 22.27 -47.89
CA HIS A 71 12.42 23.66 -48.17
C HIS A 71 11.17 24.55 -48.11
N TYR A 72 11.33 25.75 -47.57
CA TYR A 72 10.24 26.74 -47.39
C TYR A 72 10.85 28.12 -47.64
N SER A 73 10.05 29.18 -47.55
CA SER A 73 10.48 30.57 -47.86
C SER A 73 10.07 31.52 -46.73
N GLN A 74 10.57 32.76 -46.80
CA GLN A 74 10.22 33.90 -45.90
C GLN A 74 8.71 33.93 -45.69
N ASN A 75 7.92 33.69 -46.74
CA ASN A 75 6.45 33.93 -46.72
C ASN A 75 5.73 32.80 -45.95
N ASP A 76 6.41 31.71 -45.57
CA ASP A 76 5.84 30.64 -44.73
C ASP A 76 5.97 30.98 -43.23
N LEU A 77 6.92 31.85 -42.86
CA LEU A 77 7.27 32.18 -41.45
C LEU A 77 6.14 32.96 -40.80
N VAL A 78 5.61 32.46 -39.68
CA VAL A 78 4.61 33.19 -38.84
C VAL A 78 5.28 33.56 -37.51
N GLU A 79 4.57 34.25 -36.62
CA GLU A 79 5.10 34.72 -35.32
C GLU A 79 5.52 33.51 -34.45
N TYR A 80 6.65 33.68 -33.75
CA TYR A 80 7.37 32.69 -32.92
C TYR A 80 7.78 31.46 -33.73
N SER A 81 8.93 31.58 -34.39
CA SER A 81 9.55 30.58 -35.27
C SER A 81 11.04 30.55 -34.99
N PRO A 82 11.44 30.26 -33.73
CA PRO A 82 12.84 30.40 -33.31
C PRO A 82 13.81 29.43 -34.01
N VAL A 83 13.33 28.26 -34.44
CA VAL A 83 14.14 27.26 -35.21
C VAL A 83 13.96 27.51 -36.71
N THR A 84 12.73 27.52 -37.23
CA THR A 84 12.46 27.58 -38.70
C THR A 84 13.03 28.87 -39.31
N GLU A 85 13.05 30.00 -38.58
CA GLU A 85 13.56 31.29 -39.12
C GLU A 85 15.07 31.22 -39.40
N LYS A 86 15.77 30.22 -38.86
CA LYS A 86 17.24 30.07 -38.99
C LYS A 86 17.62 29.14 -40.16
N HIS A 87 16.67 28.50 -40.83
CA HIS A 87 16.92 27.45 -41.84
C HIS A 87 16.23 27.77 -43.17
N LEU A 88 16.22 29.05 -43.57
CA LEU A 88 15.58 29.46 -44.84
C LEU A 88 16.31 28.82 -46.02
N THR A 89 17.65 28.84 -46.02
CA THR A 89 18.45 28.43 -47.20
C THR A 89 18.60 26.90 -47.25
N ASP A 90 18.69 26.18 -46.12
CA ASP A 90 19.07 24.75 -46.11
C ASP A 90 17.86 23.85 -45.80
N GLY A 91 16.75 24.41 -45.30
CA GLY A 91 15.53 23.64 -44.98
C GLY A 91 15.67 22.84 -43.70
N MET A 92 14.70 21.97 -43.42
CA MET A 92 14.64 21.12 -42.20
C MET A 92 14.01 19.76 -42.53
N THR A 93 14.41 18.72 -41.81
CA THR A 93 13.85 17.35 -41.95
C THR A 93 12.52 17.28 -41.20
N VAL A 94 11.68 16.30 -41.51
CA VAL A 94 10.40 16.06 -40.78
C VAL A 94 10.74 15.85 -39.30
N ARG A 95 11.77 15.05 -39.01
CA ARG A 95 12.32 14.79 -37.65
C ARG A 95 12.56 16.12 -36.93
N GLU A 96 13.29 17.04 -37.56
CA GLU A 96 13.66 18.36 -36.98
C GLU A 96 12.41 19.22 -36.78
N LEU A 97 11.41 19.11 -37.67
CA LEU A 97 10.19 19.97 -37.61
C LEU A 97 9.33 19.52 -36.42
N CYS A 98 9.16 18.23 -36.21
CA CYS A 98 8.39 17.69 -35.05
C CYS A 98 9.11 18.07 -33.73
N SER A 99 10.44 17.97 -33.66
CA SER A 99 11.24 18.41 -32.50
C SER A 99 11.00 19.89 -32.26
N ALA A 100 11.05 20.72 -33.30
CA ALA A 100 10.89 22.19 -33.18
C ALA A 100 9.44 22.52 -32.79
N ALA A 101 8.45 21.80 -33.31
CA ALA A 101 7.04 22.06 -32.98
C ALA A 101 6.78 21.71 -31.50
N ILE A 102 7.15 20.52 -31.07
CA ILE A 102 6.81 20.02 -29.72
C ILE A 102 7.75 20.67 -28.69
N THR A 103 9.05 20.57 -28.84
CA THR A 103 10.05 21.05 -27.85
C THR A 103 10.14 22.59 -27.81
N MET A 104 10.26 23.27 -28.94
CA MET A 104 10.55 24.74 -29.01
C MET A 104 9.27 25.53 -29.34
N SER A 105 8.14 24.85 -29.41
CA SER A 105 6.83 25.37 -29.88
C SER A 105 6.98 26.33 -31.07
N ASP A 106 7.63 25.88 -32.13
CA ASP A 106 7.85 26.64 -33.38
C ASP A 106 6.53 26.58 -34.18
N ASN A 107 5.92 27.74 -34.47
CA ASN A 107 4.60 27.84 -35.14
C ASN A 107 4.72 27.52 -36.63
N THR A 108 5.71 28.07 -37.32
CA THR A 108 5.98 27.77 -38.76
C THR A 108 6.17 26.25 -38.91
N ALA A 109 6.88 25.62 -37.96
CA ALA A 109 7.14 24.17 -38.01
C ALA A 109 5.84 23.39 -38.00
N ALA A 110 4.90 23.76 -37.13
CA ALA A 110 3.57 23.12 -37.04
C ALA A 110 2.81 23.31 -38.38
N ASN A 111 2.89 24.49 -38.99
CA ASN A 111 2.18 24.78 -40.27
C ASN A 111 2.76 23.90 -41.39
N LEU A 112 4.09 23.80 -41.50
CA LEU A 112 4.79 22.97 -42.52
C LEU A 112 4.36 21.51 -42.38
N LEU A 113 4.20 21.02 -41.14
CA LEU A 113 3.82 19.61 -40.86
C LEU A 113 2.35 19.39 -41.20
N LEU A 114 1.49 20.34 -40.89
CA LEU A 114 0.06 20.32 -41.31
C LEU A 114 -0.03 20.22 -42.85
N THR A 115 0.82 20.95 -43.56
CA THR A 115 0.87 20.91 -45.05
C THR A 115 1.20 19.47 -45.48
N THR A 116 2.14 18.77 -44.80
CA THR A 116 2.54 17.39 -45.19
C THR A 116 1.34 16.43 -45.12
N ILE A 117 0.35 16.66 -44.27
CA ILE A 117 -0.75 15.65 -44.08
C ILE A 117 -2.02 16.12 -44.78
N GLY A 118 -2.05 17.35 -45.31
CA GLY A 118 -3.19 17.90 -46.05
C GLY A 118 -4.07 18.82 -45.20
N GLY A 119 -3.52 19.40 -44.13
CA GLY A 119 -4.13 20.52 -43.39
C GLY A 119 -4.93 20.07 -42.17
N PRO A 120 -5.53 21.04 -41.44
CA PRO A 120 -6.31 20.75 -40.23
C PRO A 120 -7.38 19.65 -40.37
N LYS A 121 -8.07 19.60 -41.51
CA LYS A 121 -9.21 18.67 -41.67
C LYS A 121 -8.70 17.22 -41.74
N GLU A 122 -7.44 17.02 -42.13
CA GLU A 122 -6.83 15.66 -42.20
C GLU A 122 -6.32 15.23 -40.80
N LEU A 123 -5.92 16.16 -39.94
CA LEU A 123 -5.65 15.85 -38.51
C LEU A 123 -6.95 15.41 -37.85
N THR A 124 -8.06 16.09 -38.15
CA THR A 124 -9.39 15.76 -37.58
C THR A 124 -9.81 14.35 -38.07
N ALA A 125 -9.49 13.99 -39.30
CA ALA A 125 -9.88 12.69 -39.90
C ALA A 125 -9.04 11.58 -39.25
N PHE A 126 -7.77 11.84 -38.98
CA PHE A 126 -6.86 10.94 -38.23
C PHE A 126 -7.50 10.62 -36.87
N LEU A 127 -7.90 11.66 -36.14
CA LEU A 127 -8.46 11.55 -34.77
C LEU A 127 -9.79 10.80 -34.83
N HIS A 128 -10.66 11.17 -35.78
CA HIS A 128 -11.98 10.51 -35.98
C HIS A 128 -11.77 9.00 -36.20
N ASN A 129 -10.75 8.62 -36.95
CA ASN A 129 -10.53 7.23 -37.42
C ASN A 129 -10.05 6.34 -36.27
N MET A 130 -9.37 6.90 -35.26
CA MET A 130 -8.88 6.14 -34.08
C MET A 130 -9.85 6.33 -32.89
N GLY A 131 -11.05 6.87 -33.11
CA GLY A 131 -12.14 6.80 -32.13
C GLY A 131 -12.37 8.09 -31.36
N ASP A 132 -11.60 9.16 -31.59
CA ASP A 132 -11.83 10.49 -30.97
C ASP A 132 -12.77 11.31 -31.86
N HIS A 133 -14.07 11.26 -31.57
CA HIS A 133 -15.15 11.92 -32.35
C HIS A 133 -15.38 13.35 -31.80
N VAL A 134 -14.51 13.86 -30.93
CA VAL A 134 -14.72 15.17 -30.25
C VAL A 134 -13.64 16.18 -30.63
N THR A 135 -12.36 15.84 -30.47
CA THR A 135 -11.21 16.74 -30.74
C THR A 135 -11.23 17.14 -32.23
N ARG A 136 -10.94 18.41 -32.54
CA ARG A 136 -11.00 18.92 -33.94
C ARG A 136 -10.07 20.13 -34.11
N LEU A 137 -9.25 20.12 -35.17
CA LEU A 137 -8.48 21.29 -35.60
C LEU A 137 -9.14 21.82 -36.88
N ASP A 138 -9.30 23.14 -36.98
CA ASP A 138 -10.03 23.82 -38.07
C ASP A 138 -9.15 24.87 -38.73
N ARG A 139 -8.18 25.43 -38.02
CA ARG A 139 -7.35 26.56 -38.51
C ARG A 139 -5.86 26.27 -38.27
N TRP A 140 -5.02 27.15 -38.81
CA TRP A 140 -3.54 27.05 -38.77
C TRP A 140 -3.01 27.98 -37.69
N GLU A 141 -1.71 27.98 -37.44
CA GLU A 141 -1.06 29.01 -36.60
C GLU A 141 -0.98 30.32 -37.40
N PRO A 142 -1.27 31.50 -36.82
CA PRO A 142 -1.63 31.66 -35.40
C PRO A 142 -3.11 31.74 -35.00
N GLU A 143 -4.06 31.59 -35.94
CA GLU A 143 -5.46 31.98 -35.64
C GLU A 143 -6.23 30.83 -34.97
N LEU A 144 -5.64 29.64 -34.80
CA LEU A 144 -6.29 28.53 -34.05
C LEU A 144 -6.28 28.83 -32.53
N ASN A 145 -5.67 29.94 -32.10
CA ASN A 145 -5.52 30.34 -30.68
C ASN A 145 -6.54 31.42 -30.27
N GLU A 146 -7.53 31.73 -31.11
CA GLU A 146 -8.43 32.92 -30.96
C GLU A 146 -9.33 32.76 -29.72
N ALA A 147 -9.79 31.54 -29.43
CA ALA A 147 -10.52 31.15 -28.21
C ALA A 147 -11.79 32.00 -28.04
N ILE A 148 -12.53 32.26 -29.12
CA ILE A 148 -13.86 32.95 -29.03
C ILE A 148 -14.75 32.08 -28.14
N PRO A 149 -15.45 32.66 -27.13
CA PRO A 149 -16.35 31.87 -26.29
C PRO A 149 -17.42 31.13 -27.11
N ASN A 150 -17.60 29.83 -26.80
CA ASN A 150 -18.66 28.93 -27.36
C ASN A 150 -18.33 28.53 -28.81
N ASP A 151 -17.18 28.97 -29.34
CA ASP A 151 -16.66 28.57 -30.68
C ASP A 151 -15.99 27.20 -30.50
N GLU A 152 -16.50 26.17 -31.18
CA GLU A 152 -16.06 24.76 -31.03
C GLU A 152 -14.88 24.47 -31.96
N ARG A 153 -14.44 25.43 -32.78
CA ARG A 153 -13.22 25.29 -33.62
C ARG A 153 -11.98 25.14 -32.72
N ASP A 154 -11.07 24.26 -33.09
CA ASP A 154 -9.71 24.14 -32.48
C ASP A 154 -9.83 23.80 -30.98
N THR A 155 -10.79 22.95 -30.63
CA THR A 155 -11.16 22.57 -29.26
C THR A 155 -11.10 21.06 -29.06
N THR A 156 -10.95 20.67 -27.79
CA THR A 156 -11.08 19.29 -27.28
C THR A 156 -11.84 19.37 -25.95
N MET A 157 -12.14 18.22 -25.37
CA MET A 157 -12.56 18.07 -23.95
C MET A 157 -11.39 17.43 -23.20
N PRO A 158 -11.19 17.72 -21.89
CA PRO A 158 -10.13 17.05 -21.12
C PRO A 158 -10.15 15.53 -21.26
N ALA A 159 -11.32 14.89 -21.16
CA ALA A 159 -11.48 13.42 -21.20
C ALA A 159 -11.09 12.89 -22.56
N ALA A 160 -11.44 13.59 -23.65
CA ALA A 160 -11.12 13.17 -25.03
C ALA A 160 -9.61 13.26 -25.26
N MET A 161 -9.01 14.40 -24.90
CA MET A 161 -7.55 14.66 -25.08
C MET A 161 -6.75 13.62 -24.28
N ALA A 162 -7.18 13.27 -23.07
CA ALA A 162 -6.46 12.32 -22.18
C ALA A 162 -6.52 10.93 -22.78
N THR A 163 -7.70 10.48 -23.23
CA THR A 163 -7.88 9.15 -23.87
C THR A 163 -7.02 9.07 -25.14
N THR A 164 -6.95 10.14 -25.92
CA THR A 164 -6.23 10.15 -27.22
C THR A 164 -4.73 10.06 -26.93
N LEU A 165 -4.22 10.89 -26.02
CA LEU A 165 -2.79 10.88 -25.62
C LEU A 165 -2.41 9.49 -25.15
N ARG A 166 -3.25 8.84 -24.36
CA ARG A 166 -2.95 7.48 -23.84
C ARG A 166 -2.82 6.49 -25.00
N LYS A 167 -3.71 6.59 -26.00
CA LYS A 167 -3.73 5.66 -27.16
C LYS A 167 -2.49 5.87 -28.05
N LEU A 168 -1.96 7.10 -28.14
CA LEU A 168 -0.75 7.41 -28.93
C LEU A 168 0.51 6.92 -28.22
N LEU A 169 0.58 7.03 -26.89
CA LEU A 169 1.80 6.70 -26.10
C LEU A 169 1.86 5.21 -25.76
N THR A 170 0.73 4.49 -25.70
CA THR A 170 0.71 3.07 -25.24
C THR A 170 -0.14 2.10 -26.05
N GLY A 171 -0.94 2.52 -27.01
CA GLY A 171 -1.73 1.52 -27.79
C GLY A 171 -0.86 0.68 -28.73
N GLU A 172 -1.50 -0.08 -29.62
CA GLU A 172 -0.89 -0.60 -30.88
C GLU A 172 -1.12 0.39 -32.05
N LEU A 173 -1.57 1.61 -31.77
CA LEU A 173 -1.91 2.64 -32.80
C LEU A 173 -0.65 3.08 -33.56
N LEU A 174 0.41 3.44 -32.84
CA LEU A 174 1.77 3.63 -33.40
C LEU A 174 2.61 2.39 -33.10
N THR A 175 3.67 2.14 -33.88
CA THR A 175 4.69 1.10 -33.59
C THR A 175 5.49 1.49 -32.34
N LEU A 176 6.21 0.52 -31.78
CA LEU A 176 7.05 0.70 -30.56
C LEU A 176 8.04 1.86 -30.77
N ALA A 177 8.71 1.93 -31.93
CA ALA A 177 9.75 2.93 -32.22
C ALA A 177 9.15 4.34 -32.30
N SER A 178 7.93 4.46 -32.85
CA SER A 178 7.19 5.74 -33.03
C SER A 178 6.62 6.23 -31.69
N ARG A 179 6.04 5.34 -30.88
CA ARG A 179 5.65 5.63 -29.48
C ARG A 179 6.82 6.29 -28.75
N GLN A 180 7.98 5.64 -28.81
CA GLN A 180 9.21 6.08 -28.10
C GLN A 180 9.59 7.47 -28.62
N GLN A 181 9.52 7.69 -29.94
CA GLN A 181 9.95 8.97 -30.54
C GLN A 181 9.01 10.09 -30.05
N LEU A 182 7.70 9.83 -29.97
CA LEU A 182 6.71 10.87 -29.58
C LEU A 182 6.95 11.26 -28.12
N ILE A 183 7.00 10.27 -27.22
CA ILE A 183 7.25 10.54 -25.77
C ILE A 183 8.64 11.19 -25.62
N ASP A 184 9.63 10.83 -26.45
CA ASP A 184 10.99 11.42 -26.41
C ASP A 184 10.94 12.92 -26.73
N TRP A 185 10.19 13.32 -27.76
CA TRP A 185 10.00 14.75 -28.13
C TRP A 185 9.33 15.50 -26.96
N MET A 186 8.34 14.88 -26.31
CA MET A 186 7.60 15.50 -25.19
C MET A 186 8.51 15.61 -23.94
N GLU A 187 9.46 14.70 -23.77
CA GLU A 187 10.33 14.63 -22.56
C GLU A 187 11.48 15.65 -22.67
N ALA A 188 11.92 16.02 -23.88
CA ALA A 188 13.14 16.81 -24.13
C ALA A 188 13.15 18.09 -23.28
N ASP A 189 14.35 18.51 -22.86
CA ASP A 189 14.67 19.75 -22.10
C ASP A 189 14.17 21.00 -22.84
N LYS A 190 13.42 21.84 -22.12
CA LYS A 190 13.04 23.23 -22.52
C LYS A 190 13.76 24.22 -21.59
N VAL A 191 13.98 25.46 -22.06
CA VAL A 191 14.65 26.58 -21.32
C VAL A 191 13.92 26.82 -19.98
N ALA A 192 12.57 26.86 -20.00
CA ALA A 192 11.74 27.12 -18.80
C ALA A 192 10.44 26.31 -18.85
N GLY A 193 10.06 25.72 -17.69
CA GLY A 193 8.74 25.10 -17.45
C GLY A 193 8.16 25.61 -16.13
N PRO A 194 7.30 26.65 -16.15
CA PRO A 194 6.65 27.15 -14.94
C PRO A 194 5.36 26.40 -14.60
N LEU A 195 4.99 25.34 -15.34
CA LEU A 195 3.76 24.57 -15.09
C LEU A 195 4.07 23.33 -14.22
N LEU A 196 3.84 22.11 -14.70
CA LEU A 196 3.99 20.86 -13.91
C LEU A 196 5.47 20.59 -13.60
N ARG A 197 6.41 20.98 -14.46
CA ARG A 197 7.86 20.71 -14.27
C ARG A 197 8.44 21.43 -13.05
N SER A 198 7.83 22.55 -12.62
CA SER A 198 8.28 23.38 -11.45
C SER A 198 7.91 22.69 -10.13
N ALA A 199 6.87 21.85 -10.15
CA ALA A 199 6.32 21.12 -8.99
C ALA A 199 6.82 19.68 -8.96
N LEU A 200 7.62 19.29 -9.96
CA LEU A 200 8.04 17.89 -10.16
C LEU A 200 9.39 17.68 -9.50
N PRO A 201 9.50 16.70 -8.58
CA PRO A 201 10.77 16.46 -7.90
C PRO A 201 11.72 15.64 -8.77
N ALA A 202 12.99 15.64 -8.39
CA ALA A 202 14.04 14.80 -9.01
C ALA A 202 13.59 13.34 -8.91
N GLY A 203 13.90 12.56 -9.93
CA GLY A 203 13.57 11.13 -9.99
C GLY A 203 12.24 10.87 -10.69
N TRP A 204 11.38 11.87 -10.78
CA TRP A 204 10.11 11.74 -11.53
C TRP A 204 10.33 11.94 -13.03
N PHE A 205 9.62 11.16 -13.83
CA PHE A 205 9.49 11.27 -15.30
C PHE A 205 8.35 12.24 -15.63
N ILE A 206 8.62 13.20 -16.51
CA ILE A 206 7.54 14.00 -17.14
C ILE A 206 7.81 14.14 -18.64
N ALA A 207 6.79 13.85 -19.44
CA ALA A 207 6.71 14.15 -20.88
C ALA A 207 5.44 14.96 -21.10
N ASP A 208 5.59 16.21 -21.53
CA ASP A 208 4.47 17.17 -21.56
C ASP A 208 4.50 18.07 -22.79
N LYS A 209 3.41 18.79 -22.99
CA LYS A 209 3.26 19.87 -23.99
C LYS A 209 2.31 20.92 -23.41
N SER A 210 2.78 22.16 -23.32
CA SER A 210 2.03 23.31 -22.78
C SER A 210 1.34 24.09 -23.91
N GLY A 211 0.40 24.94 -23.53
CA GLY A 211 -0.47 25.73 -24.42
C GLY A 211 -0.82 27.07 -23.82
N ALA A 212 -0.77 28.13 -24.65
CA ALA A 212 -1.25 29.49 -24.34
C ALA A 212 -1.99 30.03 -25.57
N GLY A 213 -3.04 30.80 -25.35
CA GLY A 213 -3.81 31.46 -26.42
C GLY A 213 -4.36 32.80 -25.98
N GLU A 214 -5.32 33.30 -26.75
CA GLU A 214 -5.99 34.58 -26.49
C GLU A 214 -6.97 34.38 -25.34
N ARG A 215 -7.42 35.48 -24.74
CA ARG A 215 -8.49 35.49 -23.70
C ARG A 215 -8.09 34.57 -22.54
N GLY A 216 -6.83 34.66 -22.10
CA GLY A 216 -6.30 33.98 -20.90
C GLY A 216 -6.32 32.48 -21.01
N SER A 217 -6.30 31.96 -22.24
CA SER A 217 -6.20 30.51 -22.55
C SER A 217 -4.84 29.98 -22.09
N ARG A 218 -4.85 28.83 -21.42
CA ARG A 218 -3.66 28.16 -20.86
C ARG A 218 -3.96 26.68 -20.64
N GLY A 219 -2.97 25.83 -20.87
CA GLY A 219 -3.18 24.38 -20.76
C GLY A 219 -1.90 23.60 -20.75
N ILE A 220 -2.03 22.30 -20.47
CA ILE A 220 -0.90 21.34 -20.52
C ILE A 220 -1.46 19.93 -20.57
N ILE A 221 -0.83 19.08 -21.36
CA ILE A 221 -1.05 17.60 -21.40
C ILE A 221 0.27 16.96 -20.96
N ALA A 222 0.22 15.88 -20.19
CA ALA A 222 1.44 15.26 -19.60
C ALA A 222 1.23 13.77 -19.35
N ALA A 223 2.27 12.97 -19.62
CA ALA A 223 2.48 11.64 -19.04
C ALA A 223 3.59 11.79 -17.98
N LEU A 224 3.33 11.38 -16.74
CA LEU A 224 4.30 11.57 -15.64
C LEU A 224 4.14 10.45 -14.60
N GLY A 225 5.18 10.22 -13.83
CA GLY A 225 5.13 9.32 -12.65
C GLY A 225 6.43 9.30 -11.86
N PRO A 226 6.45 8.63 -10.70
CA PRO A 226 7.66 8.49 -9.91
C PRO A 226 8.57 7.40 -10.51
N ASP A 227 9.78 7.26 -9.98
CA ASP A 227 10.71 6.13 -10.25
C ASP A 227 11.16 6.14 -11.72
N GLY A 228 11.22 7.32 -12.34
CA GLY A 228 11.73 7.55 -13.70
C GLY A 228 10.88 6.95 -14.79
N LYS A 229 9.61 6.62 -14.54
CA LYS A 229 8.64 6.04 -15.53
C LYS A 229 7.30 6.79 -15.46
N PRO A 230 6.59 6.98 -16.59
CA PRO A 230 5.24 7.51 -16.55
C PRO A 230 4.25 6.45 -16.09
N SER A 231 3.24 6.82 -15.29
CA SER A 231 2.14 5.92 -14.87
C SER A 231 0.77 6.63 -14.89
N ARG A 232 0.72 7.95 -15.14
CA ARG A 232 -0.56 8.69 -15.29
C ARG A 232 -0.51 9.71 -16.42
N ILE A 233 -1.67 9.95 -17.04
CA ILE A 233 -1.93 11.10 -17.93
C ILE A 233 -2.65 12.17 -17.12
N VAL A 234 -2.23 13.42 -17.28
CA VAL A 234 -2.85 14.62 -16.67
C VAL A 234 -3.12 15.65 -17.77
N VAL A 235 -4.37 16.14 -17.85
CA VAL A 235 -4.77 17.20 -18.82
C VAL A 235 -5.42 18.32 -18.02
N ILE A 236 -4.89 19.54 -18.16
CA ILE A 236 -5.41 20.79 -17.53
C ILE A 236 -5.62 21.87 -18.62
N TYR A 237 -6.81 22.44 -18.70
CA TYR A 237 -7.17 23.57 -19.61
C TYR A 237 -7.91 24.65 -18.81
N THR A 238 -7.67 25.92 -19.16
CA THR A 238 -8.46 27.07 -18.71
C THR A 238 -8.62 28.06 -19.88
N THR A 239 -9.76 28.74 -19.94
CA THR A 239 -9.97 29.87 -20.89
C THR A 239 -10.90 30.89 -20.24
N GLY A 240 -10.69 32.19 -20.53
CA GLY A 240 -11.57 33.29 -20.10
C GLY A 240 -10.96 34.22 -19.08
N SER A 241 -9.90 33.83 -18.38
CA SER A 241 -9.30 34.64 -17.28
C SER A 241 -8.70 35.92 -17.83
N GLN A 242 -8.77 37.01 -17.07
CA GLN A 242 -8.12 38.31 -17.37
C GLN A 242 -6.80 38.42 -16.58
N ALA A 243 -6.40 37.36 -15.87
CA ALA A 243 -5.21 37.32 -14.98
C ALA A 243 -3.94 37.26 -15.82
N THR A 244 -2.83 37.80 -15.28
CA THR A 244 -1.48 37.80 -15.93
C THR A 244 -1.06 36.36 -16.27
N MET A 245 -0.10 36.21 -17.18
CA MET A 245 0.49 34.89 -17.50
C MET A 245 1.11 34.29 -16.22
N ASP A 246 1.81 35.11 -15.41
CA ASP A 246 2.42 34.67 -14.12
C ASP A 246 1.36 34.05 -13.22
N GLU A 247 0.18 34.68 -13.11
CA GLU A 247 -0.93 34.24 -12.21
C GLU A 247 -1.51 32.91 -12.73
N ARG A 248 -1.61 32.73 -14.05
CA ARG A 248 -2.19 31.50 -14.65
C ARG A 248 -1.20 30.32 -14.47
N ASN A 249 0.08 30.58 -14.70
CA ASN A 249 1.20 29.63 -14.46
C ASN A 249 1.13 29.15 -12.99
N ARG A 250 1.08 30.08 -12.04
CA ARG A 250 1.10 29.79 -10.58
C ARG A 250 -0.07 28.87 -10.21
N GLN A 251 -1.25 29.06 -10.79
CA GLN A 251 -2.45 28.26 -10.44
C GLN A 251 -2.28 26.83 -10.95
N ILE A 252 -1.73 26.65 -12.15
CA ILE A 252 -1.55 25.31 -12.76
C ILE A 252 -0.44 24.57 -11.99
N ALA A 253 0.65 25.27 -11.65
CA ALA A 253 1.75 24.75 -10.83
C ALA A 253 1.21 24.21 -9.50
N GLU A 254 0.31 24.97 -8.86
CA GLU A 254 -0.29 24.60 -7.55
C GLU A 254 -1.20 23.38 -7.71
N ILE A 255 -1.85 23.20 -8.85
CA ILE A 255 -2.64 21.96 -9.12
C ILE A 255 -1.65 20.79 -9.21
N GLY A 256 -0.54 20.98 -9.91
CA GLY A 256 0.56 20.00 -10.02
C GLY A 256 1.10 19.62 -8.65
N ALA A 257 1.48 20.59 -7.82
CA ALA A 257 2.00 20.36 -6.44
C ALA A 257 1.03 19.44 -5.67
N SER A 258 -0.29 19.67 -5.79
CA SER A 258 -1.36 18.92 -5.07
C SER A 258 -1.46 17.49 -5.64
N LEU A 259 -1.40 17.35 -6.95
CA LEU A 259 -1.42 16.05 -7.67
C LEU A 259 -0.29 15.15 -7.15
N ILE A 260 0.92 15.72 -7.03
CA ILE A 260 2.19 15.04 -6.61
C ILE A 260 2.07 14.67 -5.13
N LYS A 261 1.68 15.63 -4.29
CA LYS A 261 1.57 15.48 -2.82
C LYS A 261 0.63 14.32 -2.46
N HIS A 262 -0.48 14.17 -3.19
CA HIS A 262 -1.55 13.20 -2.88
C HIS A 262 -1.54 12.06 -3.91
N TRP A 263 -0.40 11.81 -4.57
CA TRP A 263 -0.24 10.74 -5.57
C TRP A 263 -0.82 9.42 -5.02
N HIS B 1 -23.61 -31.21 -10.66
CA HIS B 1 -23.89 -31.24 -9.19
C HIS B 1 -24.79 -30.06 -8.83
N PRO B 2 -25.76 -30.23 -7.90
CA PRO B 2 -26.67 -29.14 -7.52
C PRO B 2 -26.03 -27.78 -7.19
N GLU B 3 -24.82 -27.76 -6.62
CA GLU B 3 -24.14 -26.50 -6.20
C GLU B 3 -23.63 -25.73 -7.43
N THR B 4 -23.40 -26.43 -8.54
CA THR B 4 -22.96 -25.83 -9.82
C THR B 4 -24.18 -25.12 -10.46
N LEU B 5 -25.33 -25.77 -10.40
CA LEU B 5 -26.65 -25.20 -10.80
C LEU B 5 -26.92 -23.91 -10.02
N VAL B 6 -26.66 -23.88 -8.71
CA VAL B 6 -26.83 -22.67 -7.85
C VAL B 6 -25.93 -21.54 -8.41
N LYS B 7 -24.71 -21.86 -8.83
CA LYS B 7 -23.75 -20.84 -9.33
C LYS B 7 -24.16 -20.37 -10.74
N VAL B 8 -24.70 -21.27 -11.57
CA VAL B 8 -25.20 -20.88 -12.93
C VAL B 8 -26.30 -19.83 -12.74
N LYS B 9 -27.23 -20.08 -11.83
CA LYS B 9 -28.37 -19.16 -11.54
C LYS B 9 -27.86 -17.84 -10.95
N ASP B 10 -26.83 -17.90 -10.12
CA ASP B 10 -26.21 -16.67 -9.57
C ASP B 10 -25.58 -15.88 -10.71
N ALA B 11 -24.99 -16.55 -11.70
CA ALA B 11 -24.36 -15.91 -12.87
C ALA B 11 -25.42 -15.13 -13.64
N GLU B 12 -26.62 -15.72 -13.83
CA GLU B 12 -27.78 -15.02 -14.46
C GLU B 12 -28.05 -13.70 -13.72
N ASP B 13 -28.12 -13.73 -12.38
CA ASP B 13 -28.45 -12.54 -11.55
C ASP B 13 -27.38 -11.46 -11.73
N GLN B 14 -26.10 -11.84 -11.72
CA GLN B 14 -24.94 -10.91 -11.81
C GLN B 14 -24.84 -10.29 -13.21
N LEU B 15 -25.12 -11.07 -14.26
CA LEU B 15 -25.02 -10.61 -15.67
C LEU B 15 -26.32 -9.93 -16.13
N GLY B 16 -27.46 -10.21 -15.47
CA GLY B 16 -28.79 -9.80 -15.96
C GLY B 16 -29.05 -10.33 -17.37
N ALA B 17 -28.78 -11.62 -17.57
CA ALA B 17 -28.88 -12.31 -18.88
C ALA B 17 -29.02 -13.81 -18.67
N ARG B 18 -29.52 -14.51 -19.69
CA ARG B 18 -29.67 -15.98 -19.68
C ARG B 18 -28.29 -16.63 -19.79
N VAL B 19 -28.12 -17.79 -19.12
CA VAL B 19 -26.90 -18.64 -19.23
C VAL B 19 -27.38 -20.05 -19.54
N GLY B 20 -26.84 -20.66 -20.60
CA GLY B 20 -27.08 -22.07 -20.96
C GLY B 20 -25.88 -22.90 -20.56
N TYR B 21 -26.11 -24.11 -20.02
CA TYR B 21 -25.07 -24.97 -19.42
C TYR B 21 -25.41 -26.44 -19.64
N ILE B 22 -24.43 -27.28 -19.96
CA ILE B 22 -24.61 -28.76 -19.97
C ILE B 22 -23.26 -29.43 -19.72
N GLU B 23 -23.26 -30.49 -18.90
CA GLU B 23 -22.16 -31.46 -18.69
C GLU B 23 -22.58 -32.81 -19.30
N LEU B 24 -21.82 -33.36 -20.24
CA LEU B 24 -21.97 -34.77 -20.71
C LEU B 24 -20.81 -35.61 -20.18
N ASP B 25 -21.10 -36.87 -19.83
CA ASP B 25 -20.08 -37.94 -19.74
C ASP B 25 -19.56 -38.18 -21.16
N LEU B 26 -18.24 -38.11 -21.37
CA LEU B 26 -17.61 -38.20 -22.71
C LEU B 26 -17.77 -39.63 -23.25
N ASN B 27 -17.72 -40.63 -22.38
CA ASN B 27 -17.70 -42.06 -22.79
C ASN B 27 -19.13 -42.49 -23.14
N SER B 28 -20.12 -42.21 -22.27
CA SER B 28 -21.51 -42.75 -22.36
C SER B 28 -22.47 -41.76 -23.03
N GLY B 29 -22.21 -40.46 -22.99
CA GLY B 29 -23.08 -39.42 -23.59
C GLY B 29 -24.15 -38.92 -22.63
N LYS B 30 -24.27 -39.56 -21.46
CA LYS B 30 -25.31 -39.25 -20.44
C LYS B 30 -25.15 -37.80 -19.93
N ILE B 31 -26.27 -37.08 -19.79
CA ILE B 31 -26.33 -35.69 -19.27
C ILE B 31 -26.17 -35.74 -17.75
N LEU B 32 -25.19 -35.02 -17.19
CA LEU B 32 -24.88 -35.03 -15.75
C LEU B 32 -25.50 -33.80 -15.08
N GLU B 33 -25.57 -32.69 -15.80
CA GLU B 33 -26.17 -31.42 -15.29
C GLU B 33 -26.55 -30.54 -16.48
N SER B 34 -27.66 -29.78 -16.38
CA SER B 34 -28.14 -28.88 -17.45
C SER B 34 -28.88 -27.68 -16.86
N PHE B 35 -28.84 -26.58 -17.60
CA PHE B 35 -29.67 -25.38 -17.37
C PHE B 35 -29.90 -24.71 -18.73
N ARG B 36 -31.16 -24.53 -19.09
CA ARG B 36 -31.61 -24.05 -20.43
C ARG B 36 -30.94 -24.87 -21.52
N PRO B 37 -30.93 -26.22 -21.43
CA PRO B 37 -30.24 -27.08 -22.39
C PRO B 37 -30.75 -26.91 -23.84
N GLU B 38 -32.03 -26.57 -24.03
CA GLU B 38 -32.68 -26.53 -25.36
C GLU B 38 -33.11 -25.11 -25.75
N GLU B 39 -32.51 -24.08 -25.16
CA GLU B 39 -32.66 -22.67 -25.60
C GLU B 39 -31.51 -22.32 -26.55
N ARG B 40 -31.73 -21.39 -27.47
CA ARG B 40 -30.76 -21.06 -28.54
C ARG B 40 -29.87 -19.91 -28.07
N PHE B 41 -28.59 -19.97 -28.43
CA PHE B 41 -27.58 -18.91 -28.17
C PHE B 41 -26.70 -18.77 -29.41
N PRO B 42 -26.15 -17.57 -29.67
CA PRO B 42 -25.13 -17.40 -30.69
C PRO B 42 -23.89 -18.27 -30.42
N MET B 43 -23.41 -19.01 -31.41
CA MET B 43 -22.19 -19.86 -31.29
C MET B 43 -20.94 -18.98 -31.20
N MET B 44 -20.93 -17.84 -31.90
CA MET B 44 -19.69 -17.02 -32.09
C MET B 44 -18.58 -17.96 -32.60
N SER B 45 -17.30 -17.71 -32.26
CA SER B 45 -16.14 -18.52 -32.76
C SER B 45 -16.20 -19.99 -32.33
N THR B 46 -17.15 -20.42 -31.49
CA THR B 46 -17.22 -21.87 -31.13
C THR B 46 -17.54 -22.71 -32.37
N PHE B 47 -18.13 -22.14 -33.42
CA PHE B 47 -18.44 -22.87 -34.68
C PHE B 47 -17.14 -23.38 -35.35
N LYS B 48 -16.00 -22.70 -35.16
CA LYS B 48 -14.74 -23.05 -35.87
C LYS B 48 -14.32 -24.50 -35.61
N VAL B 49 -14.72 -25.10 -34.50
CA VAL B 49 -14.44 -26.54 -34.22
C VAL B 49 -15.31 -27.41 -35.12
N LEU B 50 -16.58 -27.05 -35.29
CA LEU B 50 -17.52 -27.77 -36.19
C LEU B 50 -17.00 -27.69 -37.64
N LEU B 51 -16.46 -26.53 -38.03
CA LEU B 51 -15.93 -26.27 -39.40
C LEU B 51 -14.78 -27.24 -39.68
N CYS B 52 -13.80 -27.31 -38.79
CA CYS B 52 -12.61 -28.18 -38.97
C CYS B 52 -13.02 -29.65 -38.85
N GLY B 53 -14.11 -29.96 -38.14
CA GLY B 53 -14.71 -31.31 -38.14
C GLY B 53 -15.23 -31.68 -39.51
N ALA B 54 -15.89 -30.75 -40.20
CA ALA B 54 -16.40 -30.92 -41.57
C ALA B 54 -15.21 -31.12 -42.53
N VAL B 55 -14.14 -30.34 -42.35
CA VAL B 55 -12.93 -30.40 -43.20
C VAL B 55 -12.27 -31.78 -43.04
N LEU B 56 -12.09 -32.24 -41.79
CA LEU B 56 -11.47 -33.56 -41.51
C LEU B 56 -12.34 -34.66 -42.11
N SER B 57 -13.67 -34.53 -42.06
CA SER B 57 -14.60 -35.53 -42.66
C SER B 57 -14.33 -35.69 -44.17
N ARG B 58 -14.03 -34.58 -44.86
CA ARG B 58 -13.68 -34.58 -46.29
C ARG B 58 -12.26 -35.16 -46.48
N ILE B 59 -11.33 -34.90 -45.57
CA ILE B 59 -9.98 -35.51 -45.68
C ILE B 59 -10.15 -37.04 -45.59
N ASP B 60 -10.97 -37.52 -44.66
CA ASP B 60 -11.24 -38.96 -44.45
C ASP B 60 -11.85 -39.57 -45.73
N ALA B 61 -12.64 -38.81 -46.49
CA ALA B 61 -13.37 -39.32 -47.68
C ALA B 61 -12.56 -39.16 -48.97
N GLY B 62 -11.34 -38.60 -48.90
CA GLY B 62 -10.44 -38.36 -50.05
C GLY B 62 -10.90 -37.20 -50.91
N GLN B 63 -11.38 -36.11 -50.30
CA GLN B 63 -11.96 -34.93 -50.97
C GLN B 63 -11.21 -33.65 -50.57
N GLU B 64 -10.17 -33.82 -49.77
CA GLU B 64 -9.35 -32.72 -49.21
C GLU B 64 -8.07 -33.32 -48.61
N GLN B 65 -7.02 -32.52 -48.48
CA GLN B 65 -5.71 -32.94 -47.90
C GLN B 65 -5.22 -31.88 -46.92
N LEU B 66 -4.77 -32.30 -45.75
CA LEU B 66 -4.13 -31.44 -44.72
C LEU B 66 -3.01 -30.62 -45.39
N GLY B 67 -2.28 -31.17 -46.34
CA GLY B 67 -1.08 -30.53 -46.94
C GLY B 67 -1.40 -29.62 -48.11
N ARG B 68 -2.66 -29.51 -48.57
CA ARG B 68 -2.99 -28.64 -49.73
C ARG B 68 -2.75 -27.18 -49.34
N ARG B 69 -2.00 -26.44 -50.15
CA ARG B 69 -1.66 -25.01 -49.92
C ARG B 69 -2.68 -24.12 -50.62
N ILE B 70 -3.21 -23.12 -49.92
CA ILE B 70 -4.24 -22.19 -50.44
C ILE B 70 -3.64 -20.78 -50.46
N HIS B 71 -3.73 -20.12 -51.61
CA HIS B 71 -3.25 -18.73 -51.82
C HIS B 71 -4.47 -17.80 -51.77
N TYR B 72 -4.31 -16.62 -51.18
CA TYR B 72 -5.38 -15.61 -51.01
C TYR B 72 -4.72 -14.24 -51.20
N SER B 73 -5.50 -13.16 -51.14
CA SER B 73 -5.01 -11.78 -51.39
C SER B 73 -5.46 -10.84 -50.25
N GLN B 74 -4.94 -9.59 -50.27
CA GLN B 74 -5.29 -8.50 -49.32
C GLN B 74 -6.81 -8.46 -49.12
N ASN B 75 -7.58 -8.64 -50.19
CA ASN B 75 -9.05 -8.37 -50.20
C ASN B 75 -9.80 -9.53 -49.50
N ASP B 76 -9.14 -10.63 -49.16
CA ASP B 76 -9.74 -11.75 -48.38
C ASP B 76 -9.62 -11.50 -46.86
N LEU B 77 -8.69 -10.64 -46.44
CA LEU B 77 -8.37 -10.39 -45.00
C LEU B 77 -9.53 -9.62 -44.36
N VAL B 78 -10.09 -10.15 -43.28
CA VAL B 78 -11.09 -9.45 -42.43
C VAL B 78 -10.44 -9.13 -41.08
N GLU B 79 -11.16 -8.46 -40.16
CA GLU B 79 -10.60 -8.01 -38.87
C GLU B 79 -10.22 -9.24 -38.02
N TYR B 80 -9.09 -9.12 -37.32
CA TYR B 80 -8.40 -10.13 -36.48
C TYR B 80 -8.00 -11.36 -37.32
N SER B 81 -6.84 -11.22 -37.96
CA SER B 81 -6.21 -12.22 -38.86
C SER B 81 -4.72 -12.27 -38.55
N PRO B 82 -4.35 -12.60 -37.30
CA PRO B 82 -2.96 -12.50 -36.84
C PRO B 82 -1.99 -13.45 -37.57
N VAL B 83 -2.47 -14.60 -38.04
CA VAL B 83 -1.66 -15.59 -38.81
C VAL B 83 -1.81 -15.29 -40.31
N THR B 84 -3.03 -15.25 -40.85
CA THR B 84 -3.28 -15.12 -42.31
C THR B 84 -2.68 -13.83 -42.88
N GLU B 85 -2.65 -12.73 -42.12
CA GLU B 85 -2.11 -11.43 -42.60
C GLU B 85 -0.59 -11.53 -42.85
N LYS B 86 0.09 -12.57 -42.33
CA LYS B 86 1.57 -12.73 -42.45
C LYS B 86 1.94 -13.62 -43.65
N HIS B 87 0.98 -14.23 -44.34
CA HIS B 87 1.24 -15.27 -45.37
C HIS B 87 0.56 -14.89 -46.70
N LEU B 88 0.55 -13.59 -47.06
CA LEU B 88 -0.01 -13.12 -48.34
C LEU B 88 0.78 -13.75 -49.50
N THR B 89 2.12 -13.76 -49.44
CA THR B 89 2.98 -14.13 -50.60
C THR B 89 3.12 -15.66 -50.72
N ASP B 90 3.13 -16.42 -49.62
CA ASP B 90 3.47 -17.87 -49.66
C ASP B 90 2.23 -18.74 -49.42
N GLY B 91 1.12 -18.18 -48.93
CA GLY B 91 -0.13 -18.92 -48.67
C GLY B 91 -0.05 -19.77 -47.42
N MET B 92 -1.05 -20.62 -47.17
CA MET B 92 -1.13 -21.50 -45.98
C MET B 92 -1.77 -22.85 -46.36
N THR B 93 -1.37 -23.93 -45.70
CA THR B 93 -1.95 -25.28 -45.87
C THR B 93 -3.28 -25.37 -45.13
N VAL B 94 -4.12 -26.33 -45.47
CA VAL B 94 -5.41 -26.58 -44.77
C VAL B 94 -5.10 -26.82 -43.28
N ARG B 95 -4.08 -27.64 -43.01
CA ARG B 95 -3.57 -27.95 -41.65
C ARG B 95 -3.32 -26.63 -40.88
N GLU B 96 -2.56 -25.70 -41.48
CA GLU B 96 -2.19 -24.40 -40.86
C GLU B 96 -3.43 -23.53 -40.66
N LEU B 97 -4.42 -23.61 -41.56
CA LEU B 97 -5.63 -22.74 -41.49
C LEU B 97 -6.51 -23.21 -40.34
N CYS B 98 -6.70 -24.51 -40.17
CA CYS B 98 -7.47 -25.08 -39.04
C CYS B 98 -6.76 -24.74 -37.70
N SER B 99 -5.44 -24.87 -37.63
CA SER B 99 -4.64 -24.47 -36.44
C SER B 99 -4.89 -22.98 -36.14
N ALA B 100 -4.83 -22.12 -37.15
CA ALA B 100 -4.97 -20.66 -36.98
C ALA B 100 -6.42 -20.33 -36.60
N ALA B 101 -7.40 -21.04 -37.14
CA ALA B 101 -8.83 -20.77 -36.84
C ALA B 101 -9.12 -21.16 -35.39
N ILE B 102 -8.75 -22.38 -34.98
CA ILE B 102 -9.12 -22.90 -33.64
C ILE B 102 -8.19 -22.27 -32.58
N THR B 103 -6.88 -22.37 -32.73
CA THR B 103 -5.89 -21.95 -31.70
C THR B 103 -5.79 -20.42 -31.63
N MET B 104 -5.65 -19.70 -32.75
CA MET B 104 -5.36 -18.23 -32.76
C MET B 104 -6.64 -17.43 -33.06
N SER B 105 -7.78 -18.10 -33.17
CA SER B 105 -9.08 -17.55 -33.64
C SER B 105 -8.88 -16.54 -34.79
N ASP B 106 -8.21 -16.97 -35.87
CA ASP B 106 -7.99 -16.18 -37.10
C ASP B 106 -9.29 -16.19 -37.91
N ASN B 107 -9.88 -15.02 -38.17
CA ASN B 107 -11.20 -14.90 -38.86
C ASN B 107 -11.07 -15.17 -40.36
N THR B 108 -10.05 -14.60 -41.02
CA THR B 108 -9.78 -14.86 -42.46
C THR B 108 -9.61 -16.37 -42.65
N ALA B 109 -8.91 -17.04 -41.72
CA ALA B 109 -8.64 -18.49 -41.82
C ALA B 109 -9.98 -19.25 -41.84
N ALA B 110 -10.91 -18.89 -40.97
CA ALA B 110 -12.25 -19.52 -40.91
C ALA B 110 -12.99 -19.29 -42.24
N ASN B 111 -12.91 -18.09 -42.81
CA ASN B 111 -13.61 -17.75 -44.08
C ASN B 111 -13.01 -18.60 -45.23
N LEU B 112 -11.69 -18.70 -45.33
CA LEU B 112 -10.99 -19.51 -46.38
C LEU B 112 -11.43 -20.97 -46.28
N LEU B 113 -11.60 -21.50 -45.07
CA LEU B 113 -11.97 -22.92 -44.83
C LEU B 113 -13.45 -23.12 -45.20
N LEU B 114 -14.31 -22.17 -44.86
CA LEU B 114 -15.73 -22.17 -45.27
C LEU B 114 -15.80 -22.22 -46.80
N THR B 115 -14.96 -21.46 -47.50
CA THR B 115 -14.91 -21.43 -48.99
C THR B 115 -14.60 -22.85 -49.48
N THR B 116 -13.67 -23.59 -48.84
CA THR B 116 -13.27 -24.96 -49.30
C THR B 116 -14.47 -25.91 -49.26
N ILE B 117 -15.46 -25.72 -48.40
CA ILE B 117 -16.55 -26.73 -48.24
C ILE B 117 -17.84 -26.22 -48.90
N GLY B 118 -17.86 -24.97 -49.37
CA GLY B 118 -18.99 -24.36 -50.10
C GLY B 118 -19.85 -23.47 -49.22
N GLY B 119 -19.30 -22.94 -48.13
CA GLY B 119 -19.90 -21.84 -47.35
C GLY B 119 -20.72 -22.33 -46.15
N PRO B 120 -21.33 -21.38 -45.39
CA PRO B 120 -22.13 -21.72 -44.22
C PRO B 120 -23.20 -22.80 -44.42
N LYS B 121 -23.88 -22.82 -45.57
CA LYS B 121 -25.02 -23.74 -45.79
C LYS B 121 -24.51 -25.18 -45.88
N GLU B 122 -23.25 -25.38 -46.26
CA GLU B 122 -22.66 -26.74 -46.38
C GLU B 122 -22.16 -27.23 -45.02
N LEU B 123 -21.74 -26.33 -44.11
CA LEU B 123 -21.48 -26.70 -42.69
C LEU B 123 -22.79 -27.16 -42.06
N THR B 124 -23.89 -26.46 -42.32
CA THR B 124 -25.23 -26.81 -41.78
C THR B 124 -25.66 -28.18 -42.31
N ALA B 125 -25.33 -28.50 -43.57
CA ALA B 125 -25.74 -29.77 -44.21
C ALA B 125 -24.93 -30.92 -43.61
N PHE B 126 -23.64 -30.68 -43.33
CA PHE B 126 -22.75 -31.63 -42.62
C PHE B 126 -23.38 -31.99 -41.27
N LEU B 127 -23.77 -30.98 -40.49
CA LEU B 127 -24.34 -31.14 -39.13
C LEU B 127 -25.68 -31.88 -39.23
N HIS B 128 -26.55 -31.46 -40.16
CA HIS B 128 -27.87 -32.09 -40.38
C HIS B 128 -27.69 -33.60 -40.66
N ASN B 129 -26.66 -33.95 -41.42
CA ASN B 129 -26.46 -35.32 -41.96
C ASN B 129 -25.98 -36.27 -40.85
N MET B 130 -25.30 -35.76 -39.82
CA MET B 130 -24.82 -36.58 -38.66
C MET B 130 -25.79 -36.43 -37.48
N GLY B 131 -26.98 -35.87 -37.69
CA GLY B 131 -28.10 -35.98 -36.73
C GLY B 131 -28.32 -34.73 -35.88
N ASP B 132 -27.51 -33.66 -36.05
CA ASP B 132 -27.73 -32.34 -35.38
C ASP B 132 -28.67 -31.49 -36.25
N HIS B 133 -29.96 -31.54 -35.95
CA HIS B 133 -31.06 -30.87 -36.69
C HIS B 133 -31.24 -29.43 -36.18
N VAL B 134 -30.37 -28.94 -35.29
CA VAL B 134 -30.60 -27.67 -34.54
C VAL B 134 -29.51 -26.65 -34.86
N THR B 135 -28.23 -27.00 -34.70
CA THR B 135 -27.08 -26.09 -34.93
C THR B 135 -27.10 -25.63 -36.39
N ARG B 136 -26.81 -24.36 -36.66
CA ARG B 136 -26.84 -23.78 -38.04
C ARG B 136 -25.91 -22.58 -38.15
N LEU B 137 -25.07 -22.56 -39.18
CA LEU B 137 -24.30 -21.35 -39.59
C LEU B 137 -24.98 -20.78 -40.84
N ASP B 138 -25.14 -19.46 -40.88
CA ASP B 138 -25.87 -18.74 -41.95
C ASP B 138 -25.00 -17.67 -42.58
N ARG B 139 -24.02 -17.13 -41.83
CA ARG B 139 -23.19 -15.98 -42.28
C ARG B 139 -21.70 -16.28 -42.06
N TRP B 140 -20.84 -15.40 -42.55
CA TRP B 140 -19.37 -15.51 -42.52
C TRP B 140 -18.84 -14.62 -41.40
N GLU B 141 -17.53 -14.62 -41.15
CA GLU B 141 -16.88 -13.62 -40.27
C GLU B 141 -16.82 -12.30 -41.04
N PRO B 142 -17.12 -11.13 -40.41
CA PRO B 142 -17.47 -11.03 -38.99
C PRO B 142 -18.96 -10.98 -38.59
N GLU B 143 -19.90 -11.07 -39.53
CA GLU B 143 -21.30 -10.68 -39.23
C GLU B 143 -22.09 -11.84 -38.59
N LEU B 144 -21.51 -13.03 -38.46
CA LEU B 144 -22.17 -14.17 -37.75
C LEU B 144 -22.19 -13.92 -36.22
N ASN B 145 -21.58 -12.82 -35.74
CA ASN B 145 -21.43 -12.48 -34.31
C ASN B 145 -22.47 -11.42 -33.86
N GLU B 146 -23.46 -11.09 -34.70
CA GLU B 146 -24.36 -9.93 -34.49
C GLU B 146 -25.30 -10.15 -33.29
N ALA B 147 -25.74 -11.40 -33.07
CA ALA B 147 -26.49 -11.84 -31.87
C ALA B 147 -27.76 -11.02 -31.67
N ILE B 148 -28.52 -10.71 -32.73
CA ILE B 148 -29.84 -10.03 -32.58
C ILE B 148 -30.73 -10.93 -31.72
N PRO B 149 -31.43 -10.40 -30.69
CA PRO B 149 -32.31 -11.25 -29.86
C PRO B 149 -33.39 -11.97 -30.69
N ASN B 150 -33.56 -13.27 -30.46
CA ASN B 150 -34.59 -14.18 -31.06
C ASN B 150 -34.28 -14.47 -32.54
N ASP B 151 -33.15 -13.97 -33.06
CA ASP B 151 -32.62 -14.32 -34.41
C ASP B 151 -31.94 -15.69 -34.31
N GLU B 152 -32.45 -16.68 -35.05
CA GLU B 152 -32.00 -18.10 -34.95
C GLU B 152 -30.80 -18.33 -35.87
N ARG B 153 -30.36 -17.33 -36.64
CA ARG B 153 -29.14 -17.44 -37.48
C ARG B 153 -27.90 -17.62 -36.58
N ASP B 154 -26.98 -18.49 -36.97
CA ASP B 154 -25.63 -18.63 -36.35
C ASP B 154 -25.77 -19.02 -34.88
N THR B 155 -26.73 -19.90 -34.58
CA THR B 155 -27.10 -20.34 -33.20
C THR B 155 -27.05 -21.86 -33.06
N THR B 156 -26.90 -22.31 -31.82
CA THR B 156 -27.02 -23.71 -31.36
C THR B 156 -27.80 -23.72 -30.05
N MET B 157 -28.10 -24.90 -29.53
CA MET B 157 -28.54 -25.12 -28.13
C MET B 157 -27.38 -25.79 -27.39
N PRO B 158 -27.18 -25.55 -26.07
CA PRO B 158 -26.12 -26.24 -25.32
C PRO B 158 -26.13 -27.77 -25.52
N ALA B 159 -27.30 -28.41 -25.46
CA ALA B 159 -27.48 -29.88 -25.57
C ALA B 159 -27.05 -30.36 -26.96
N ALA B 160 -27.38 -29.60 -28.00
CA ALA B 160 -27.06 -29.94 -29.40
C ALA B 160 -25.54 -29.84 -29.60
N MET B 161 -24.95 -28.71 -29.19
CA MET B 161 -23.49 -28.44 -29.34
C MET B 161 -22.69 -29.51 -28.60
N ALA B 162 -23.13 -29.92 -27.41
CA ALA B 162 -22.40 -30.89 -26.56
C ALA B 162 -22.43 -32.27 -27.22
N THR B 163 -23.61 -32.70 -27.69
CA THR B 163 -23.79 -34.00 -28.38
C THR B 163 -22.92 -34.03 -29.65
N THR B 164 -22.86 -32.92 -30.39
CA THR B 164 -22.12 -32.84 -31.69
C THR B 164 -20.63 -32.95 -31.40
N LEU B 165 -20.13 -32.15 -30.46
CA LEU B 165 -18.69 -32.17 -30.06
C LEU B 165 -18.30 -33.58 -29.63
N ARG B 166 -19.14 -34.26 -28.87
CA ARG B 166 -18.87 -35.64 -28.40
C ARG B 166 -18.73 -36.58 -29.59
N LYS B 167 -19.58 -36.44 -30.60
CA LYS B 167 -19.60 -37.34 -31.78
C LYS B 167 -18.36 -37.10 -32.65
N LEU B 168 -17.84 -35.87 -32.69
CA LEU B 168 -16.61 -35.52 -33.46
C LEU B 168 -15.35 -36.04 -32.73
N LEU B 169 -15.31 -35.99 -31.39
CA LEU B 169 -14.10 -36.34 -30.59
C LEU B 169 -14.06 -37.86 -30.29
N THR B 170 -15.19 -38.56 -30.29
CA THR B 170 -15.29 -40.03 -29.98
C THR B 170 -16.25 -40.70 -30.99
N GLY B 171 -16.30 -42.02 -31.08
CA GLY B 171 -17.18 -42.69 -32.06
C GLY B 171 -16.66 -42.56 -33.49
N GLU B 172 -17.35 -43.16 -34.47
CA GLU B 172 -16.81 -43.53 -35.80
C GLU B 172 -17.07 -42.46 -36.88
N LEU B 173 -17.51 -41.26 -36.50
CA LEU B 173 -17.85 -40.17 -37.47
C LEU B 173 -16.59 -39.69 -38.20
N LEU B 174 -15.52 -39.36 -37.46
CA LEU B 174 -14.16 -39.16 -38.02
C LEU B 174 -13.32 -40.41 -37.77
N THR B 175 -12.24 -40.60 -38.53
CA THR B 175 -11.22 -41.66 -38.30
C THR B 175 -10.44 -41.34 -37.03
N LEU B 176 -9.73 -42.33 -36.49
CA LEU B 176 -8.90 -42.20 -35.26
C LEU B 176 -7.91 -41.04 -35.42
N ALA B 177 -7.23 -40.93 -36.58
CA ALA B 177 -6.18 -39.92 -36.84
C ALA B 177 -6.78 -38.51 -36.83
N SER B 178 -7.99 -38.35 -37.39
CA SER B 178 -8.74 -37.07 -37.52
C SER B 178 -9.32 -36.63 -36.15
N ARG B 179 -9.90 -37.56 -35.39
CA ARG B 179 -10.30 -37.33 -33.96
C ARG B 179 -9.13 -36.70 -33.21
N GLN B 180 -7.96 -37.35 -33.28
CA GLN B 180 -6.75 -36.94 -32.54
C GLN B 180 -6.36 -35.53 -32.99
N GLN B 181 -6.42 -35.26 -34.30
CA GLN B 181 -5.99 -33.95 -34.85
C GLN B 181 -6.91 -32.86 -34.32
N LEU B 182 -8.22 -33.12 -34.25
CA LEU B 182 -9.22 -32.09 -33.84
C LEU B 182 -8.99 -31.75 -32.36
N ILE B 183 -8.95 -32.77 -31.49
CA ILE B 183 -8.71 -32.55 -30.04
C ILE B 183 -7.32 -31.91 -29.84
N ASP B 184 -6.33 -32.25 -30.68
CA ASP B 184 -4.97 -31.67 -30.61
C ASP B 184 -5.01 -30.16 -30.88
N TRP B 185 -5.74 -29.72 -31.90
CA TRP B 185 -5.93 -28.28 -32.23
C TRP B 185 -6.61 -27.56 -31.03
N MET B 186 -7.60 -28.19 -30.41
CA MET B 186 -8.35 -27.61 -29.27
C MET B 186 -7.46 -27.52 -28.02
N GLU B 187 -6.51 -28.46 -27.86
CA GLU B 187 -5.65 -28.53 -26.66
C GLU B 187 -4.52 -27.49 -26.73
N ALA B 188 -4.06 -27.12 -27.94
CA ALA B 188 -2.86 -26.29 -28.15
C ALA B 188 -2.93 -25.01 -27.32
N ASP B 189 -1.75 -24.54 -26.86
CA ASP B 189 -1.55 -23.34 -25.98
C ASP B 189 -2.09 -22.07 -26.64
N LYS B 190 -2.90 -21.32 -25.88
CA LYS B 190 -3.40 -19.94 -26.16
C LYS B 190 -2.73 -18.97 -25.18
N VAL B 191 -2.53 -17.71 -25.60
CA VAL B 191 -1.70 -16.66 -24.92
C VAL B 191 -2.23 -16.44 -23.49
N ALA B 192 -3.57 -16.31 -23.36
CA ALA B 192 -4.32 -16.25 -22.10
C ALA B 192 -5.70 -16.93 -22.27
N GLY B 193 -6.16 -17.63 -21.23
CA GLY B 193 -7.49 -18.26 -21.10
C GLY B 193 -8.12 -17.83 -19.78
N PRO B 194 -9.01 -16.80 -19.79
CA PRO B 194 -9.66 -16.33 -18.58
C PRO B 194 -10.94 -17.10 -18.23
N LEU B 195 -11.29 -18.14 -18.99
CA LEU B 195 -12.51 -18.95 -18.77
C LEU B 195 -12.15 -20.22 -17.99
N LEU B 196 -12.35 -21.42 -18.51
CA LEU B 196 -12.17 -22.70 -17.77
C LEU B 196 -10.69 -22.95 -17.42
N ARG B 197 -9.74 -22.50 -18.27
CA ARG B 197 -8.28 -22.77 -18.08
C ARG B 197 -7.74 -22.09 -16.82
N SER B 198 -8.37 -20.98 -16.36
CA SER B 198 -7.97 -20.20 -15.16
C SER B 198 -8.36 -20.92 -13.86
N ALA B 199 -9.38 -21.80 -13.91
CA ALA B 199 -9.92 -22.60 -12.78
C ALA B 199 -9.36 -24.01 -12.80
N LEU B 200 -8.58 -24.36 -13.82
CA LEU B 200 -8.15 -25.76 -14.07
C LEU B 200 -6.79 -25.99 -13.41
N PRO B 201 -6.68 -27.01 -12.55
CA PRO B 201 -5.42 -27.30 -11.88
C PRO B 201 -4.43 -28.05 -12.77
N ALA B 202 -3.17 -28.04 -12.36
CA ALA B 202 -2.09 -28.88 -12.93
C ALA B 202 -2.54 -30.34 -12.94
N GLY B 203 -2.20 -31.07 -14.00
CA GLY B 203 -2.50 -32.50 -14.14
C GLY B 203 -3.80 -32.75 -14.89
N TRP B 204 -4.68 -31.75 -14.95
CA TRP B 204 -5.94 -31.85 -15.72
C TRP B 204 -5.70 -31.59 -17.20
N PHE B 205 -6.39 -32.34 -18.04
CA PHE B 205 -6.48 -32.16 -19.52
C PHE B 205 -7.62 -31.19 -19.82
N ILE B 206 -7.36 -30.19 -20.66
CA ILE B 206 -8.44 -29.37 -21.28
C ILE B 206 -8.16 -29.18 -22.76
N ALA B 207 -9.18 -29.44 -23.59
CA ALA B 207 -9.26 -29.09 -25.01
C ALA B 207 -10.53 -28.26 -25.19
N ASP B 208 -10.40 -26.99 -25.59
CA ASP B 208 -11.53 -26.04 -25.59
C ASP B 208 -11.51 -25.10 -26.81
N LYS B 209 -12.60 -24.36 -26.97
CA LYS B 209 -12.74 -23.24 -27.92
C LYS B 209 -13.70 -22.23 -27.30
N SER B 210 -13.26 -20.98 -27.18
CA SER B 210 -14.03 -19.88 -26.56
C SER B 210 -14.71 -19.04 -27.66
N GLY B 211 -15.66 -18.20 -27.25
CA GLY B 211 -16.50 -17.37 -28.13
C GLY B 211 -16.90 -16.06 -27.47
N ALA B 212 -16.85 -14.96 -28.23
CA ALA B 212 -17.36 -13.62 -27.87
C ALA B 212 -18.08 -13.02 -29.10
N GLY B 213 -19.16 -12.28 -28.86
CA GLY B 213 -19.92 -11.59 -29.91
C GLY B 213 -20.51 -10.28 -29.41
N GLU B 214 -21.44 -9.71 -30.18
CA GLU B 214 -22.13 -8.47 -29.84
C GLU B 214 -23.14 -8.75 -28.72
N ARG B 215 -23.62 -7.68 -28.06
CA ARG B 215 -24.71 -7.73 -27.05
C ARG B 215 -24.32 -8.71 -25.93
N GLY B 216 -23.07 -8.62 -25.47
CA GLY B 216 -22.56 -9.36 -24.29
C GLY B 216 -22.55 -10.87 -24.49
N SER B 217 -22.51 -11.31 -25.75
CA SER B 217 -22.36 -12.75 -26.13
C SER B 217 -20.99 -13.27 -25.67
N ARG B 218 -21.00 -14.46 -25.05
CA ARG B 218 -19.79 -15.12 -24.50
C ARG B 218 -20.07 -16.63 -24.35
N GLY B 219 -19.06 -17.45 -24.58
CA GLY B 219 -19.27 -18.91 -24.50
C GLY B 219 -17.97 -19.68 -24.52
N ILE B 220 -18.09 -20.99 -24.32
CA ILE B 220 -16.97 -21.94 -24.42
C ILE B 220 -17.51 -23.36 -24.54
N ILE B 221 -16.84 -24.17 -25.37
CA ILE B 221 -17.05 -25.64 -25.47
C ILE B 221 -15.73 -26.29 -25.04
N ALA B 222 -15.77 -27.43 -24.34
CA ALA B 222 -14.55 -28.05 -23.74
C ALA B 222 -14.75 -29.55 -23.55
N ALA B 223 -13.69 -30.32 -23.83
CA ALA B 223 -13.46 -31.69 -23.32
C ALA B 223 -12.38 -31.58 -22.24
N LEU B 224 -12.64 -32.05 -21.03
CA LEU B 224 -11.69 -31.90 -19.90
C LEU B 224 -11.86 -33.05 -18.91
N GLY B 225 -10.82 -33.30 -18.12
CA GLY B 225 -10.88 -34.27 -17.00
C GLY B 225 -9.59 -34.31 -16.19
N PRO B 226 -9.59 -35.02 -15.05
CA PRO B 226 -8.37 -35.20 -14.27
C PRO B 226 -7.46 -36.27 -14.90
N ASP B 227 -6.25 -36.44 -14.37
CA ASP B 227 -5.30 -37.54 -14.71
C ASP B 227 -4.85 -37.43 -16.18
N GLY B 228 -4.80 -36.22 -16.73
CA GLY B 228 -4.24 -35.93 -18.07
C GLY B 228 -5.08 -36.48 -19.22
N LYS B 229 -6.36 -36.83 -18.98
CA LYS B 229 -7.31 -37.38 -19.98
C LYS B 229 -8.65 -36.65 -19.88
N PRO B 230 -9.36 -36.41 -21.01
CA PRO B 230 -10.72 -35.88 -20.96
C PRO B 230 -11.69 -36.99 -20.56
N SER B 231 -12.71 -36.65 -19.76
CA SER B 231 -13.82 -37.58 -19.41
C SER B 231 -15.18 -36.87 -19.41
N ARG B 232 -15.24 -35.55 -19.60
CA ARG B 232 -16.52 -34.80 -19.75
C ARG B 232 -16.47 -33.75 -20.85
N ILE B 233 -17.63 -33.50 -21.47
CA ILE B 233 -17.90 -32.31 -22.30
C ILE B 233 -18.63 -31.28 -21.43
N VAL B 234 -18.23 -30.02 -21.54
CA VAL B 234 -18.89 -28.85 -20.92
C VAL B 234 -19.16 -27.78 -21.98
N VAL B 235 -20.40 -27.30 -22.03
CA VAL B 235 -20.81 -26.19 -22.94
C VAL B 235 -21.46 -25.10 -22.09
N ILE B 236 -20.95 -23.87 -22.18
CA ILE B 236 -21.51 -22.65 -21.52
C ILE B 236 -21.72 -21.54 -22.56
N TYR B 237 -22.93 -20.98 -22.63
CA TYR B 237 -23.27 -19.80 -23.47
C TYR B 237 -24.02 -18.78 -22.63
N THR B 238 -23.79 -17.49 -22.91
CA THR B 238 -24.61 -16.35 -22.41
C THR B 238 -24.76 -15.32 -23.54
N THR B 239 -25.90 -14.63 -23.60
CA THR B 239 -26.13 -13.47 -24.50
C THR B 239 -27.10 -12.51 -23.82
N GLY B 240 -26.92 -11.20 -24.05
CA GLY B 240 -27.85 -10.15 -23.61
C GLY B 240 -27.28 -9.23 -22.54
N SER B 241 -26.24 -9.64 -21.79
CA SER B 241 -25.70 -8.85 -20.65
C SER B 241 -25.07 -7.56 -21.16
N GLN B 242 -25.17 -6.48 -20.37
CA GLN B 242 -24.49 -5.19 -20.63
C GLN B 242 -23.22 -5.09 -19.79
N ALA B 243 -22.83 -6.17 -19.11
CA ALA B 243 -21.64 -6.26 -18.22
C ALA B 243 -20.36 -6.28 -19.06
N THR B 244 -19.27 -5.75 -18.49
CA THR B 244 -17.91 -5.71 -19.11
C THR B 244 -17.47 -7.13 -19.47
N MET B 245 -16.48 -7.24 -20.36
CA MET B 245 -15.86 -8.53 -20.74
C MET B 245 -15.26 -9.17 -19.46
N ASP B 246 -14.60 -8.39 -18.60
CA ASP B 246 -14.01 -8.87 -17.32
C ASP B 246 -15.09 -9.54 -16.47
N GLU B 247 -16.28 -8.93 -16.37
CA GLU B 247 -17.39 -9.42 -15.51
C GLU B 247 -17.95 -10.72 -16.09
N ARG B 248 -18.02 -10.85 -17.41
CA ARG B 248 -18.58 -12.07 -18.08
C ARG B 248 -17.58 -13.23 -17.94
N ASN B 249 -16.29 -12.94 -18.14
CA ASN B 249 -15.17 -13.90 -17.93
C ASN B 249 -15.26 -14.45 -16.50
N ARG B 250 -15.32 -13.57 -15.50
CA ARG B 250 -15.31 -13.93 -14.05
C ARG B 250 -16.49 -14.87 -13.74
N GLN B 251 -17.67 -14.66 -14.33
CA GLN B 251 -18.87 -15.48 -14.02
C GLN B 251 -18.68 -16.89 -14.61
N ILE B 252 -18.10 -17.00 -15.81
CA ILE B 252 -17.89 -18.32 -16.47
C ILE B 252 -16.79 -19.07 -15.72
N ALA B 253 -15.70 -18.39 -15.35
CA ALA B 253 -14.58 -18.94 -14.55
C ALA B 253 -15.14 -19.54 -13.23
N GLU B 254 -16.05 -18.82 -12.57
CA GLU B 254 -16.66 -19.25 -11.28
C GLU B 254 -17.56 -20.48 -11.50
N ILE B 255 -18.20 -20.61 -12.66
CA ILE B 255 -18.97 -21.84 -12.99
C ILE B 255 -17.97 -23.00 -13.13
N GLY B 256 -16.85 -22.75 -13.82
CA GLY B 256 -15.74 -23.71 -13.96
C GLY B 256 -15.19 -24.15 -12.61
N ALA B 257 -14.83 -23.21 -11.73
CA ALA B 257 -14.33 -23.50 -10.35
C ALA B 257 -15.29 -24.49 -9.65
N SER B 258 -16.61 -24.27 -9.76
CA SER B 258 -17.66 -25.07 -9.09
C SER B 258 -17.76 -26.47 -9.71
N LEU B 259 -17.69 -26.54 -11.04
CA LEU B 259 -17.68 -27.81 -11.81
C LEU B 259 -16.55 -28.72 -11.31
N ILE B 260 -15.34 -28.15 -11.16
CA ILE B 260 -14.07 -28.83 -10.76
C ILE B 260 -14.19 -29.26 -9.29
N LYS B 261 -14.58 -28.34 -8.43
CA LYS B 261 -14.70 -28.54 -6.96
C LYS B 261 -15.64 -29.73 -6.66
N HIS B 262 -16.74 -29.85 -7.40
CA HIS B 262 -17.80 -30.87 -7.15
C HIS B 262 -17.76 -31.98 -8.21
N TRP B 263 -16.61 -32.17 -8.88
CA TRP B 263 -16.40 -33.20 -9.93
C TRP B 263 -16.98 -34.54 -9.45
N HIS C 1 38.74 10.82 24.50
CA HIS C 1 39.70 10.66 25.67
C HIS C 1 41.02 10.17 25.11
N PRO C 2 42.17 10.68 25.60
CA PRO C 2 43.49 10.28 25.08
C PRO C 2 43.73 8.76 24.93
N GLU C 3 43.15 7.93 25.81
CA GLU C 3 43.42 6.47 25.82
C GLU C 3 42.66 5.82 24.65
N THR C 4 41.58 6.44 24.16
CA THR C 4 40.79 5.95 23.00
C THR C 4 41.59 6.24 21.72
N LEU C 5 42.20 7.42 21.64
CA LEU C 5 43.16 7.81 20.56
C LEU C 5 44.31 6.79 20.51
N VAL C 6 44.87 6.36 21.64
CA VAL C 6 45.95 5.35 21.71
C VAL C 6 45.44 4.06 21.07
N LYS C 7 44.19 3.66 21.33
CA LYS C 7 43.63 2.39 20.80
C LYS C 7 43.33 2.53 19.29
N VAL C 8 42.88 3.69 18.83
CA VAL C 8 42.67 3.94 17.38
C VAL C 8 43.99 3.71 16.63
N LYS C 9 45.08 4.29 17.14
CA LYS C 9 46.41 4.18 16.53
C LYS C 9 46.91 2.73 16.61
N ASP C 10 46.60 2.03 17.69
CA ASP C 10 46.97 0.60 17.83
C ASP C 10 46.20 -0.20 16.78
N ALA C 11 44.96 0.17 16.50
CA ALA C 11 44.11 -0.51 15.49
C ALA C 11 44.77 -0.36 14.10
N GLU C 12 45.31 0.82 13.78
CA GLU C 12 46.09 1.04 12.53
C GLU C 12 47.23 0.03 12.45
N ASP C 13 48.00 -0.15 13.52
CA ASP C 13 49.17 -1.06 13.57
C ASP C 13 48.74 -2.50 13.32
N GLN C 14 47.66 -2.94 13.99
CA GLN C 14 47.14 -4.33 13.94
C GLN C 14 46.55 -4.63 12.55
N LEU C 15 45.85 -3.68 11.93
CA LEU C 15 45.19 -3.85 10.61
C LEU C 15 46.16 -3.55 9.46
N GLY C 16 47.24 -2.80 9.69
CA GLY C 16 48.14 -2.33 8.62
C GLY C 16 47.38 -1.50 7.60
N ALA C 17 46.58 -0.56 8.09
CA ALA C 17 45.65 0.29 7.32
C ALA C 17 45.32 1.56 8.10
N ARG C 18 44.83 2.59 7.41
CA ARG C 18 44.38 3.86 8.03
C ARG C 18 43.05 3.61 8.76
N VAL C 19 42.83 4.32 9.87
CA VAL C 19 41.56 4.35 10.62
C VAL C 19 41.19 5.82 10.82
N GLY C 20 39.98 6.20 10.44
CA GLY C 20 39.41 7.53 10.70
C GLY C 20 38.43 7.44 11.84
N TYR C 21 38.42 8.43 12.73
CA TYR C 21 37.63 8.41 13.98
C TYR C 21 37.22 9.83 14.35
N ILE C 22 35.98 10.03 14.79
CA ILE C 22 35.56 11.32 15.42
C ILE C 22 34.43 11.06 16.39
N GLU C 23 34.47 11.72 17.56
CA GLU C 23 33.38 11.84 18.57
C GLU C 23 32.86 13.28 18.54
N LEU C 24 31.57 13.49 18.29
CA LEU C 24 30.87 14.80 18.50
C LEU C 24 29.98 14.73 19.74
N ASP C 25 29.92 15.80 20.51
CA ASP C 25 28.80 16.12 21.43
C ASP C 25 27.53 16.29 20.57
N LEU C 26 26.46 15.55 20.86
CA LEU C 26 25.22 15.54 20.05
C LEU C 26 24.50 16.89 20.16
N ASN C 27 24.56 17.52 21.33
CA ASN C 27 23.80 18.77 21.62
C ASN C 27 24.52 19.96 20.97
N SER C 28 25.84 20.09 21.17
CA SER C 28 26.63 21.31 20.83
C SER C 28 27.37 21.15 19.49
N GLY C 29 27.68 19.94 19.06
CA GLY C 29 28.42 19.66 17.81
C GLY C 29 29.93 19.67 18.00
N LYS C 30 30.39 20.03 19.21
CA LYS C 30 31.83 20.18 19.55
C LYS C 30 32.55 18.83 19.39
N ILE C 31 33.74 18.85 18.78
CA ILE C 31 34.59 17.65 18.55
C ILE C 31 35.27 17.30 19.87
N LEU C 32 35.10 16.06 20.34
CA LEU C 32 35.65 15.59 21.64
C LEU C 32 36.94 14.82 21.41
N GLU C 33 37.04 14.12 20.28
CA GLU C 33 38.22 13.31 19.89
C GLU C 33 38.21 13.09 18.38
N SER C 34 39.37 13.10 17.73
CA SER C 34 39.49 12.90 16.26
C SER C 34 40.83 12.24 15.92
N PHE C 35 40.82 11.51 14.82
CA PHE C 35 42.03 10.99 14.14
C PHE C 35 41.69 10.84 12.65
N ARG C 36 42.51 11.48 11.81
CA ARG C 36 42.30 11.61 10.34
C ARG C 36 40.88 12.10 10.09
N PRO C 37 40.40 13.16 10.78
CA PRO C 37 39.03 13.63 10.64
C PRO C 37 38.66 14.06 9.22
N GLU C 38 39.64 14.55 8.43
CA GLU C 38 39.37 15.13 7.08
C GLU C 38 40.05 14.30 5.97
N GLU C 39 40.31 13.02 6.20
CA GLU C 39 40.73 12.06 5.14
C GLU C 39 39.50 11.30 4.65
N ARG C 40 39.53 10.85 3.40
CA ARG C 40 38.38 10.20 2.74
C ARG C 40 38.44 8.70 2.95
N PHE C 41 37.27 8.09 3.16
CA PHE C 41 37.08 6.62 3.27
C PHE C 41 35.81 6.23 2.53
N PRO C 42 35.75 5.00 1.99
CA PRO C 42 34.51 4.48 1.42
C PRO C 42 33.40 4.41 2.48
N MET C 43 32.21 4.94 2.16
CA MET C 43 31.05 4.89 3.09
C MET C 43 30.53 3.46 3.24
N MET C 44 30.57 2.67 2.18
CA MET C 44 29.89 1.35 2.13
C MET C 44 28.42 1.56 2.55
N SER C 45 27.76 0.58 3.20
CA SER C 45 26.31 0.67 3.56
C SER C 45 26.02 1.81 4.55
N THR C 46 27.01 2.55 5.06
CA THR C 46 26.70 3.68 5.98
C THR C 46 25.94 4.78 5.20
N PHE C 47 26.04 4.83 3.87
CA PHE C 47 25.32 5.83 3.03
C PHE C 47 23.80 5.63 3.17
N LYS C 48 23.32 4.41 3.43
CA LYS C 48 21.87 4.09 3.48
C LYS C 48 21.13 4.98 4.50
N VAL C 49 21.78 5.49 5.53
CA VAL C 49 21.16 6.44 6.49
C VAL C 49 20.96 7.80 5.81
N LEU C 50 21.95 8.26 5.04
CA LEU C 50 21.85 9.52 4.26
C LEU C 50 20.72 9.40 3.22
N LEU C 51 20.59 8.24 2.59
CA LEU C 51 19.57 7.94 1.55
C LEU C 51 18.17 8.11 2.15
N CYS C 52 17.91 7.45 3.28
CA CYS C 52 16.58 7.50 3.94
C CYS C 52 16.33 8.90 4.52
N GLY C 53 17.39 9.65 4.83
CA GLY C 53 17.28 11.08 5.20
C GLY C 53 16.77 11.90 4.04
N ALA C 54 17.28 11.65 2.84
CA ALA C 54 16.85 12.31 1.59
C ALA C 54 15.38 11.95 1.30
N VAL C 55 15.01 10.69 1.51
CA VAL C 55 13.63 10.20 1.25
C VAL C 55 12.67 10.90 2.22
N LEU C 56 13.02 10.95 3.52
CA LEU C 56 12.15 11.61 4.53
C LEU C 56 12.05 13.11 4.21
N SER C 57 13.11 13.74 3.72
CA SER C 57 13.10 15.17 3.33
C SER C 57 12.03 15.42 2.25
N ARG C 58 11.90 14.49 1.30
CA ARG C 58 10.88 14.55 0.24
C ARG C 58 9.49 14.28 0.84
N ILE C 59 9.37 13.37 1.80
CA ILE C 59 8.05 13.13 2.45
C ILE C 59 7.62 14.43 3.14
N ASP C 60 8.53 15.10 3.84
CA ASP C 60 8.27 16.38 4.54
C ASP C 60 7.80 17.45 3.55
N ALA C 61 8.30 17.44 2.31
CA ALA C 61 8.04 18.47 1.29
C ALA C 61 6.81 18.12 0.42
N GLY C 62 6.15 16.97 0.66
CA GLY C 62 4.98 16.50 -0.12
C GLY C 62 5.37 16.00 -1.50
N GLN C 63 6.47 15.26 -1.62
CA GLN C 63 7.04 14.75 -2.89
C GLN C 63 7.20 13.23 -2.83
N GLU C 64 6.76 12.63 -1.73
CA GLU C 64 6.86 11.16 -1.47
C GLU C 64 5.96 10.84 -0.28
N GLN C 65 5.55 9.57 -0.16
CA GLN C 65 4.73 9.04 0.95
C GLN C 65 5.33 7.73 1.47
N LEU C 66 5.42 7.60 2.80
CA LEU C 66 5.84 6.36 3.50
C LEU C 66 5.02 5.18 2.98
N GLY C 67 3.74 5.39 2.68
CA GLY C 67 2.79 4.32 2.34
C GLY C 67 2.78 3.97 0.86
N ARG C 68 3.55 4.64 -0.01
CA ARG C 68 3.53 4.31 -1.45
C ARG C 68 4.14 2.91 -1.65
N ARG C 69 3.44 2.04 -2.37
CA ARG C 69 3.85 0.65 -2.66
C ARG C 69 4.59 0.63 -4.00
N ILE C 70 5.75 -0.01 -4.04
CA ILE C 70 6.63 -0.09 -5.26
C ILE C 70 6.73 -1.56 -5.67
N HIS C 71 6.46 -1.85 -6.92
CA HIS C 71 6.57 -3.19 -7.54
C HIS C 71 7.88 -3.24 -8.34
N TYR C 72 8.58 -4.37 -8.30
CA TYR C 72 9.91 -4.55 -8.95
C TYR C 72 9.95 -5.99 -9.48
N SER C 73 11.05 -6.41 -10.10
CA SER C 73 11.15 -7.73 -10.77
C SER C 73 12.43 -8.44 -10.33
N GLN C 74 12.54 -9.73 -10.68
CA GLN C 74 13.74 -10.60 -10.49
C GLN C 74 15.01 -9.84 -10.89
N ASN C 75 14.93 -9.09 -11.97
CA ASN C 75 15.97 -8.32 -12.70
C ASN C 75 16.55 -7.21 -11.82
N ASP C 76 15.81 -6.74 -10.80
CA ASP C 76 16.25 -5.64 -9.88
C ASP C 76 17.07 -6.20 -8.71
N LEU C 77 16.93 -7.49 -8.40
CA LEU C 77 17.54 -8.15 -7.22
C LEU C 77 19.06 -8.23 -7.40
N VAL C 78 19.83 -7.68 -6.46
CA VAL C 78 21.31 -7.82 -6.43
C VAL C 78 21.68 -8.68 -5.21
N GLU C 79 22.96 -8.94 -4.98
CA GLU C 79 23.42 -9.82 -3.87
C GLU C 79 23.05 -9.19 -2.53
N TYR C 80 22.63 -10.05 -1.60
CA TYR C 80 22.15 -9.77 -0.22
C TYR C 80 20.90 -8.89 -0.25
N SER C 81 19.77 -9.56 -0.43
CA SER C 81 18.42 -8.96 -0.54
C SER C 81 17.45 -9.81 0.26
N PRO C 82 17.69 -9.97 1.58
CA PRO C 82 16.94 -10.93 2.40
C PRO C 82 15.44 -10.58 2.56
N VAL C 83 15.08 -9.29 2.48
CA VAL C 83 13.65 -8.84 2.53
C VAL C 83 13.09 -8.73 1.10
N THR C 84 13.74 -7.97 0.21
CA THR C 84 13.21 -7.67 -1.15
C THR C 84 13.00 -8.96 -1.98
N GLU C 85 13.83 -9.98 -1.80
CA GLU C 85 13.70 -11.25 -2.58
C GLU C 85 12.40 -11.99 -2.22
N LYS C 86 11.74 -11.64 -1.12
CA LYS C 86 10.53 -12.32 -0.62
C LYS C 86 9.25 -11.62 -1.09
N HIS C 87 9.34 -10.45 -1.75
CA HIS C 87 8.17 -9.60 -2.08
C HIS C 87 8.13 -9.28 -3.59
N LEU C 88 8.48 -10.24 -4.43
CA LEU C 88 8.43 -10.04 -5.90
C LEU C 88 6.99 -9.81 -6.35
N THR C 89 6.03 -10.59 -5.87
CA THR C 89 4.63 -10.57 -6.38
C THR C 89 3.82 -9.43 -5.74
N ASP C 90 4.07 -9.04 -4.49
CA ASP C 90 3.19 -8.05 -3.78
C ASP C 90 3.88 -6.67 -3.64
N GLY C 91 5.19 -6.59 -3.85
CA GLY C 91 5.96 -5.32 -3.73
C GLY C 91 6.20 -4.92 -2.29
N MET C 92 6.71 -3.70 -2.07
CA MET C 92 7.04 -3.16 -0.73
C MET C 92 6.74 -1.64 -0.68
N THR C 93 6.39 -1.12 0.49
CA THR C 93 6.16 0.33 0.70
C THR C 93 7.51 1.02 0.88
N VAL C 94 7.56 2.34 0.68
CA VAL C 94 8.80 3.15 0.91
C VAL C 94 9.24 2.91 2.36
N ARG C 95 8.30 2.98 3.31
CA ARG C 95 8.50 2.70 4.75
C ARG C 95 9.26 1.38 4.93
N GLU C 96 8.77 0.29 4.31
CA GLU C 96 9.34 -1.07 4.42
C GLU C 96 10.72 -1.12 3.77
N LEU C 97 10.96 -0.36 2.70
CA LEU C 97 12.26 -0.37 1.96
C LEU C 97 13.33 0.30 2.82
N CYS C 98 13.03 1.43 3.44
CA CYS C 98 13.97 2.12 4.36
C CYS C 98 14.28 1.22 5.58
N SER C 99 13.28 0.56 6.17
CA SER C 99 13.51 -0.41 7.27
C SER C 99 14.45 -1.52 6.78
N ALA C 100 14.20 -2.07 5.59
CA ALA C 100 15.01 -3.18 5.03
C ALA C 100 16.42 -2.70 4.70
N ALA C 101 16.57 -1.48 4.21
CA ALA C 101 17.91 -0.93 3.86
C ALA C 101 18.73 -0.73 5.14
N ILE C 102 18.18 -0.03 6.11
CA ILE C 102 18.94 0.38 7.33
C ILE C 102 19.07 -0.83 8.27
N THR C 103 17.97 -1.46 8.67
CA THR C 103 17.95 -2.54 9.69
C THR C 103 18.52 -3.85 9.12
N MET C 104 18.11 -4.31 7.93
CA MET C 104 18.46 -5.65 7.38
C MET C 104 19.56 -5.55 6.32
N SER C 105 20.11 -4.35 6.13
CA SER C 105 21.07 -3.95 5.05
C SER C 105 20.74 -4.66 3.73
N ASP C 106 19.51 -4.50 3.24
CA ASP C 106 19.03 -5.05 1.95
C ASP C 106 19.57 -4.14 0.84
N ASN C 107 20.34 -4.71 -0.08
CA ASN C 107 21.01 -3.95 -1.18
C ASN C 107 20.00 -3.56 -2.28
N THR C 108 19.13 -4.48 -2.70
CA THR C 108 18.06 -4.19 -3.67
C THR C 108 17.20 -3.04 -3.13
N ALA C 109 16.91 -3.05 -1.83
CA ALA C 109 16.07 -2.02 -1.18
C ALA C 109 16.73 -0.66 -1.35
N ALA C 110 18.03 -0.55 -1.12
CA ALA C 110 18.79 0.72 -1.29
C ALA C 110 18.72 1.17 -2.75
N ASN C 111 18.82 0.25 -3.71
CA ASN C 111 18.80 0.60 -5.17
C ASN C 111 17.40 1.14 -5.52
N LEU C 112 16.32 0.49 -5.08
CA LEU C 112 14.92 0.91 -5.34
C LEU C 112 14.71 2.33 -4.78
N LEU C 113 15.26 2.63 -3.61
CA LEU C 113 15.11 3.96 -2.96
C LEU C 113 15.91 5.02 -3.70
N LEU C 114 17.11 4.68 -4.15
CA LEU C 114 17.94 5.58 -5.02
C LEU C 114 17.14 5.92 -6.30
N THR C 115 16.43 4.94 -6.88
CA THR C 115 15.61 5.14 -8.09
C THR C 115 14.54 6.18 -7.76
N THR C 116 13.90 6.13 -6.58
CA THR C 116 12.82 7.09 -6.20
C THR C 116 13.34 8.53 -6.21
N ILE C 117 14.61 8.80 -5.97
CA ILE C 117 15.09 10.20 -5.81
C ILE C 117 15.87 10.64 -7.04
N GLY C 118 16.13 9.73 -7.99
CA GLY C 118 16.82 10.02 -9.25
C GLY C 118 18.30 9.64 -9.24
N GLY C 119 18.70 8.72 -8.36
CA GLY C 119 20.01 8.08 -8.39
C GLY C 119 21.05 8.74 -7.50
N PRO C 120 22.29 8.20 -7.49
CA PRO C 120 23.37 8.72 -6.66
C PRO C 120 23.61 10.23 -6.74
N LYS C 121 23.51 10.83 -7.93
CA LYS C 121 23.86 12.27 -8.10
C LYS C 121 22.83 13.14 -7.39
N GLU C 122 21.61 12.64 -7.18
CA GLU C 122 20.54 13.42 -6.48
C GLU C 122 20.72 13.28 -4.94
N LEU C 123 21.27 12.17 -4.43
CA LEU C 123 21.69 12.07 -3.01
C LEU C 123 22.82 13.08 -2.76
N THR C 124 23.76 13.20 -3.69
CA THR C 124 24.90 14.14 -3.58
C THR C 124 24.36 15.58 -3.57
N ALA C 125 23.31 15.88 -4.34
CA ALA C 125 22.75 17.24 -4.44
C ALA C 125 22.02 17.57 -3.14
N PHE C 126 21.31 16.59 -2.57
CA PHE C 126 20.66 16.71 -1.24
C PHE C 126 21.71 17.12 -0.20
N LEU C 127 22.83 16.40 -0.15
CA LEU C 127 23.93 16.61 0.82
C LEU C 127 24.56 17.99 0.60
N HIS C 128 24.86 18.32 -0.65
CA HIS C 128 25.45 19.63 -1.03
C HIS C 128 24.55 20.76 -0.51
N ASN C 129 23.24 20.60 -0.63
CA ASN C 129 22.23 21.67 -0.38
C ASN C 129 22.11 21.95 1.13
N MET C 130 22.38 20.98 1.99
CA MET C 130 22.33 21.14 3.47
C MET C 130 23.74 21.37 4.03
N GLY C 131 24.73 21.64 3.18
CA GLY C 131 26.03 22.18 3.61
C GLY C 131 27.15 21.14 3.67
N ASP C 132 26.90 19.89 3.32
CA ASP C 132 27.96 18.83 3.21
C ASP C 132 28.53 18.84 1.78
N HIS C 133 29.61 19.58 1.58
CA HIS C 133 30.30 19.81 0.29
C HIS C 133 31.31 18.69 0.00
N VAL C 134 31.37 17.65 0.83
CA VAL C 134 32.45 16.62 0.79
C VAL C 134 31.87 15.24 0.48
N THR C 135 30.86 14.77 1.24
CA THR C 135 30.26 13.41 1.07
C THR C 135 29.67 13.30 -0.34
N ARG C 136 29.84 12.16 -1.01
CA ARG C 136 29.35 11.96 -2.41
C ARG C 136 29.06 10.48 -2.68
N LEU C 137 27.89 10.18 -3.24
CA LEU C 137 27.61 8.85 -3.83
C LEU C 137 27.67 8.99 -5.35
N ASP C 138 28.29 8.01 -6.02
CA ASP C 138 28.56 8.03 -7.48
C ASP C 138 27.99 6.77 -8.15
N ARG C 139 27.89 5.66 -7.42
CA ARG C 139 27.49 4.34 -7.97
C ARG C 139 26.40 3.70 -7.09
N TRP C 140 25.86 2.59 -7.58
CA TRP C 140 24.75 1.82 -6.96
C TRP C 140 25.34 0.60 -6.23
N GLU C 141 24.50 -0.19 -5.56
CA GLU C 141 24.92 -1.52 -5.03
C GLU C 141 24.98 -2.49 -6.21
N PRO C 142 26.00 -3.36 -6.34
CA PRO C 142 27.10 -3.49 -5.37
C PRO C 142 28.43 -2.75 -5.62
N GLU C 143 28.55 -1.97 -6.69
CA GLU C 143 29.90 -1.51 -7.11
C GLU C 143 30.33 -0.24 -6.37
N LEU C 144 29.50 0.36 -5.51
CA LEU C 144 29.92 1.52 -4.67
C LEU C 144 30.86 1.06 -3.54
N ASN C 145 31.10 -0.25 -3.42
CA ASN C 145 31.91 -0.88 -2.34
C ASN C 145 33.32 -1.23 -2.82
N GLU C 146 33.75 -0.78 -4.01
CA GLU C 146 34.99 -1.27 -4.68
C GLU C 146 36.25 -0.80 -3.92
N ALA C 147 36.22 0.41 -3.36
CA ALA C 147 37.24 0.97 -2.46
C ALA C 147 38.62 1.00 -3.11
N ILE C 148 38.71 1.36 -4.39
CA ILE C 148 40.01 1.55 -5.09
C ILE C 148 40.80 2.62 -4.33
N PRO C 149 42.09 2.39 -4.00
CA PRO C 149 42.90 3.42 -3.33
C PRO C 149 42.93 4.75 -4.11
N ASN C 150 42.72 5.85 -3.38
CA ASN C 150 42.80 7.27 -3.85
C ASN C 150 41.58 7.62 -4.73
N ASP C 151 40.64 6.69 -4.92
CA ASP C 151 39.37 6.92 -5.67
C ASP C 151 38.39 7.63 -4.72
N GLU C 152 37.97 8.84 -5.07
CA GLU C 152 37.13 9.72 -4.20
C GLU C 152 35.64 9.40 -4.42
N ARG C 153 35.30 8.49 -5.33
CA ARG C 153 33.89 8.04 -5.54
C ARG C 153 33.40 7.33 -4.28
N ASP C 154 32.15 7.58 -3.90
CA ASP C 154 31.42 6.81 -2.85
C ASP C 154 32.15 6.95 -1.50
N THR C 155 32.68 8.15 -1.23
CA THR C 155 33.50 8.47 -0.04
C THR C 155 32.91 9.63 0.76
N THR C 156 33.27 9.65 2.05
CA THR C 156 33.06 10.77 3.00
C THR C 156 34.34 10.96 3.79
N MET C 157 34.39 11.99 4.63
CA MET C 157 35.39 12.16 5.72
C MET C 157 34.68 11.92 7.04
N PRO C 158 35.34 11.38 8.08
CA PRO C 158 34.69 11.18 9.39
C PRO C 158 33.99 12.44 9.90
N ALA C 159 34.64 13.61 9.82
CA ALA C 159 34.11 14.91 10.33
C ALA C 159 32.86 15.31 9.54
N ALA C 160 32.85 15.08 8.23
CA ALA C 160 31.71 15.43 7.34
C ALA C 160 30.52 14.53 7.68
N MET C 161 30.75 13.22 7.74
CA MET C 161 29.69 12.21 8.03
C MET C 161 29.09 12.49 9.42
N ALA C 162 29.90 12.84 10.40
CA ALA C 162 29.45 13.07 11.79
C ALA C 162 28.58 14.33 11.85
N THR C 163 29.02 15.42 11.22
CA THR C 163 28.25 16.70 11.17
C THR C 163 26.92 16.46 10.45
N THR C 164 26.90 15.66 9.37
CA THR C 164 25.67 15.42 8.55
C THR C 164 24.69 14.60 9.39
N LEU C 165 25.16 13.50 9.99
CA LEU C 165 24.33 12.64 10.86
C LEU C 165 23.71 13.47 11.98
N ARG C 166 24.49 14.36 12.59
CA ARG C 166 23.97 15.22 13.69
C ARG C 166 22.83 16.11 13.18
N LYS C 167 22.98 16.68 11.98
CA LYS C 167 21.98 17.59 11.37
C LYS C 167 20.69 16.85 11.00
N LEU C 168 20.78 15.58 10.62
CA LEU C 168 19.60 14.74 10.28
C LEU C 168 18.86 14.29 11.54
N LEU C 169 19.57 13.98 12.64
CA LEU C 169 18.96 13.43 13.88
C LEU C 169 18.45 14.55 14.79
N THR C 170 19.04 15.74 14.75
CA THR C 170 18.70 16.90 15.63
C THR C 170 18.62 18.18 14.78
N GLY C 171 18.05 19.27 15.25
CA GLY C 171 17.90 20.48 14.40
C GLY C 171 16.84 20.30 13.29
N GLU C 172 16.61 21.36 12.50
CA GLU C 172 15.31 21.62 11.82
C GLU C 172 15.29 21.09 10.37
N LEU C 173 16.28 20.31 9.96
CA LEU C 173 16.45 19.84 8.56
C LEU C 173 15.32 18.88 8.18
N LEU C 174 15.04 17.87 8.98
CA LEU C 174 13.80 17.04 8.91
C LEU C 174 12.82 17.52 9.98
N THR C 175 11.52 17.23 9.80
CA THR C 175 10.47 17.46 10.83
C THR C 175 10.72 16.54 12.04
N LEU C 176 10.09 16.85 13.17
CA LEU C 176 10.18 16.06 14.43
C LEU C 176 9.83 14.59 14.15
N ALA C 177 8.76 14.32 13.41
CA ALA C 177 8.25 12.95 13.17
C ALA C 177 9.24 12.15 12.31
N SER C 178 9.89 12.81 11.33
CA SER C 178 10.88 12.20 10.40
C SER C 178 12.22 11.95 11.12
N ARG C 179 12.70 12.89 11.92
CA ARG C 179 13.87 12.68 12.82
C ARG C 179 13.68 11.40 13.62
N GLN C 180 12.52 11.29 14.26
CA GLN C 180 12.20 10.14 15.17
C GLN C 180 12.22 8.87 14.33
N GLN C 181 11.65 8.90 13.12
CA GLN C 181 11.57 7.69 12.26
C GLN C 181 12.99 7.26 11.87
N LEU C 182 13.89 8.19 11.56
CA LEU C 182 15.25 7.85 11.09
C LEU C 182 16.03 7.21 12.23
N ILE C 183 16.06 7.85 13.41
CA ILE C 183 16.75 7.29 14.60
C ILE C 183 16.08 5.95 14.98
N ASP C 184 14.77 5.82 14.81
CA ASP C 184 14.02 4.56 15.12
C ASP C 184 14.51 3.42 14.23
N TRP C 185 14.70 3.67 12.93
CA TRP C 185 15.23 2.66 11.97
C TRP C 185 16.64 2.25 12.41
N MET C 186 17.47 3.20 12.83
CA MET C 186 18.88 2.96 13.23
C MET C 186 18.91 2.18 14.56
N GLU C 187 17.93 2.36 15.43
CA GLU C 187 17.89 1.72 16.79
C GLU C 187 17.41 0.27 16.69
N ALA C 188 16.58 -0.07 15.71
CA ALA C 188 15.90 -1.40 15.61
C ALA C 188 16.92 -2.53 15.72
N ASP C 189 16.50 -3.65 16.33
CA ASP C 189 17.31 -4.86 16.62
C ASP C 189 17.85 -5.50 15.33
N LYS C 190 19.15 -5.78 15.29
CA LYS C 190 19.88 -6.57 14.26
C LYS C 190 20.32 -7.91 14.87
N VAL C 191 20.36 -8.98 14.07
CA VAL C 191 20.55 -10.40 14.50
C VAL C 191 21.88 -10.52 15.28
N ALA C 192 22.95 -9.92 14.73
CA ALA C 192 24.28 -9.78 15.37
C ALA C 192 24.87 -8.38 15.04
N GLY C 193 25.50 -7.79 16.07
CA GLY C 193 26.30 -6.54 16.00
C GLY C 193 27.66 -6.80 16.65
N PRO C 194 28.71 -7.13 15.88
CA PRO C 194 30.02 -7.42 16.44
C PRO C 194 30.89 -6.17 16.64
N LEU C 195 30.36 -4.98 16.35
CA LEU C 195 31.08 -3.69 16.45
C LEU C 195 30.69 -3.05 17.81
N LEU C 196 30.06 -1.87 17.83
CA LEU C 196 29.79 -1.08 19.07
C LEU C 196 28.77 -1.79 19.97
N ARG C 197 27.80 -2.51 19.41
CA ARG C 197 26.71 -3.15 20.20
C ARG C 197 27.24 -4.27 21.12
N SER C 198 28.38 -4.88 20.78
CA SER C 198 29.04 -5.97 21.57
C SER C 198 29.71 -5.43 22.83
N ALA C 199 30.11 -4.15 22.82
CA ALA C 199 30.82 -3.41 23.89
C ALA C 199 29.83 -2.58 24.70
N LEU C 200 28.56 -2.57 24.31
CA LEU C 200 27.54 -1.66 24.88
C LEU C 200 26.81 -2.36 26.00
N PRO C 201 26.80 -1.79 27.21
CA PRO C 201 26.08 -2.39 28.34
C PRO C 201 24.58 -2.11 28.29
N ALA C 202 23.81 -2.88 29.05
CA ALA C 202 22.37 -2.66 29.26
C ALA C 202 22.16 -1.25 29.81
N GLY C 203 21.08 -0.60 29.38
CA GLY C 203 20.70 0.76 29.81
C GLY C 203 21.28 1.84 28.91
N TRP C 204 22.27 1.52 28.10
CA TRP C 204 22.78 2.46 27.06
C TRP C 204 21.87 2.42 25.83
N PHE C 205 21.64 3.60 25.23
CA PHE C 205 20.99 3.80 23.93
C PHE C 205 22.05 3.70 22.82
N ILE C 206 21.77 2.92 21.79
CA ILE C 206 22.56 2.98 20.53
C ILE C 206 21.63 2.95 19.32
N ALA C 207 21.84 3.88 18.41
CA ALA C 207 21.27 3.89 17.05
C ALA C 207 22.44 3.98 16.07
N ASP C 208 22.62 2.94 15.25
CA ASP C 208 23.85 2.81 14.42
C ASP C 208 23.54 2.23 13.04
N LYS C 209 24.55 2.27 12.17
CA LYS C 209 24.58 1.62 10.85
C LYS C 209 26.02 1.23 10.55
N SER C 210 26.24 -0.04 10.25
CA SER C 210 27.59 -0.59 9.96
C SER C 210 27.82 -0.67 8.45
N GLY C 211 29.08 -0.88 8.06
CA GLY C 211 29.55 -0.93 6.66
C GLY C 211 30.72 -1.88 6.48
N ALA C 212 30.69 -2.64 5.38
CA ALA C 212 31.78 -3.49 4.88
C ALA C 212 31.88 -3.35 3.36
N GLY C 213 33.10 -3.38 2.84
CA GLY C 213 33.37 -3.35 1.39
C GLY C 213 34.58 -4.18 1.02
N GLU C 214 35.08 -3.94 -0.19
CA GLU C 214 36.26 -4.64 -0.74
C GLU C 214 37.50 -4.04 -0.08
N ARG C 215 38.64 -4.74 -0.20
CA ARG C 215 39.97 -4.25 0.23
C ARG C 215 39.92 -3.89 1.72
N GLY C 216 39.31 -4.75 2.53
CA GLY C 216 39.30 -4.64 4.00
C GLY C 216 38.55 -3.42 4.51
N SER C 217 37.65 -2.85 3.71
CA SER C 217 36.77 -1.70 4.09
C SER C 217 35.81 -2.15 5.21
N ARG C 218 35.69 -1.30 6.24
CA ARG C 218 34.84 -1.55 7.43
C ARG C 218 34.54 -0.21 8.10
N GLY C 219 33.34 -0.05 8.67
CA GLY C 219 32.97 1.23 9.28
C GLY C 219 31.70 1.11 10.11
N ILE C 220 31.40 2.18 10.83
CA ILE C 220 30.14 2.33 11.57
C ILE C 220 29.91 3.80 11.89
N ILE C 221 28.65 4.22 11.84
CA ILE C 221 28.17 5.54 12.33
C ILE C 221 27.16 5.26 13.44
N ALA C 222 27.13 6.08 14.50
CA ALA C 222 26.31 5.80 15.69
C ALA C 222 25.97 7.09 16.45
N ALA C 223 24.72 7.17 16.94
CA ALA C 223 24.32 8.04 18.06
C ALA C 223 24.15 7.15 19.28
N LEU C 224 24.84 7.44 20.39
CA LEU C 224 24.80 6.55 21.58
C LEU C 224 25.03 7.36 22.84
N GLY C 225 24.58 6.83 23.98
CA GLY C 225 24.88 7.39 25.31
C GLY C 225 24.35 6.54 26.45
N PRO C 226 24.71 6.88 27.70
CA PRO C 226 24.19 6.17 28.86
C PRO C 226 22.77 6.67 29.20
N ASP C 227 22.11 6.03 30.18
CA ASP C 227 20.84 6.53 30.77
C ASP C 227 19.72 6.50 29.72
N GLY C 228 19.79 5.61 28.75
CA GLY C 228 18.77 5.35 27.71
C GLY C 228 18.55 6.49 26.73
N LYS C 229 19.51 7.41 26.60
CA LYS C 229 19.46 8.57 25.66
C LYS C 229 20.76 8.70 24.89
N PRO C 230 20.74 9.11 23.61
CA PRO C 230 21.98 9.44 22.89
C PRO C 230 22.52 10.79 23.34
N SER C 231 23.83 10.92 23.49
CA SER C 231 24.50 12.22 23.80
C SER C 231 25.78 12.42 22.97
N ARG C 232 26.21 11.44 22.18
CA ARG C 232 27.36 11.59 21.27
C ARG C 232 27.11 10.93 19.92
N ILE C 233 27.71 11.50 18.87
CA ILE C 233 27.92 10.85 17.55
C ILE C 233 29.33 10.28 17.52
N VAL C 234 29.46 9.06 17.01
CA VAL C 234 30.76 8.37 16.77
C VAL C 234 30.79 7.86 15.33
N VAL C 235 31.87 8.16 14.62
CA VAL C 235 32.10 7.67 13.22
C VAL C 235 33.46 7.00 13.18
N ILE C 236 33.52 5.75 12.75
CA ILE C 236 34.77 4.95 12.56
C ILE C 236 34.81 4.37 11.14
N TYR C 237 35.88 4.60 10.39
CA TYR C 237 36.12 3.99 9.05
C TYR C 237 37.55 3.45 9.00
N THR C 238 37.73 2.34 8.28
CA THR C 238 39.05 1.80 7.87
C THR C 238 38.95 1.25 6.44
N THR C 239 40.03 1.35 5.67
CA THR C 239 40.16 0.72 4.33
C THR C 239 41.63 0.36 4.10
N GLY C 240 41.88 -0.74 3.38
CA GLY C 240 43.22 -1.16 2.94
C GLY C 240 43.74 -2.43 3.62
N SER C 241 43.18 -2.84 4.76
CA SER C 241 43.71 -3.99 5.54
C SER C 241 43.52 -5.30 4.76
N GLN C 242 44.45 -6.23 4.91
CA GLN C 242 44.35 -7.61 4.37
C GLN C 242 43.85 -8.57 5.46
N ALA C 243 43.48 -8.06 6.63
CA ALA C 243 43.05 -8.83 7.81
C ALA C 243 41.64 -9.39 7.60
N THR C 244 41.34 -10.55 8.22
CA THR C 244 40.02 -11.23 8.19
C THR C 244 38.94 -10.27 8.70
N MET C 245 37.68 -10.57 8.38
CA MET C 245 36.52 -9.80 8.90
C MET C 245 36.52 -9.86 10.44
N ASP C 246 36.79 -11.03 11.02
CA ASP C 246 36.86 -11.23 12.50
C ASP C 246 37.88 -10.26 13.10
N GLU C 247 39.04 -10.11 12.48
CA GLU C 247 40.16 -9.25 13.00
C GLU C 247 39.73 -7.77 12.93
N ARG C 248 39.02 -7.36 11.88
CA ARG C 248 38.58 -5.95 11.70
C ARG C 248 37.47 -5.62 12.70
N ASN C 249 36.52 -6.53 12.87
CA ASN C 249 35.43 -6.45 13.88
C ASN C 249 36.05 -6.24 15.26
N ARG C 250 37.00 -7.11 15.66
CA ARG C 250 37.64 -7.09 17.00
C ARG C 250 38.31 -5.73 17.26
N GLN C 251 38.93 -5.11 16.26
CA GLN C 251 39.67 -3.83 16.44
C GLN C 251 38.66 -2.70 16.68
N ILE C 252 37.54 -2.71 15.95
CA ILE C 252 36.50 -1.64 16.07
C ILE C 252 35.78 -1.82 17.42
N ALA C 253 35.46 -3.05 17.81
CA ALA C 253 34.85 -3.40 19.10
C ALA C 253 35.73 -2.87 20.24
N GLU C 254 37.05 -3.03 20.14
CA GLU C 254 38.03 -2.59 21.15
C GLU C 254 38.09 -1.06 21.20
N ILE C 255 37.87 -0.37 20.08
CA ILE C 255 37.75 1.12 20.10
C ILE C 255 36.48 1.48 20.89
N GLY C 256 35.38 0.78 20.62
CA GLY C 256 34.12 0.94 21.34
C GLY C 256 34.27 0.70 22.83
N ALA C 257 34.85 -0.42 23.25
CA ALA C 257 35.11 -0.75 24.68
C ALA C 257 35.82 0.43 25.36
N SER C 258 36.82 1.03 24.71
CA SER C 258 37.65 2.14 25.25
C SER C 258 36.82 3.42 25.34
N LEU C 259 36.02 3.70 24.31
CA LEU C 259 35.10 4.88 24.26
C LEU C 259 34.16 4.86 25.48
N ILE C 260 33.57 3.69 25.77
CA ILE C 260 32.59 3.42 26.86
C ILE C 260 33.32 3.56 28.22
N LYS C 261 34.44 2.87 28.37
CA LYS C 261 35.23 2.81 29.61
C LYS C 261 35.65 4.21 30.05
N HIS C 262 36.02 5.09 29.12
CA HIS C 262 36.57 6.44 29.41
C HIS C 262 35.53 7.53 29.06
N TRP C 263 34.25 7.17 28.97
CA TRP C 263 33.14 8.13 28.65
C TRP C 263 33.31 9.43 29.46
N HIS D 1 -15.73 -9.93 0.29
CA HIS D 1 -15.44 -9.87 -1.18
C HIS D 1 -13.97 -9.53 -1.38
N PRO D 2 -13.28 -10.14 -2.37
CA PRO D 2 -11.87 -9.86 -2.63
C PRO D 2 -11.46 -8.37 -2.72
N GLU D 3 -12.35 -7.49 -3.21
CA GLU D 3 -12.01 -6.05 -3.42
C GLU D 3 -11.99 -5.33 -2.07
N THR D 4 -12.69 -5.86 -1.06
CA THR D 4 -12.71 -5.29 0.31
C THR D 4 -11.38 -5.64 0.98
N LEU D 5 -10.90 -6.86 0.78
CA LEU D 5 -9.57 -7.34 1.21
C LEU D 5 -8.47 -6.45 0.63
N VAL D 6 -8.56 -6.09 -0.65
CA VAL D 6 -7.63 -5.14 -1.33
C VAL D 6 -7.62 -3.81 -0.58
N LYS D 7 -8.78 -3.31 -0.16
CA LYS D 7 -8.90 -2.01 0.55
C LYS D 7 -8.36 -2.13 1.99
N VAL D 8 -8.57 -3.26 2.66
CA VAL D 8 -8.05 -3.48 4.04
C VAL D 8 -6.53 -3.38 3.96
N LYS D 9 -5.91 -4.04 2.99
CA LYS D 9 -4.43 -4.03 2.80
C LYS D 9 -3.95 -2.63 2.42
N ASP D 10 -4.73 -1.89 1.64
CA ASP D 10 -4.38 -0.49 1.29
C ASP D 10 -4.44 0.36 2.56
N ALA D 11 -5.38 0.08 3.45
CA ALA D 11 -5.52 0.81 4.75
C ALA D 11 -4.26 0.57 5.58
N GLU D 12 -3.71 -0.64 5.60
CA GLU D 12 -2.42 -0.97 6.27
C GLU D 12 -1.33 -0.04 5.73
N ASP D 13 -1.22 0.10 4.41
CA ASP D 13 -0.17 0.92 3.74
C ASP D 13 -0.32 2.40 4.15
N GLN D 14 -1.54 2.92 4.15
CA GLN D 14 -1.85 4.34 4.41
C GLN D 14 -1.64 4.67 5.89
N LEU D 15 -1.97 3.75 6.79
CA LEU D 15 -1.85 3.96 8.26
C LEU D 15 -0.46 3.56 8.76
N GLY D 16 0.28 2.73 8.02
CA GLY D 16 1.56 2.15 8.49
C GLY D 16 1.36 1.37 9.77
N ALA D 17 0.34 0.51 9.79
CA ALA D 17 -0.11 -0.25 10.96
C ALA D 17 -0.92 -1.47 10.50
N ARG D 18 -1.08 -2.44 11.40
CA ARG D 18 -1.89 -3.66 11.16
C ARG D 18 -3.37 -3.29 11.23
N VAL D 19 -4.18 -3.98 10.42
CA VAL D 19 -5.68 -3.87 10.43
C VAL D 19 -6.23 -5.29 10.54
N GLY D 20 -7.09 -5.53 11.52
CA GLY D 20 -7.83 -6.80 11.66
C GLY D 20 -9.26 -6.61 11.19
N TYR D 21 -9.82 -7.58 10.48
CA TYR D 21 -11.13 -7.47 9.79
C TYR D 21 -11.83 -8.83 9.78
N ILE D 22 -13.13 -8.88 10.03
CA ILE D 22 -13.93 -10.11 9.79
C ILE D 22 -15.39 -9.73 9.54
N GLU D 23 -16.01 -10.40 8.56
CA GLU D 23 -17.47 -10.40 8.25
C GLU D 23 -18.03 -11.78 8.63
N LEU D 24 -19.03 -11.82 9.53
CA LEU D 24 -19.84 -13.05 9.77
C LEU D 24 -21.23 -12.88 9.16
N ASP D 25 -21.80 -13.96 8.63
CA ASP D 25 -23.26 -14.11 8.43
C ASP D 25 -23.90 -14.12 9.81
N LEU D 26 -24.89 -13.27 10.06
CA LEU D 26 -25.53 -13.11 11.40
C LEU D 26 -26.34 -14.38 11.73
N ASN D 27 -26.94 -15.00 10.72
CA ASN D 27 -27.87 -16.15 10.89
C ASN D 27 -27.04 -17.42 11.16
N SER D 28 -26.02 -17.70 10.35
CA SER D 28 -25.31 -19.00 10.30
C SER D 28 -23.98 -18.96 11.08
N GLY D 29 -23.36 -17.78 11.23
CA GLY D 29 -22.08 -17.62 11.93
C GLY D 29 -20.88 -17.82 11.01
N LYS D 30 -21.12 -18.24 9.77
CA LYS D 30 -20.08 -18.53 8.76
C LYS D 30 -19.27 -17.27 8.44
N ILE D 31 -17.95 -17.42 8.34
CA ILE D 31 -16.99 -16.32 8.01
C ILE D 31 -17.09 -16.06 6.50
N LEU D 32 -17.34 -14.82 6.10
CA LEU D 32 -17.51 -14.42 4.67
C LEU D 32 -16.22 -13.78 4.16
N GLU D 33 -15.47 -13.09 5.04
CA GLU D 33 -14.19 -12.45 4.70
C GLU D 33 -13.39 -12.18 5.99
N SER D 34 -12.07 -12.31 5.95
CA SER D 34 -11.19 -12.11 7.13
C SER D 34 -9.80 -11.61 6.71
N PHE D 35 -9.17 -10.87 7.60
CA PHE D 35 -7.76 -10.47 7.53
C PHE D 35 -7.23 -10.31 8.96
N ARG D 36 -6.16 -11.03 9.28
CA ARG D 36 -5.58 -11.13 10.65
C ARG D 36 -6.69 -11.49 11.65
N PRO D 37 -7.54 -12.50 11.35
CA PRO D 37 -8.68 -12.83 12.21
C PRO D 37 -8.29 -13.24 13.64
N GLU D 38 -7.10 -13.82 13.81
CA GLU D 38 -6.66 -14.41 15.11
C GLU D 38 -5.45 -13.65 15.69
N GLU D 39 -5.21 -12.40 15.29
CA GLU D 39 -4.22 -11.50 15.93
C GLU D 39 -4.92 -10.63 16.97
N ARG D 40 -4.20 -10.20 18.01
CA ARG D 40 -4.81 -9.45 19.14
C ARG D 40 -4.74 -7.96 18.87
N PHE D 41 -5.78 -7.23 19.27
CA PHE D 41 -5.87 -5.75 19.18
C PHE D 41 -6.53 -5.24 20.46
N PRO D 42 -6.19 -4.02 20.90
CA PRO D 42 -6.90 -3.38 22.00
C PRO D 42 -8.40 -3.21 21.65
N MET D 43 -9.30 -3.59 22.55
CA MET D 43 -10.76 -3.43 22.37
C MET D 43 -11.13 -1.95 22.46
N MET D 44 -10.44 -1.17 23.31
CA MET D 44 -10.88 0.20 23.66
C MET D 44 -12.35 0.16 24.08
N SER D 45 -13.16 1.21 23.84
CA SER D 45 -14.59 1.29 24.27
C SER D 45 -15.45 0.19 23.63
N THR D 46 -14.96 -0.62 22.69
CA THR D 46 -15.82 -1.70 22.13
C THR D 46 -16.16 -2.73 23.22
N PHE D 47 -15.40 -2.80 24.32
CA PHE D 47 -15.69 -3.72 25.44
C PHE D 47 -17.04 -3.37 26.09
N LYS D 48 -17.47 -2.12 26.05
CA LYS D 48 -18.70 -1.64 26.75
C LYS D 48 -19.94 -2.43 26.31
N VAL D 49 -19.96 -3.00 25.11
CA VAL D 49 -21.09 -3.86 24.65
C VAL D 49 -21.04 -5.20 25.38
N LEU D 50 -19.85 -5.77 25.56
CA LEU D 50 -19.65 -7.03 26.31
C LEU D 50 -20.06 -6.81 27.78
N LEU D 51 -19.74 -5.65 28.36
CA LEU D 51 -20.04 -5.26 29.75
C LEU D 51 -21.55 -5.27 29.95
N CYS D 52 -22.30 -4.57 29.09
CA CYS D 52 -23.78 -4.46 29.20
C CYS D 52 -24.42 -5.82 28.89
N GLY D 53 -23.76 -6.67 28.11
CA GLY D 53 -24.18 -8.07 27.92
C GLY D 53 -24.12 -8.86 29.22
N ALA D 54 -23.03 -8.68 29.98
CA ALA D 54 -22.83 -9.30 31.30
C ALA D 54 -23.90 -8.78 32.28
N VAL D 55 -24.19 -7.47 32.23
CA VAL D 55 -25.18 -6.82 33.13
C VAL D 55 -26.57 -7.39 32.83
N LEU D 56 -26.95 -7.47 31.56
CA LEU D 56 -28.27 -8.02 31.17
C LEU D 56 -28.37 -9.49 31.57
N SER D 57 -27.28 -10.27 31.48
CA SER D 57 -27.25 -11.70 31.89
C SER D 57 -27.63 -11.82 33.38
N ARG D 58 -27.16 -10.89 34.21
CA ARG D 58 -27.48 -10.85 35.65
C ARG D 58 -28.94 -10.37 35.84
N ILE D 59 -29.42 -9.45 35.03
CA ILE D 59 -30.85 -9.03 35.12
C ILE D 59 -31.72 -10.27 34.82
N ASP D 60 -31.37 -11.05 33.79
CA ASP D 60 -32.10 -12.28 33.39
C ASP D 60 -32.12 -13.29 34.55
N ALA D 61 -31.06 -13.34 35.37
CA ALA D 61 -30.88 -14.33 36.45
C ALA D 61 -31.47 -13.84 37.78
N GLY D 62 -32.02 -12.61 37.84
CA GLY D 62 -32.58 -11.98 39.04
C GLY D 62 -31.50 -11.56 40.03
N GLN D 63 -30.40 -11.00 39.55
CA GLN D 63 -29.22 -10.58 40.34
C GLN D 63 -28.92 -9.09 40.12
N GLU D 64 -29.77 -8.42 39.36
CA GLU D 64 -29.66 -6.99 38.99
C GLU D 64 -30.99 -6.55 38.39
N GLN D 65 -31.26 -5.23 38.39
CA GLN D 65 -32.50 -4.62 37.86
C GLN D 65 -32.15 -3.39 37.02
N LEU D 66 -32.73 -3.26 35.82
CA LEU D 66 -32.59 -2.06 34.96
C LEU D 66 -32.93 -0.81 35.77
N GLY D 67 -33.89 -0.87 36.68
CA GLY D 67 -34.40 0.30 37.42
C GLY D 67 -33.61 0.62 38.69
N ARG D 68 -32.59 -0.16 39.07
CA ARG D 68 -31.82 0.13 40.31
C ARG D 68 -31.05 1.44 40.13
N ARG D 69 -31.19 2.37 41.07
CA ARG D 69 -30.54 3.71 41.04
C ARG D 69 -29.21 3.63 41.80
N ILE D 70 -28.14 4.13 41.19
CA ILE D 70 -26.77 4.11 41.77
C ILE D 70 -26.35 5.56 42.00
N HIS D 71 -25.92 5.87 43.21
CA HIS D 71 -25.36 7.19 43.62
C HIS D 71 -23.83 7.03 43.64
N TYR D 72 -23.13 8.07 43.21
CA TYR D 72 -21.65 8.11 43.12
C TYR D 72 -21.23 9.53 43.50
N SER D 73 -19.93 9.83 43.49
CA SER D 73 -19.38 11.13 43.95
C SER D 73 -18.42 11.70 42.90
N GLN D 74 -18.02 12.96 43.11
CA GLN D 74 -16.98 13.69 42.33
C GLN D 74 -15.78 12.78 42.05
N ASN D 75 -15.39 11.99 43.04
CA ASN D 75 -14.16 11.15 43.11
C ASN D 75 -14.24 9.99 42.10
N ASP D 76 -15.45 9.63 41.64
CA ASP D 76 -15.67 8.51 40.69
C ASP D 76 -15.54 8.99 39.24
N LEU D 77 -15.69 10.30 38.98
CA LEU D 77 -15.70 10.90 37.62
C LEU D 77 -14.30 10.81 37.01
N VAL D 78 -14.17 10.19 35.84
CA VAL D 78 -12.91 10.17 35.05
C VAL D 78 -13.14 11.00 33.78
N GLU D 79 -12.11 11.14 32.92
CA GLU D 79 -12.22 12.00 31.72
C GLU D 79 -13.25 11.41 30.74
N TYR D 80 -14.00 12.32 30.10
CA TYR D 80 -15.14 12.11 29.18
C TYR D 80 -16.28 11.36 29.90
N SER D 81 -17.09 12.14 30.60
CA SER D 81 -18.25 11.68 31.41
C SER D 81 -19.40 12.65 31.18
N PRO D 82 -19.86 12.80 29.91
CA PRO D 82 -20.80 13.85 29.54
C PRO D 82 -22.18 13.69 30.20
N VAL D 83 -22.60 12.45 30.50
CA VAL D 83 -23.89 12.16 31.19
C VAL D 83 -23.65 12.08 32.71
N THR D 84 -22.73 11.25 33.18
CA THR D 84 -22.53 10.99 34.65
C THR D 84 -22.16 12.28 35.40
N GLU D 85 -21.42 13.21 34.78
CA GLU D 85 -21.03 14.52 35.38
C GLU D 85 -22.25 15.33 35.84
N LYS D 86 -23.40 15.09 35.20
CA LYS D 86 -24.64 15.91 35.37
C LYS D 86 -25.58 15.34 36.43
N HIS D 87 -25.29 14.15 36.97
CA HIS D 87 -26.22 13.44 37.89
C HIS D 87 -25.52 13.08 39.22
N LEU D 88 -24.68 13.98 39.75
CA LEU D 88 -23.99 13.74 41.04
C LEU D 88 -25.02 13.62 42.16
N THR D 89 -26.00 14.53 42.22
CA THR D 89 -26.91 14.66 43.40
C THR D 89 -28.07 13.67 43.29
N ASP D 90 -28.54 13.30 42.10
CA ASP D 90 -29.76 12.43 41.96
C ASP D 90 -29.39 11.00 41.55
N GLY D 91 -28.18 10.75 41.06
CA GLY D 91 -27.72 9.41 40.64
C GLY D 91 -28.29 9.01 39.28
N MET D 92 -28.06 7.75 38.88
CA MET D 92 -28.52 7.19 37.58
C MET D 92 -28.92 5.72 37.76
N THR D 93 -29.90 5.25 36.99
CA THR D 93 -30.35 3.84 36.97
C THR D 93 -29.34 3.02 36.14
N VAL D 94 -29.34 1.69 36.33
CA VAL D 94 -28.48 0.76 35.55
C VAL D 94 -28.81 0.96 34.05
N ARG D 95 -30.10 1.03 33.73
CA ARG D 95 -30.63 1.32 32.36
C ARG D 95 -29.92 2.55 31.79
N GLU D 96 -29.92 3.67 32.52
CA GLU D 96 -29.34 4.96 32.09
C GLU D 96 -27.81 4.82 31.95
N LEU D 97 -27.16 4.02 32.79
CA LEU D 97 -25.68 3.87 32.78
C LEU D 97 -25.25 3.08 31.53
N CYS D 98 -25.95 2.01 31.20
CA CYS D 98 -25.66 1.21 29.97
C CYS D 98 -25.91 2.08 28.72
N SER D 99 -26.99 2.85 28.68
CA SER D 99 -27.27 3.82 27.58
C SER D 99 -26.11 4.81 27.47
N ALA D 100 -25.66 5.38 28.60
CA ALA D 100 -24.59 6.40 28.61
C ALA D 100 -23.26 5.75 28.20
N ALA D 101 -22.99 4.52 28.60
CA ALA D 101 -21.73 3.83 28.26
C ALA D 101 -21.71 3.54 26.74
N ILE D 102 -22.75 2.91 26.22
CA ILE D 102 -22.76 2.44 24.81
C ILE D 102 -23.02 3.64 23.88
N THR D 103 -24.10 4.39 24.08
CA THR D 103 -24.53 5.49 23.17
C THR D 103 -23.61 6.71 23.28
N MET D 104 -23.29 7.21 24.49
CA MET D 104 -22.56 8.50 24.69
C MET D 104 -21.08 8.25 25.03
N SER D 105 -20.65 6.99 25.00
CA SER D 105 -19.34 6.49 25.47
C SER D 105 -18.86 7.22 26.74
N ASP D 106 -19.70 7.21 27.78
CA ASP D 106 -19.40 7.78 29.12
C ASP D 106 -18.46 6.81 29.85
N ASN D 107 -17.27 7.27 30.23
CA ASN D 107 -16.23 6.42 30.86
C ASN D 107 -16.56 6.12 32.33
N THR D 108 -17.00 7.11 33.09
CA THR D 108 -17.44 6.93 34.50
C THR D 108 -18.57 5.89 34.51
N ALA D 109 -19.48 5.96 33.53
CA ALA D 109 -20.63 5.03 33.47
C ALA D 109 -20.12 3.59 33.34
N ALA D 110 -19.13 3.35 32.48
CA ALA D 110 -18.54 2.02 32.28
C ALA D 110 -17.89 1.54 33.60
N ASN D 111 -17.20 2.42 34.32
CA ASN D 111 -16.52 2.05 35.59
C ASN D 111 -17.57 1.66 36.64
N LEU D 112 -18.66 2.44 36.79
CA LEU D 112 -19.76 2.17 37.75
C LEU D 112 -20.38 0.79 37.46
N LEU D 113 -20.52 0.44 36.19
CA LEU D 113 -21.14 -0.85 35.74
C LEU D 113 -20.17 -2.00 36.01
N LEU D 114 -18.88 -1.80 35.77
CA LEU D 114 -17.83 -2.79 36.13
C LEU D 114 -17.89 -3.06 37.63
N THR D 115 -18.08 -2.03 38.46
CA THR D 115 -18.18 -2.16 39.93
C THR D 115 -19.37 -3.08 40.24
N THR D 116 -20.52 -2.95 39.55
CA THR D 116 -21.73 -3.77 39.83
C THR D 116 -21.43 -5.25 39.62
N ILE D 117 -20.50 -5.66 38.76
CA ILE D 117 -20.31 -7.09 38.44
C ILE D 117 -19.06 -7.64 39.12
N GLY D 118 -18.26 -6.78 39.75
CA GLY D 118 -17.04 -7.17 40.50
C GLY D 118 -15.76 -6.95 39.71
N GLY D 119 -15.79 -6.06 38.73
CA GLY D 119 -14.59 -5.55 38.03
C GLY D 119 -14.23 -6.31 36.75
N PRO D 120 -13.14 -5.89 36.07
CA PRO D 120 -12.69 -6.53 34.85
C PRO D 120 -12.55 -8.06 34.88
N LYS D 121 -12.13 -8.64 36.00
CA LYS D 121 -11.87 -10.10 36.06
C LYS D 121 -13.20 -10.86 35.98
N GLU D 122 -14.31 -10.24 36.38
CA GLU D 122 -15.65 -10.88 36.34
C GLU D 122 -16.25 -10.76 34.93
N LEU D 123 -15.93 -9.70 34.17
CA LEU D 123 -16.29 -9.63 32.73
C LEU D 123 -15.54 -10.74 31.99
N THR D 124 -14.27 -10.95 32.31
CA THR D 124 -13.45 -12.03 31.67
C THR D 124 -14.06 -13.41 32.00
N ALA D 125 -14.59 -13.59 33.22
CA ALA D 125 -15.16 -14.89 33.65
C ALA D 125 -16.49 -15.12 32.92
N PHE D 126 -17.27 -14.07 32.74
CA PHE D 126 -18.52 -14.10 31.94
C PHE D 126 -18.20 -14.60 30.53
N LEU D 127 -17.19 -14.00 29.89
CA LEU D 127 -16.79 -14.32 28.50
C LEU D 127 -16.26 -15.75 28.44
N HIS D 128 -15.40 -16.14 29.37
CA HIS D 128 -14.83 -17.51 29.45
C HIS D 128 -15.97 -18.53 29.52
N ASN D 129 -17.04 -18.23 30.26
CA ASN D 129 -18.12 -19.19 30.61
C ASN D 129 -19.00 -19.44 29.38
N MET D 130 -19.12 -18.48 28.46
CA MET D 130 -19.92 -18.62 27.22
C MET D 130 -19.02 -18.98 26.03
N GLY D 131 -17.77 -19.38 26.28
CA GLY D 131 -16.92 -20.06 25.28
C GLY D 131 -15.89 -19.15 24.63
N ASP D 132 -15.82 -17.86 24.99
CA ASP D 132 -14.76 -16.93 24.50
C ASP D 132 -13.55 -17.00 25.44
N HIS D 133 -12.58 -17.86 25.09
CA HIS D 133 -11.35 -18.15 25.87
C HIS D 133 -10.24 -17.15 25.47
N VAL D 134 -10.56 -16.11 24.69
CA VAL D 134 -9.53 -15.18 24.11
C VAL D 134 -9.71 -13.76 24.64
N THR D 135 -10.90 -13.18 24.50
CA THR D 135 -11.21 -11.77 24.89
C THR D 135 -10.98 -11.62 26.39
N ARG D 136 -10.40 -10.51 26.84
CA ARG D 136 -10.05 -10.30 28.27
C ARG D 136 -10.01 -8.80 28.60
N LEU D 137 -10.67 -8.40 29.68
CA LEU D 137 -10.52 -7.06 30.27
C LEU D 137 -9.69 -7.24 31.55
N ASP D 138 -8.72 -6.35 31.76
CA ASP D 138 -7.75 -6.42 32.89
C ASP D 138 -7.78 -5.12 33.69
N ARG D 139 -8.12 -3.99 33.08
CA ARG D 139 -8.05 -2.64 33.70
C ARG D 139 -9.36 -1.87 33.47
N TRP D 140 -9.46 -0.70 34.11
CA TRP D 140 -10.65 0.17 34.13
C TRP D 140 -10.42 1.33 33.16
N GLU D 141 -11.39 2.21 32.98
CA GLU D 141 -11.18 3.50 32.26
C GLU D 141 -10.42 4.44 33.21
N PRO D 142 -9.39 5.19 32.74
CA PRO D 142 -8.97 5.23 31.34
C PRO D 142 -7.79 4.36 30.90
N GLU D 143 -7.20 3.55 31.78
CA GLU D 143 -5.87 2.95 31.47
C GLU D 143 -6.01 1.65 30.66
N LEU D 144 -7.21 1.16 30.39
CA LEU D 144 -7.42 -0.03 29.50
C LEU D 144 -7.16 0.34 28.03
N ASN D 145 -6.89 1.63 27.74
CA ASN D 145 -6.71 2.17 26.37
C ASN D 145 -5.21 2.36 26.03
N GLU D 146 -4.29 1.84 26.85
CA GLU D 146 -2.85 2.17 26.79
C GLU D 146 -2.21 1.60 25.51
N ALA D 147 -2.65 0.40 25.09
CA ALA D 147 -2.30 -0.23 23.80
C ALA D 147 -0.79 -0.41 23.66
N ILE D 148 -0.09 -0.81 24.72
CA ILE D 148 1.37 -1.12 24.62
C ILE D 148 1.53 -2.25 23.60
N PRO D 149 2.47 -2.16 22.62
CA PRO D 149 2.67 -3.25 21.66
C PRO D 149 2.96 -4.60 22.34
N ASN D 150 2.25 -5.66 21.91
CA ASN D 150 2.43 -7.08 22.33
C ASN D 150 1.89 -7.31 23.75
N ASP D 151 1.30 -6.29 24.36
CA ASP D 151 0.60 -6.39 25.68
C ASP D 151 -0.80 -6.97 25.43
N GLU D 152 -1.08 -8.15 25.98
CA GLU D 152 -2.32 -8.92 25.71
C GLU D 152 -3.44 -8.46 26.64
N ARG D 153 -3.18 -7.54 27.58
CA ARG D 153 -4.22 -6.95 28.46
C ARG D 153 -5.23 -6.16 27.61
N ASP D 154 -6.51 -6.27 27.92
CA ASP D 154 -7.59 -5.41 27.38
C ASP D 154 -7.68 -5.60 25.85
N THR D 155 -7.49 -6.83 25.37
CA THR D 155 -7.42 -7.20 23.94
C THR D 155 -8.45 -8.29 23.61
N THR D 156 -8.79 -8.36 22.33
CA THR D 156 -9.57 -9.44 21.68
C THR D 156 -8.89 -9.77 20.35
N MET D 157 -9.39 -10.78 19.65
CA MET D 157 -9.11 -11.05 18.22
C MET D 157 -10.37 -10.71 17.44
N PRO D 158 -10.29 -10.23 16.17
CA PRO D 158 -11.48 -9.97 15.38
C PRO D 158 -12.47 -11.14 15.37
N ALA D 159 -11.99 -12.37 15.17
CA ALA D 159 -12.81 -13.60 15.07
C ALA D 159 -13.53 -13.86 16.39
N ALA D 160 -12.85 -13.65 17.52
CA ALA D 160 -13.41 -13.88 18.87
C ALA D 160 -14.50 -12.86 19.15
N MET D 161 -14.21 -11.57 18.93
CA MET D 161 -15.16 -10.45 19.17
C MET D 161 -16.42 -10.64 18.31
N ALA D 162 -16.27 -11.07 17.07
CA ALA D 162 -17.40 -11.23 16.12
C ALA D 162 -18.30 -12.37 16.59
N THR D 163 -17.71 -13.52 16.94
CA THR D 163 -18.44 -14.72 17.44
C THR D 163 -19.18 -14.35 18.74
N THR D 164 -18.56 -13.57 19.63
CA THR D 164 -19.13 -13.21 20.96
C THR D 164 -20.32 -12.28 20.71
N LEU D 165 -20.14 -11.23 19.92
CA LEU D 165 -21.23 -10.27 19.57
C LEU D 165 -22.41 -11.05 18.98
N ARG D 166 -22.17 -12.01 18.10
CA ARG D 166 -23.24 -12.80 17.47
C ARG D 166 -24.01 -13.59 18.53
N LYS D 167 -23.32 -14.18 19.50
CA LYS D 167 -23.94 -15.00 20.58
C LYS D 167 -24.78 -14.12 21.52
N LEU D 168 -24.39 -12.86 21.74
CA LEU D 168 -25.14 -11.89 22.59
C LEU D 168 -26.39 -11.37 21.86
N LEU D 169 -26.32 -11.14 20.55
CA LEU D 169 -27.43 -10.53 19.76
C LEU D 169 -28.44 -11.59 19.29
N THR D 170 -28.02 -12.85 19.12
CA THR D 170 -28.88 -13.97 18.62
C THR D 170 -28.62 -15.21 19.48
N GLY D 171 -29.45 -16.24 19.44
CA GLY D 171 -29.24 -17.42 20.31
C GLY D 171 -29.55 -17.14 21.78
N GLU D 172 -29.47 -18.18 22.63
CA GLU D 172 -30.23 -18.28 23.91
C GLU D 172 -29.43 -17.78 25.12
N LEU D 173 -28.30 -17.11 24.93
CA LEU D 173 -27.41 -16.64 26.02
C LEU D 173 -28.12 -15.56 26.86
N LEU D 174 -28.69 -14.54 26.23
CA LEU D 174 -29.63 -13.57 26.86
C LEU D 174 -31.06 -13.93 26.49
N THR D 175 -32.04 -13.47 27.27
CA THR D 175 -33.48 -13.57 26.92
C THR D 175 -33.79 -12.68 25.71
N LEU D 176 -34.94 -12.91 25.08
CA LEU D 176 -35.39 -12.14 23.90
C LEU D 176 -35.42 -10.64 24.23
N ALA D 177 -35.95 -10.26 25.37
CA ALA D 177 -36.11 -8.85 25.81
C ALA D 177 -34.75 -8.17 26.01
N SER D 178 -33.76 -8.90 26.53
CA SER D 178 -32.37 -8.43 26.80
C SER D 178 -31.56 -8.31 25.50
N ARG D 179 -31.67 -9.28 24.60
CA ARG D 179 -31.13 -9.19 23.21
C ARG D 179 -31.58 -7.88 22.58
N GLN D 180 -32.89 -7.63 22.61
CA GLN D 180 -33.51 -6.45 21.97
C GLN D 180 -32.94 -5.19 22.63
N GLN D 181 -32.79 -5.19 23.96
CA GLN D 181 -32.30 -3.99 24.69
C GLN D 181 -30.85 -3.70 24.28
N LEU D 182 -30.02 -4.74 24.12
CA LEU D 182 -28.58 -4.55 23.80
C LEU D 182 -28.46 -3.96 22.38
N ILE D 183 -29.09 -4.59 21.39
CA ILE D 183 -29.06 -4.09 19.99
C ILE D 183 -29.69 -2.70 19.95
N ASP D 184 -30.71 -2.41 20.78
CA ASP D 184 -31.38 -1.08 20.85
C ASP D 184 -30.38 -0.01 21.29
N TRP D 185 -29.59 -0.28 22.33
CA TRP D 185 -28.54 0.64 22.83
C TRP D 185 -27.51 0.90 21.71
N MET D 186 -27.13 -0.14 20.97
CA MET D 186 -26.11 -0.03 19.88
C MET D 186 -26.70 0.76 18.69
N GLU D 187 -28.00 0.69 18.46
CA GLU D 187 -28.67 1.33 17.28
C GLU D 187 -28.88 2.83 17.54
N ALA D 188 -29.05 3.26 18.80
CA ALA D 188 -29.45 4.64 19.16
C ALA D 188 -28.55 5.66 18.47
N ASP D 189 -29.13 6.83 18.13
CA ASP D 189 -28.45 7.98 17.45
C ASP D 189 -27.27 8.51 18.28
N LYS D 190 -26.11 8.67 17.63
CA LYS D 190 -24.89 9.37 18.11
C LYS D 190 -24.71 10.67 17.30
N VAL D 191 -24.10 11.70 17.90
CA VAL D 191 -24.05 13.11 17.37
C VAL D 191 -23.36 13.11 15.99
N ALA D 192 -22.25 12.37 15.88
CA ALA D 192 -21.51 12.06 14.64
C ALA D 192 -20.98 10.62 14.70
N GLY D 193 -21.02 9.94 13.54
CA GLY D 193 -20.39 8.63 13.27
C GLY D 193 -19.55 8.74 11.99
N PRO D 194 -18.22 8.96 12.10
CA PRO D 194 -17.37 9.10 10.94
C PRO D 194 -16.84 7.75 10.42
N LEU D 195 -17.27 6.64 11.00
CA LEU D 195 -16.83 5.27 10.61
C LEU D 195 -17.87 4.66 9.65
N LEU D 196 -18.50 3.54 9.98
CA LEU D 196 -19.42 2.79 9.09
C LEU D 196 -20.69 3.59 8.79
N ARG D 197 -21.19 4.41 9.74
CA ARG D 197 -22.47 5.15 9.58
C ARG D 197 -22.38 6.21 8.47
N SER D 198 -21.17 6.70 8.14
CA SER D 198 -20.92 7.73 7.10
C SER D 198 -21.04 7.12 5.69
N ALA D 199 -20.80 5.82 5.56
CA ALA D 199 -20.81 5.03 4.30
C ALA D 199 -22.15 4.30 4.14
N LEU D 200 -23.02 4.40 5.13
CA LEU D 200 -24.27 3.60 5.19
C LEU D 200 -25.41 4.39 4.60
N PRO D 201 -26.11 3.84 3.59
CA PRO D 201 -27.21 4.55 2.94
C PRO D 201 -28.50 4.49 3.76
N ALA D 202 -29.44 5.36 3.43
CA ALA D 202 -30.82 5.35 3.94
C ALA D 202 -31.43 3.96 3.71
N GLY D 203 -32.21 3.48 4.67
CA GLY D 203 -32.90 2.18 4.60
C GLY D 203 -32.09 1.04 5.18
N TRP D 204 -30.78 1.22 5.33
CA TRP D 204 -29.93 0.20 6.00
C TRP D 204 -30.03 0.32 7.53
N PHE D 205 -30.04 -0.83 8.20
CA PHE D 205 -29.95 -0.98 9.67
C PHE D 205 -28.47 -1.03 10.04
N ILE D 206 -28.08 -0.24 11.05
CA ILE D 206 -26.77 -0.38 11.73
C ILE D 206 -26.96 -0.26 13.23
N ALA D 207 -26.40 -1.21 13.96
CA ALA D 207 -26.18 -1.19 15.42
C ALA D 207 -24.69 -1.42 15.65
N ASP D 208 -24.00 -0.42 16.22
CA ASP D 208 -22.52 -0.44 16.30
C ASP D 208 -22.01 0.15 17.62
N LYS D 209 -20.72 -0.04 17.85
CA LYS D 209 -19.95 0.58 18.96
C LYS D 209 -18.53 0.81 18.44
N SER D 210 -18.07 2.06 18.52
CA SER D 210 -16.73 2.48 18.05
C SER D 210 -15.75 2.51 19.22
N GLY D 211 -14.45 2.60 18.89
CA GLY D 211 -13.33 2.56 19.84
C GLY D 211 -12.16 3.39 19.38
N ALA D 212 -11.55 4.13 20.31
CA ALA D 212 -10.28 4.87 20.13
C ALA D 212 -9.42 4.69 21.38
N GLY D 213 -8.10 4.59 21.20
CA GLY D 213 -7.14 4.50 22.29
C GLY D 213 -5.83 5.19 21.97
N GLU D 214 -4.80 4.92 22.76
CA GLU D 214 -3.44 5.47 22.59
C GLU D 214 -2.79 4.76 21.40
N ARG D 215 -1.71 5.33 20.88
CA ARG D 215 -0.86 4.73 19.82
C ARG D 215 -1.70 4.39 18.60
N GLY D 216 -2.57 5.32 18.21
CA GLY D 216 -3.35 5.26 16.96
C GLY D 216 -4.34 4.12 16.94
N SER D 217 -4.74 3.62 18.11
CA SER D 217 -5.77 2.58 18.28
C SER D 217 -7.14 3.12 17.82
N ARG D 218 -7.85 2.32 17.04
CA ARG D 218 -9.17 2.65 16.46
C ARG D 218 -9.90 1.37 16.09
N GLY D 219 -11.21 1.33 16.24
CA GLY D 219 -11.98 0.12 15.94
C GLY D 219 -13.46 0.37 15.91
N ILE D 220 -14.19 -0.66 15.50
CA ILE D 220 -15.68 -0.66 15.50
C ILE D 220 -16.18 -2.09 15.38
N ILE D 221 -17.26 -2.39 16.09
CA ILE D 221 -18.05 -3.65 15.98
C ILE D 221 -19.44 -3.23 15.53
N ALA D 222 -20.10 -4.02 14.66
CA ALA D 222 -21.40 -3.64 14.07
C ALA D 222 -22.21 -4.89 13.67
N ALA D 223 -23.53 -4.81 13.85
CA ALA D 223 -24.53 -5.63 13.15
C ALA D 223 -25.23 -4.70 12.17
N LEU D 224 -25.25 -5.06 10.89
CA LEU D 224 -25.80 -4.16 9.83
C LEU D 224 -26.34 -4.98 8.66
N GLY D 225 -27.25 -4.40 7.89
CA GLY D 225 -27.76 -5.00 6.64
C GLY D 225 -28.72 -4.08 5.90
N PRO D 226 -29.12 -4.45 4.67
CA PRO D 226 -30.09 -3.67 3.92
C PRO D 226 -31.52 -3.99 4.41
N ASP D 227 -32.50 -3.22 3.93
CA ASP D 227 -33.96 -3.48 4.09
C ASP D 227 -34.34 -3.36 5.58
N GLY D 228 -33.63 -2.52 6.35
CA GLY D 228 -33.97 -2.17 7.74
C GLY D 228 -33.76 -3.32 8.73
N LYS D 229 -32.98 -4.34 8.37
CA LYS D 229 -32.67 -5.51 9.23
C LYS D 229 -31.17 -5.79 9.20
N PRO D 230 -30.56 -6.23 10.32
CA PRO D 230 -29.17 -6.69 10.30
C PRO D 230 -29.10 -8.09 9.70
N SER D 231 -28.05 -8.38 8.92
CA SER D 231 -27.77 -9.73 8.37
C SER D 231 -26.28 -10.08 8.43
N ARG D 232 -25.41 -9.16 8.83
CA ARG D 232 -23.96 -9.45 9.03
C ARG D 232 -23.42 -8.77 10.29
N ILE D 233 -22.42 -9.42 10.89
CA ILE D 233 -21.50 -8.81 11.89
C ILE D 233 -20.22 -8.38 11.16
N VAL D 234 -19.75 -7.18 11.45
CA VAL D 234 -18.44 -6.65 10.95
C VAL D 234 -17.60 -6.15 12.15
N VAL D 235 -16.35 -6.60 12.23
CA VAL D 235 -15.38 -6.14 13.27
C VAL D 235 -14.14 -5.63 12.55
N ILE D 236 -13.75 -4.39 12.85
CA ILE D 236 -12.50 -3.74 12.32
C ILE D 236 -11.69 -3.17 13.50
N TYR D 237 -10.41 -3.52 13.61
CA TYR D 237 -9.45 -2.97 14.60
C TYR D 237 -8.16 -2.55 13.87
N THR D 238 -7.53 -1.48 14.35
CA THR D 238 -6.15 -1.08 13.98
C THR D 238 -5.43 -0.53 15.23
N THR D 239 -4.12 -0.77 15.35
CA THR D 239 -3.27 -0.19 16.41
C THR D 239 -1.86 0.01 15.86
N GLY D 240 -1.18 1.08 16.31
CA GLY D 240 0.20 1.39 15.96
C GLY D 240 0.37 2.61 15.05
N SER D 241 -0.67 3.06 14.35
CA SER D 241 -0.55 4.17 13.36
C SER D 241 -0.17 5.48 14.05
N GLN D 242 0.63 6.30 13.38
CA GLN D 242 1.01 7.67 13.81
C GLN D 242 0.14 8.69 13.08
N ALA D 243 -0.86 8.24 12.31
CA ALA D 243 -1.76 9.08 11.49
C ALA D 243 -2.77 9.81 12.38
N THR D 244 -3.25 10.99 11.93
CA THR D 244 -4.30 11.80 12.63
C THR D 244 -5.56 10.95 12.83
N MET D 245 -6.43 11.36 13.75
CA MET D 245 -7.76 10.72 13.97
C MET D 245 -8.55 10.80 12.65
N ASP D 246 -8.52 11.94 11.95
CA ASP D 246 -9.24 12.13 10.67
C ASP D 246 -8.79 11.07 9.65
N GLU D 247 -7.48 10.80 9.58
CA GLU D 247 -6.90 9.85 8.60
C GLU D 247 -7.32 8.42 8.95
N ARG D 248 -7.41 8.07 10.23
CA ARG D 248 -7.79 6.71 10.67
C ARG D 248 -9.29 6.47 10.43
N ASN D 249 -10.11 7.48 10.73
CA ASN D 249 -11.56 7.50 10.44
C ASN D 249 -11.77 7.23 8.94
N ARG D 250 -11.11 8.01 8.08
CA ARG D 250 -11.26 7.94 6.60
C ARG D 250 -10.94 6.52 6.10
N GLN D 251 -9.93 5.84 6.66
CA GLN D 251 -9.51 4.50 6.18
C GLN D 251 -10.58 3.48 6.56
N ILE D 252 -11.15 3.57 7.75
CA ILE D 252 -12.19 2.61 8.23
C ILE D 252 -13.48 2.84 7.43
N ALA D 253 -13.85 4.11 7.22
CA ALA D 253 -15.02 4.53 6.39
C ALA D 253 -14.90 3.91 4.99
N GLU D 254 -13.70 3.97 4.39
CA GLU D 254 -13.42 3.43 3.03
C GLU D 254 -13.53 1.91 3.03
N ILE D 255 -13.19 1.23 4.13
CA ILE D 255 -13.41 -0.24 4.24
C ILE D 255 -14.92 -0.50 4.25
N GLY D 256 -15.66 0.31 5.01
CA GLY D 256 -17.14 0.27 5.06
C GLY D 256 -17.76 0.49 3.69
N ALA D 257 -17.38 1.56 2.99
CA ALA D 257 -17.86 1.87 1.62
C ALA D 257 -17.70 0.65 0.72
N SER D 258 -16.57 -0.05 0.79
CA SER D 258 -16.23 -1.22 -0.05
C SER D 258 -17.10 -2.42 0.33
N LEU D 259 -17.27 -2.65 1.63
CA LEU D 259 -18.15 -3.72 2.19
C LEU D 259 -19.58 -3.59 1.63
N ILE D 260 -20.12 -2.37 1.64
CA ILE D 260 -21.50 -2.00 1.20
C ILE D 260 -21.60 -2.18 -0.32
N LYS D 261 -20.65 -1.60 -1.05
CA LYS D 261 -20.62 -1.60 -2.53
C LYS D 261 -20.62 -3.03 -3.07
N HIS D 262 -19.90 -3.95 -2.43
CA HIS D 262 -19.72 -5.35 -2.90
C HIS D 262 -20.52 -6.33 -2.03
N TRP D 263 -21.55 -5.85 -1.31
CA TRP D 263 -22.41 -6.68 -0.40
C TRP D 263 -22.79 -7.98 -1.11
N HIS E 1 1.27 34.86 2.88
CA HIS E 1 1.48 34.92 1.39
C HIS E 1 2.93 35.32 1.13
N PRO E 2 3.61 34.71 0.13
CA PRO E 2 5.01 35.03 -0.17
C PRO E 2 5.37 36.52 -0.26
N GLU E 3 4.47 37.38 -0.76
CA GLU E 3 4.76 38.82 -0.97
C GLU E 3 4.78 39.55 0.38
N THR E 4 4.11 39.01 1.40
CA THR E 4 4.10 39.58 2.78
C THR E 4 5.45 39.27 3.44
N LEU E 5 5.94 38.05 3.23
CA LEU E 5 7.31 37.61 3.66
C LEU E 5 8.36 38.54 3.05
N VAL E 6 8.24 38.90 1.76
CA VAL E 6 9.17 39.85 1.07
C VAL E 6 9.15 41.20 1.82
N LYS E 7 7.98 41.67 2.24
CA LYS E 7 7.84 42.97 2.94
C LYS E 7 8.38 42.89 4.38
N VAL E 8 8.20 41.75 5.07
CA VAL E 8 8.76 41.56 6.44
C VAL E 8 10.27 41.70 6.36
N LYS E 9 10.89 41.05 5.37
CA LYS E 9 12.35 41.06 5.19
C LYS E 9 12.80 42.46 4.79
N ASP E 10 12.02 43.17 4.00
CA ASP E 10 12.35 44.57 3.62
C ASP E 10 12.30 45.43 4.87
N ALA E 11 11.37 45.17 5.79
CA ALA E 11 11.24 45.91 7.06
C ALA E 11 12.54 45.74 7.89
N GLU E 12 13.09 44.52 7.93
CA GLU E 12 14.40 44.25 8.60
C GLU E 12 15.46 45.19 8.02
N ASP E 13 15.56 45.28 6.68
CA ASP E 13 16.60 46.09 5.98
C ASP E 13 16.44 47.57 6.34
N GLN E 14 15.20 48.08 6.32
CA GLN E 14 14.89 49.52 6.56
C GLN E 14 15.14 49.88 8.04
N LEU E 15 14.82 48.99 8.98
CA LEU E 15 14.96 49.23 10.44
C LEU E 15 16.37 48.86 10.92
N GLY E 16 17.11 48.04 10.18
CA GLY E 16 18.41 47.50 10.63
C GLY E 16 18.27 46.75 11.93
N ALA E 17 17.27 45.86 12.01
CA ALA E 17 16.88 45.11 13.22
C ALA E 17 16.08 43.86 12.83
N ARG E 18 15.96 42.90 13.74
CA ARG E 18 15.17 41.66 13.52
C ARG E 18 13.67 42.01 13.60
N VAL E 19 12.87 41.30 12.81
CA VAL E 19 11.38 41.36 12.84
C VAL E 19 10.86 39.93 12.96
N GLY E 20 9.98 39.67 13.92
CA GLY E 20 9.28 38.39 14.08
C GLY E 20 7.86 38.52 13.62
N TYR E 21 7.31 37.51 12.95
CA TYR E 21 5.97 37.57 12.29
C TYR E 21 5.34 36.18 12.30
N ILE E 22 4.04 36.09 12.57
CA ILE E 22 3.28 34.82 12.34
C ILE E 22 1.80 35.18 12.09
N GLU E 23 1.18 34.48 11.13
CA GLU E 23 -0.28 34.44 10.86
C GLU E 23 -0.79 33.05 11.24
N LEU E 24 -1.79 32.96 12.14
CA LEU E 24 -2.57 31.72 12.40
C LEU E 24 -3.97 31.86 11.82
N ASP E 25 -4.50 30.75 11.29
CA ASP E 25 -5.97 30.57 11.12
C ASP E 25 -6.60 30.54 12.49
N LEU E 26 -7.59 31.38 12.77
CA LEU E 26 -8.23 31.50 14.11
C LEU E 26 -9.03 30.23 14.44
N ASN E 27 -9.63 29.59 13.45
CA ASN E 27 -10.52 28.42 13.62
C ASN E 27 -9.65 27.16 13.89
N SER E 28 -8.63 26.91 13.07
CA SER E 28 -7.88 25.62 13.02
C SER E 28 -6.55 25.72 13.77
N GLY E 29 -5.96 26.91 13.90
CA GLY E 29 -4.67 27.13 14.58
C GLY E 29 -3.48 26.96 13.63
N LYS E 30 -3.72 26.52 12.39
CA LYS E 30 -2.68 26.24 11.37
C LYS E 30 -1.89 27.52 11.03
N ILE E 31 -0.57 27.41 10.91
CA ILE E 31 0.36 28.52 10.57
C ILE E 31 0.25 28.80 9.07
N LEU E 32 -0.04 30.04 8.69
CA LEU E 32 -0.25 30.45 7.27
C LEU E 32 1.02 31.13 6.75
N GLU E 33 1.76 31.82 7.62
CA GLU E 33 3.03 32.51 7.25
C GLU E 33 3.83 32.79 8.53
N SER E 34 5.16 32.70 8.48
CA SER E 34 6.06 32.91 9.65
C SER E 34 7.42 33.45 9.21
N PHE E 35 8.05 34.20 10.11
CA PHE E 35 9.46 34.64 10.01
C PHE E 35 9.99 34.86 11.44
N ARG E 36 11.08 34.17 11.77
CA ARG E 36 11.66 34.10 13.14
C ARG E 36 10.55 33.74 14.13
N PRO E 37 9.73 32.69 13.87
CA PRO E 37 8.59 32.36 14.72
C PRO E 37 8.97 32.00 16.16
N GLU E 38 10.16 31.44 16.35
CA GLU E 38 10.63 30.89 17.67
C GLU E 38 11.83 31.67 18.21
N GLU E 39 12.05 32.92 17.79
CA GLU E 39 13.01 33.86 18.41
C GLU E 39 12.29 34.73 19.44
N ARG E 40 12.98 35.18 20.47
CA ARG E 40 12.39 35.93 21.59
C ARG E 40 12.43 37.44 21.30
N PHE E 41 11.39 38.15 21.71
CA PHE E 41 11.29 39.64 21.61
C PHE E 41 10.64 40.14 22.89
N PRO E 42 10.93 41.39 23.31
CA PRO E 42 10.17 42.02 24.40
C PRO E 42 8.69 42.14 24.05
N MET E 43 7.80 41.72 24.95
CA MET E 43 6.32 41.86 24.77
C MET E 43 5.91 43.32 24.83
N MET E 44 6.56 44.13 25.67
CA MET E 44 6.10 45.51 26.00
C MET E 44 4.62 45.43 26.43
N SER E 45 3.78 46.44 26.14
CA SER E 45 2.36 46.48 26.60
C SER E 45 1.52 45.34 26.01
N THR E 46 2.04 44.51 25.09
CA THR E 46 1.21 43.39 24.55
C THR E 46 0.89 42.38 25.66
N PHE E 47 1.65 42.35 26.76
CA PHE E 47 1.37 41.45 27.91
C PHE E 47 0.01 41.77 28.55
N LYS E 48 -0.46 43.02 28.49
CA LYS E 48 -1.69 43.46 29.18
C LYS E 48 -2.91 42.63 28.74
N VAL E 49 -2.90 42.03 27.56
CA VAL E 49 -3.99 41.12 27.11
C VAL E 49 -3.91 39.81 27.88
N LEU E 50 -2.71 39.28 28.07
CA LEU E 50 -2.47 38.03 28.84
C LEU E 50 -2.91 38.26 30.30
N LEU E 51 -2.63 39.45 30.85
CA LEU E 51 -2.96 39.84 32.24
C LEU E 51 -4.46 39.78 32.45
N CYS E 52 -5.23 40.43 31.57
CA CYS E 52 -6.71 40.49 31.70
C CYS E 52 -7.29 39.09 31.40
N GLY E 53 -6.59 38.25 30.64
CA GLY E 53 -6.97 36.84 30.48
C GLY E 53 -6.88 36.08 31.79
N ALA E 54 -5.81 36.30 32.55
CA ALA E 54 -5.58 35.72 33.88
C ALA E 54 -6.67 36.22 34.85
N VAL E 55 -7.01 37.50 34.79
CA VAL E 55 -8.05 38.12 35.65
C VAL E 55 -9.40 37.47 35.36
N LEU E 56 -9.78 37.35 34.10
CA LEU E 56 -11.07 36.74 33.68
C LEU E 56 -11.09 35.28 34.12
N SER E 57 -9.98 34.56 34.06
CA SER E 57 -9.89 33.14 34.51
C SER E 57 -10.28 33.03 36.00
N ARG E 58 -9.85 33.99 36.82
CA ARG E 58 -10.20 34.05 38.26
C ARG E 58 -11.68 34.45 38.41
N ILE E 59 -12.19 35.34 37.56
CA ILE E 59 -13.64 35.69 37.63
C ILE E 59 -14.45 34.41 37.35
N ASP E 60 -14.06 33.63 36.35
CA ASP E 60 -14.72 32.36 35.96
C ASP E 60 -14.70 31.38 37.13
N ALA E 61 -13.65 31.39 37.96
CA ALA E 61 -13.45 30.42 39.07
C ALA E 61 -14.09 30.92 40.39
N GLY E 62 -14.69 32.11 40.39
CA GLY E 62 -15.34 32.73 41.57
C GLY E 62 -14.33 33.26 42.57
N GLN E 63 -13.24 33.86 42.11
CA GLN E 63 -12.11 34.35 42.95
C GLN E 63 -11.89 35.84 42.74
N GLU E 64 -12.72 36.44 41.90
CA GLU E 64 -12.65 37.86 41.48
C GLU E 64 -14.01 38.22 40.86
N GLN E 65 -14.31 39.52 40.82
CA GLN E 65 -15.54 40.05 40.19
C GLN E 65 -15.20 41.29 39.33
N LEU E 66 -15.80 41.39 38.15
CA LEU E 66 -15.67 42.58 37.27
C LEU E 66 -16.07 43.83 38.05
N GLY E 67 -17.04 43.73 38.95
CA GLY E 67 -17.59 44.86 39.72
C GLY E 67 -16.80 45.24 40.96
N ARG E 68 -15.75 44.50 41.34
CA ARG E 68 -15.01 44.83 42.59
C ARG E 68 -14.25 46.14 42.40
N ARG E 69 -14.41 47.07 43.33
CA ARG E 69 -13.81 48.42 43.30
C ARG E 69 -12.50 48.40 44.06
N ILE E 70 -11.43 48.93 43.46
CA ILE E 70 -10.08 48.98 44.03
C ILE E 70 -9.70 50.44 44.27
N HIS E 71 -9.27 50.74 45.49
CA HIS E 71 -8.77 52.08 45.90
C HIS E 71 -7.25 52.03 45.90
N TYR E 72 -6.60 53.12 45.48
CA TYR E 72 -5.13 53.23 45.35
C TYR E 72 -4.77 54.68 45.73
N SER E 73 -3.48 55.03 45.69
CA SER E 73 -3.00 56.37 46.10
C SER E 73 -2.11 56.98 45.00
N GLN E 74 -1.81 58.26 45.16
CA GLN E 74 -0.79 59.07 44.42
C GLN E 74 0.45 58.19 44.14
N ASN E 75 0.90 57.47 45.16
CA ASN E 75 2.18 56.72 45.25
C ASN E 75 2.15 55.49 44.34
N ASP E 76 0.97 55.06 43.87
CA ASP E 76 0.83 53.91 42.92
C ASP E 76 0.99 54.38 41.45
N LEU E 77 0.78 55.67 41.17
CA LEU E 77 0.77 56.25 39.80
C LEU E 77 2.19 56.19 39.20
N VAL E 78 2.34 55.55 38.04
CA VAL E 78 3.58 55.57 37.24
C VAL E 78 3.33 56.39 35.96
N GLU E 79 4.35 56.57 35.11
CA GLU E 79 4.22 57.39 33.87
C GLU E 79 3.19 56.75 32.92
N TYR E 80 2.41 57.62 32.28
CA TYR E 80 1.27 57.36 31.38
C TYR E 80 0.16 56.57 32.10
N SER E 81 -0.68 57.33 32.78
CA SER E 81 -1.82 56.84 33.58
C SER E 81 -3.03 57.77 33.33
N PRO E 82 -3.47 57.87 32.06
CA PRO E 82 -4.49 58.84 31.67
C PRO E 82 -5.86 58.63 32.33
N VAL E 83 -6.20 57.37 32.65
CA VAL E 83 -7.48 57.03 33.35
C VAL E 83 -7.24 56.99 34.87
N THR E 84 -6.27 56.22 35.36
CA THR E 84 -6.05 56.00 36.82
C THR E 84 -5.76 57.32 37.54
N GLU E 85 -5.06 58.28 36.91
CA GLU E 85 -4.73 59.58 37.55
C GLU E 85 -5.99 60.39 37.87
N LYS E 86 -7.14 60.05 37.28
CA LYS E 86 -8.41 60.82 37.40
C LYS E 86 -9.32 60.22 38.49
N HIS E 87 -8.97 59.08 39.07
CA HIS E 87 -9.85 58.32 40.00
C HIS E 87 -9.15 58.05 41.33
N LEU E 88 -8.38 59.00 41.84
CA LEU E 88 -7.66 58.84 43.13
C LEU E 88 -8.70 58.71 44.25
N THR E 89 -9.73 59.55 44.24
CA THR E 89 -10.69 59.69 45.37
C THR E 89 -11.77 58.60 45.34
N ASP E 90 -12.20 58.12 44.18
CA ASP E 90 -13.37 57.20 44.08
C ASP E 90 -12.92 55.77 43.71
N GLY E 91 -11.68 55.58 43.25
CA GLY E 91 -11.16 54.26 42.84
C GLY E 91 -11.70 53.80 41.50
N MET E 92 -11.43 52.56 41.11
CA MET E 92 -11.85 51.95 39.82
C MET E 92 -12.23 50.48 40.02
N THR E 93 -13.17 49.98 39.24
CA THR E 93 -13.58 48.56 39.23
C THR E 93 -12.57 47.76 38.41
N VAL E 94 -12.52 46.44 38.61
CA VAL E 94 -11.64 45.54 37.82
C VAL E 94 -11.98 45.74 36.34
N ARG E 95 -13.27 45.75 36.01
CA ARG E 95 -13.80 46.03 34.64
C ARG E 95 -13.14 47.29 34.07
N GLU E 96 -13.16 48.40 34.80
CA GLU E 96 -12.62 49.72 34.36
C GLU E 96 -11.09 49.63 34.22
N LEU E 97 -10.41 48.85 35.07
CA LEU E 97 -8.93 48.75 35.07
C LEU E 97 -8.48 47.99 33.81
N CYS E 98 -9.13 46.88 33.49
CA CYS E 98 -8.83 46.09 32.27
C CYS E 98 -9.12 46.94 31.01
N SER E 99 -10.22 47.68 30.97
CA SER E 99 -10.53 48.62 29.86
C SER E 99 -9.41 49.64 29.73
N ALA E 100 -8.97 50.25 30.85
CA ALA E 100 -7.93 51.30 30.84
C ALA E 100 -6.58 50.69 30.43
N ALA E 101 -6.28 49.47 30.87
CA ALA E 101 -4.98 48.83 30.54
C ALA E 101 -4.93 48.50 29.04
N ILE E 102 -5.96 47.83 28.53
CA ILE E 102 -5.95 47.34 27.13
C ILE E 102 -6.24 48.52 26.19
N THR E 103 -7.33 49.24 26.36
CA THR E 103 -7.80 50.29 25.42
C THR E 103 -6.93 51.56 25.52
N MET E 104 -6.63 52.08 26.70
CA MET E 104 -5.95 53.40 26.89
C MET E 104 -4.47 53.19 27.24
N SER E 105 -3.99 51.96 27.22
CA SER E 105 -2.65 51.52 27.72
C SER E 105 -2.21 52.29 28.99
N ASP E 106 -3.05 52.25 30.02
CA ASP E 106 -2.79 52.85 31.35
C ASP E 106 -1.82 51.94 32.09
N ASN E 107 -0.66 52.45 32.48
CA ASN E 107 0.42 51.66 33.12
C ASN E 107 0.09 51.35 34.59
N THR E 108 -0.39 52.36 35.34
CA THR E 108 -0.83 52.17 36.75
C THR E 108 -1.91 51.09 36.78
N ALA E 109 -2.81 51.10 35.79
CA ALA E 109 -3.93 50.13 35.73
C ALA E 109 -3.37 48.71 35.62
N ALA E 110 -2.37 48.50 34.78
CA ALA E 110 -1.72 47.19 34.60
C ALA E 110 -1.06 46.75 35.93
N ASN E 111 -0.40 47.67 36.63
CA ASN E 111 0.29 47.35 37.92
C ASN E 111 -0.76 46.93 38.97
N LEU E 112 -1.88 47.67 39.09
CA LEU E 112 -2.96 47.37 40.06
C LEU E 112 -3.54 45.97 39.79
N LEU E 113 -3.67 45.60 38.52
CA LEU E 113 -4.24 44.29 38.10
C LEU E 113 -3.24 43.17 38.40
N LEU E 114 -1.95 43.41 38.15
CA LEU E 114 -0.86 42.46 38.52
C LEU E 114 -0.93 42.19 40.03
N THR E 115 -1.15 43.24 40.84
CA THR E 115 -1.27 43.12 42.32
C THR E 115 -2.44 42.16 42.63
N THR E 116 -3.58 42.25 41.93
CA THR E 116 -4.78 41.40 42.21
C THR E 116 -4.45 39.92 41.99
N ILE E 117 -3.51 39.55 41.14
CA ILE E 117 -3.27 38.11 40.81
C ILE E 117 -2.01 37.60 41.50
N GLY E 118 -1.24 38.50 42.15
CA GLY E 118 -0.03 38.14 42.92
C GLY E 118 1.26 38.41 42.18
N GLY E 119 1.25 39.27 41.15
CA GLY E 119 2.47 39.83 40.52
C GLY E 119 2.91 39.06 39.28
N PRO E 120 4.00 39.50 38.62
CA PRO E 120 4.48 38.88 37.37
C PRO E 120 4.63 37.35 37.40
N LYS E 121 5.09 36.79 38.50
CA LYS E 121 5.37 35.33 38.58
C LYS E 121 4.06 34.53 38.50
N GLU E 122 2.93 35.13 38.90
CA GLU E 122 1.60 34.45 38.87
C GLU E 122 1.01 34.55 37.45
N LEU E 123 1.30 35.60 36.68
CA LEU E 123 0.95 35.64 35.24
C LEU E 123 1.72 34.53 34.51
N THR E 124 3.00 34.35 34.84
CA THR E 124 3.86 33.31 34.21
C THR E 124 3.30 31.92 34.55
N ALA E 125 2.77 31.74 35.77
CA ALA E 125 2.27 30.42 36.24
C ALA E 125 0.94 30.13 35.52
N PHE E 126 0.11 31.15 35.32
CA PHE E 126 -1.14 31.06 34.54
C PHE E 126 -0.81 30.55 33.13
N LEU E 127 0.17 31.18 32.48
CA LEU E 127 0.58 30.85 31.09
C LEU E 127 1.15 29.43 31.05
N HIS E 128 2.04 29.09 31.99
CA HIS E 128 2.65 27.75 32.08
C HIS E 128 1.54 26.68 32.18
N ASN E 129 0.47 26.96 32.93
CA ASN E 129 -0.57 25.97 33.27
C ASN E 129 -1.47 25.68 32.06
N MET E 130 -1.62 26.63 31.12
CA MET E 130 -2.42 26.44 29.89
C MET E 130 -1.52 26.09 28.70
N GLY E 131 -0.25 25.74 28.94
CA GLY E 131 0.61 25.07 27.95
C GLY E 131 1.60 26.00 27.28
N ASP E 132 1.65 27.30 27.62
CA ASP E 132 2.67 28.26 27.11
C ASP E 132 3.88 28.23 28.05
N HIS E 133 4.88 27.40 27.70
CA HIS E 133 6.12 27.15 28.48
C HIS E 133 7.19 28.21 28.12
N VAL E 134 6.87 29.22 27.31
CA VAL E 134 7.87 30.15 26.73
C VAL E 134 7.65 31.59 27.21
N THR E 135 6.44 32.14 27.04
CA THR E 135 6.11 33.54 27.42
C THR E 135 6.33 33.72 28.93
N ARG E 136 6.89 34.85 29.36
CA ARG E 136 7.21 35.11 30.78
C ARG E 136 7.21 36.62 31.09
N LEU E 137 6.50 37.02 32.14
CA LEU E 137 6.64 38.37 32.72
C LEU E 137 7.47 38.26 34.01
N ASP E 138 8.40 39.19 34.20
CA ASP E 138 9.36 39.18 35.33
C ASP E 138 9.29 40.48 36.12
N ARG E 139 8.90 41.60 35.48
CA ARG E 139 8.93 42.95 36.07
C ARG E 139 7.60 43.67 35.86
N TRP E 140 7.46 44.84 36.49
CA TRP E 140 6.25 45.67 36.49
C TRP E 140 6.44 46.82 35.50
N GLU E 141 5.43 47.65 35.30
CA GLU E 141 5.59 48.94 34.58
C GLU E 141 6.32 49.91 35.50
N PRO E 142 7.31 50.71 35.02
CA PRO E 142 7.74 50.75 33.62
C PRO E 142 8.95 49.92 33.18
N GLU E 143 9.57 49.14 34.07
CA GLU E 143 10.93 48.62 33.78
C GLU E 143 10.86 47.30 32.98
N LEU E 144 9.67 46.75 32.71
CA LEU E 144 9.52 45.54 31.85
C LEU E 144 9.76 45.91 30.36
N ASN E 145 10.00 47.20 30.06
CA ASN E 145 10.17 47.74 28.68
C ASN E 145 11.65 47.96 28.33
N GLU E 146 12.60 47.50 29.16
CA GLU E 146 14.04 47.88 29.07
C GLU E 146 14.69 47.28 27.81
N ALA E 147 14.30 46.07 27.43
CA ALA E 147 14.68 45.40 26.15
C ALA E 147 16.22 45.31 26.02
N ILE E 148 16.91 44.93 27.10
CA ILE E 148 18.37 44.64 27.03
C ILE E 148 18.57 43.50 26.02
N PRO E 149 19.52 43.59 25.07
CA PRO E 149 19.75 42.51 24.12
C PRO E 149 20.08 41.17 24.81
N ASN E 150 19.42 40.10 24.37
CA ASN E 150 19.63 38.68 24.80
C ASN E 150 19.06 38.44 26.20
N ASP E 151 18.42 39.45 26.81
CA ASP E 151 17.76 39.34 28.14
C ASP E 151 16.38 38.71 27.90
N GLU E 152 16.12 37.53 28.49
CA GLU E 152 14.91 36.73 28.24
C GLU E 152 13.76 37.17 29.17
N ARG E 153 14.01 38.11 30.08
CA ARG E 153 12.95 38.69 30.94
C ARG E 153 11.91 39.43 30.08
N ASP E 154 10.62 39.28 30.39
CA ASP E 154 9.51 40.08 29.82
C ASP E 154 9.44 39.87 28.31
N THR E 155 9.67 38.63 27.85
CA THR E 155 9.76 38.22 26.42
C THR E 155 8.77 37.11 26.10
N THR E 156 8.44 37.00 24.80
CA THR E 156 7.70 35.87 24.18
C THR E 156 8.36 35.55 22.85
N MET E 157 7.88 34.50 22.19
CA MET E 157 8.16 34.23 20.75
C MET E 157 6.86 34.53 19.99
N PRO E 158 6.92 35.00 18.71
CA PRO E 158 5.71 35.21 17.93
C PRO E 158 4.75 34.00 17.94
N ALA E 159 5.27 32.79 17.73
CA ALA E 159 4.48 31.54 17.65
C ALA E 159 3.80 31.25 18.98
N ALA E 160 4.49 31.49 20.10
CA ALA E 160 3.96 31.25 21.47
C ALA E 160 2.82 32.24 21.74
N MET E 161 3.06 33.53 21.50
CA MET E 161 2.08 34.62 21.73
C MET E 161 0.82 34.38 20.88
N ALA E 162 0.98 33.94 19.64
CA ALA E 162 -0.14 33.74 18.70
C ALA E 162 -0.99 32.55 19.16
N THR E 163 -0.36 31.44 19.53
CA THR E 163 -1.07 30.23 20.05
C THR E 163 -1.84 30.59 21.32
N THR E 164 -1.23 31.40 22.21
CA THR E 164 -1.82 31.74 23.53
C THR E 164 -3.05 32.63 23.27
N LEU E 165 -2.89 33.68 22.47
CA LEU E 165 -4.01 34.60 22.13
C LEU E 165 -5.17 33.79 21.55
N ARG E 166 -4.90 32.85 20.66
CA ARG E 166 -5.95 32.02 20.03
C ARG E 166 -6.71 31.22 21.11
N LYS E 167 -5.98 30.66 22.08
CA LYS E 167 -6.58 29.81 23.15
C LYS E 167 -7.43 30.66 24.11
N LEU E 168 -7.09 31.94 24.32
CA LEU E 168 -7.87 32.87 25.17
C LEU E 168 -9.15 33.34 24.45
N LEU E 169 -9.10 33.57 23.14
CA LEU E 169 -10.24 34.15 22.37
C LEU E 169 -11.21 33.05 21.91
N THR E 170 -10.75 31.81 21.74
CA THR E 170 -11.56 30.65 21.24
C THR E 170 -11.28 29.41 22.11
N GLY E 171 -12.09 28.36 22.05
CA GLY E 171 -11.86 27.18 22.92
C GLY E 171 -12.20 27.46 24.38
N GLU E 172 -12.04 26.46 25.25
CA GLU E 172 -12.79 26.34 26.55
C GLU E 172 -12.01 26.91 27.74
N LEU E 173 -10.89 27.62 27.52
CA LEU E 173 -10.00 28.12 28.60
C LEU E 173 -10.72 29.17 29.45
N LEU E 174 -11.32 30.18 28.82
CA LEU E 174 -12.27 31.13 29.46
C LEU E 174 -13.70 30.72 29.08
N THR E 175 -14.69 31.16 29.86
CA THR E 175 -16.13 30.99 29.55
C THR E 175 -16.49 31.85 28.34
N LEU E 176 -17.64 31.57 27.72
CA LEU E 176 -18.16 32.31 26.55
C LEU E 176 -18.21 33.82 26.87
N ALA E 177 -18.73 34.20 28.06
CA ALA E 177 -18.93 35.62 28.44
C ALA E 177 -17.58 36.34 28.58
N SER E 178 -16.57 35.65 29.12
CA SER E 178 -15.19 36.18 29.37
C SER E 178 -14.40 36.28 28.04
N ARG E 179 -14.49 35.29 27.17
CA ARG E 179 -13.94 35.38 25.78
C ARG E 179 -14.44 36.66 25.11
N GLN E 180 -15.76 36.86 25.14
CA GLN E 180 -16.42 38.02 24.48
C GLN E 180 -15.88 39.30 25.13
N GLN E 181 -15.73 39.33 26.46
CA GLN E 181 -15.29 40.56 27.16
C GLN E 181 -13.85 40.89 26.74
N LEU E 182 -12.98 39.88 26.59
CA LEU E 182 -11.55 40.11 26.28
C LEU E 182 -11.45 40.69 24.87
N ILE E 183 -12.06 40.02 23.89
CA ILE E 183 -12.04 40.50 22.48
C ILE E 183 -12.72 41.88 22.42
N ASP E 184 -13.75 42.13 23.23
CA ASP E 184 -14.47 43.45 23.28
C ASP E 184 -13.51 44.57 23.71
N TRP E 185 -12.71 44.33 24.75
CA TRP E 185 -11.70 45.30 25.24
C TRP E 185 -10.68 45.58 24.12
N MET E 186 -10.25 44.54 23.40
CA MET E 186 -9.23 44.65 22.33
C MET E 186 -9.83 45.41 21.13
N GLU E 187 -11.14 45.29 20.89
CA GLU E 187 -11.83 45.88 19.71
C GLU E 187 -12.09 47.37 19.93
N ALA E 188 -12.27 47.83 21.17
CA ALA E 188 -12.72 49.20 21.50
C ALA E 188 -11.85 50.25 20.80
N ASP E 189 -12.46 51.37 20.40
CA ASP E 189 -11.85 52.53 19.69
C ASP E 189 -10.67 53.13 20.49
N LYS E 190 -9.51 53.28 19.81
CA LYS E 190 -8.31 54.04 20.25
C LYS E 190 -8.19 55.31 19.40
N VAL E 191 -7.69 56.41 20.00
CA VAL E 191 -7.72 57.79 19.42
C VAL E 191 -6.96 57.80 18.09
N ALA E 192 -5.78 57.15 18.06
CA ALA E 192 -4.98 56.87 16.85
C ALA E 192 -4.39 55.45 16.92
N GLY E 193 -4.41 54.76 15.76
CA GLY E 193 -3.71 53.50 15.47
C GLY E 193 -2.90 53.68 14.19
N PRO E 194 -1.57 53.95 14.29
CA PRO E 194 -0.71 54.06 13.12
C PRO E 194 -0.18 52.70 12.64
N LEU E 195 -0.57 51.59 13.26
CA LEU E 195 -0.11 50.23 12.89
C LEU E 195 -1.16 49.57 11.97
N LEU E 196 -1.76 48.43 12.34
CA LEU E 196 -2.67 47.65 11.47
C LEU E 196 -3.97 48.41 11.18
N ARG E 197 -4.47 49.23 12.12
CA ARG E 197 -5.77 49.96 11.97
C ARG E 197 -5.72 50.98 10.82
N SER E 198 -4.54 51.51 10.46
CA SER E 198 -4.33 52.52 9.39
C SER E 198 -4.46 51.88 7.99
N ALA E 199 -4.19 50.57 7.90
CA ALA E 199 -4.20 49.77 6.65
C ALA E 199 -5.51 48.98 6.54
N LEU E 200 -6.37 49.08 7.55
CA LEU E 200 -7.58 48.23 7.66
C LEU E 200 -8.75 48.98 7.07
N PRO E 201 -9.47 48.39 6.09
CA PRO E 201 -10.61 49.06 5.49
C PRO E 201 -11.86 48.96 6.35
N ALA E 202 -12.84 49.80 6.06
CA ALA E 202 -14.19 49.75 6.62
C ALA E 202 -14.78 48.35 6.38
N GLY E 203 -15.51 47.83 7.35
CA GLY E 203 -16.18 46.52 7.27
C GLY E 203 -15.32 45.41 7.83
N TRP E 204 -14.01 45.61 7.96
CA TRP E 204 -13.12 44.63 8.60
C TRP E 204 -13.18 44.77 10.13
N PHE E 205 -13.15 43.62 10.81
CA PHE E 205 -13.04 43.50 12.28
C PHE E 205 -11.55 43.49 12.65
N ILE E 206 -11.18 44.32 13.62
CA ILE E 206 -9.85 44.20 14.27
C ILE E 206 -10.01 44.34 15.78
N ALA E 207 -9.43 43.39 16.49
CA ALA E 207 -9.20 43.42 17.94
C ALA E 207 -7.70 43.25 18.17
N ASP E 208 -7.06 44.29 18.71
CA ASP E 208 -5.57 44.35 18.77
C ASP E 208 -5.07 44.97 20.09
N LYS E 209 -3.77 44.85 20.29
CA LYS E 209 -3.00 45.53 21.35
C LYS E 209 -1.59 45.78 20.83
N SER E 210 -1.16 47.03 20.87
CA SER E 210 0.15 47.48 20.38
C SER E 210 1.14 47.60 21.55
N GLY E 211 2.44 47.70 21.23
CA GLY E 211 3.56 47.69 22.16
C GLY E 211 4.70 48.56 21.67
N ALA E 212 5.30 49.34 22.58
CA ALA E 212 6.55 50.11 22.36
C ALA E 212 7.42 49.99 23.61
N GLY E 213 8.74 49.94 23.41
CA GLY E 213 9.71 49.91 24.52
C GLY E 213 10.98 50.63 24.15
N GLU E 214 12.02 50.41 24.95
CA GLU E 214 13.36 51.00 24.76
C GLU E 214 14.02 50.28 23.59
N ARG E 215 15.10 50.88 23.07
CA ARG E 215 15.98 50.25 22.04
C ARG E 215 15.14 49.87 20.81
N GLY E 216 14.25 50.76 20.39
CA GLY E 216 13.48 50.64 19.14
C GLY E 216 12.51 49.47 19.15
N SER E 217 12.12 48.99 20.34
CA SER E 217 11.11 47.92 20.55
C SER E 217 9.74 48.41 20.07
N ARG E 218 9.04 47.57 19.30
CA ARG E 218 7.69 47.86 18.73
C ARG E 218 7.01 46.53 18.39
N GLY E 219 5.69 46.48 18.56
CA GLY E 219 4.96 45.23 18.31
C GLY E 219 3.46 45.46 18.24
N ILE E 220 2.75 44.42 17.83
CA ILE E 220 1.27 44.37 17.86
C ILE E 220 0.81 42.92 17.76
N ILE E 221 -0.23 42.59 18.52
CA ILE E 221 -0.98 41.31 18.42
C ILE E 221 -2.41 41.67 17.99
N ALA E 222 -3.05 40.84 17.16
CA ALA E 222 -4.37 41.16 16.56
C ALA E 222 -5.14 39.89 16.17
N ALA E 223 -6.44 39.91 16.41
CA ALA E 223 -7.44 39.04 15.75
C ALA E 223 -8.20 39.93 14.75
N LEU E 224 -8.23 39.56 13.47
CA LEU E 224 -8.83 40.42 12.41
C LEU E 224 -9.36 39.56 11.28
N GLY E 225 -10.32 40.11 10.52
CA GLY E 225 -10.83 39.49 9.28
C GLY E 225 -11.82 40.38 8.54
N PRO E 226 -12.23 39.99 7.32
CA PRO E 226 -13.25 40.75 6.59
C PRO E 226 -14.66 40.42 7.12
N ASP E 227 -15.67 41.15 6.67
CA ASP E 227 -17.11 40.84 6.88
C ASP E 227 -17.47 40.97 8.38
N GLY E 228 -16.78 41.84 9.10
CA GLY E 228 -17.08 42.20 10.50
C GLY E 228 -16.82 41.06 11.49
N LYS E 229 -16.04 40.04 11.12
CA LYS E 229 -15.67 38.89 11.99
C LYS E 229 -14.16 38.63 11.92
N PRO E 230 -13.51 38.22 13.03
CA PRO E 230 -12.11 37.80 12.99
C PRO E 230 -12.01 36.39 12.41
N SER E 231 -10.96 36.14 11.60
CA SER E 231 -10.64 34.78 11.08
C SER E 231 -9.12 34.49 11.12
N ARG E 232 -8.27 35.45 11.49
CA ARG E 232 -6.82 35.22 11.67
C ARG E 232 -6.25 35.93 12.91
N ILE E 233 -5.23 35.30 13.51
CA ILE E 233 -4.32 35.94 14.49
C ILE E 233 -3.06 36.39 13.75
N VAL E 234 -2.59 37.59 14.04
CA VAL E 234 -1.33 38.17 13.51
C VAL E 234 -0.51 38.72 14.67
N VAL E 235 0.78 38.33 14.74
CA VAL E 235 1.74 38.83 15.75
C VAL E 235 2.95 39.38 15.02
N ILE E 236 3.32 40.63 15.28
CA ILE E 236 4.54 41.33 14.75
C ILE E 236 5.34 41.93 15.92
N TYR E 237 6.63 41.60 16.01
CA TYR E 237 7.59 42.20 16.98
C TYR E 237 8.86 42.65 16.25
N THR E 238 9.46 43.76 16.68
CA THR E 238 10.85 44.18 16.32
C THR E 238 11.54 44.77 17.56
N THR E 239 12.86 44.59 17.66
CA THR E 239 13.70 45.23 18.71
C THR E 239 15.10 45.46 18.14
N GLY E 240 15.74 46.55 18.54
CA GLY E 240 17.14 46.87 18.22
C GLY E 240 17.32 48.08 17.31
N SER E 241 16.28 48.49 16.56
CA SER E 241 16.38 49.57 15.55
C SER E 241 16.69 50.91 16.22
N GLN E 242 17.46 51.74 15.54
CA GLN E 242 17.76 53.13 15.96
C GLN E 242 16.84 54.11 15.21
N ALA E 243 15.87 53.61 14.44
CA ALA E 243 14.93 54.40 13.62
C ALA E 243 13.89 55.09 14.51
N THR E 244 13.40 56.25 14.08
CA THR E 244 12.34 57.06 14.76
C THR E 244 11.10 56.19 14.96
N MET E 245 10.21 56.60 15.88
CA MET E 245 8.91 55.93 16.10
C MET E 245 8.11 55.96 14.78
N ASP E 246 8.11 57.08 14.06
CA ASP E 246 7.38 57.26 12.77
C ASP E 246 7.85 56.20 11.78
N GLU E 247 9.17 55.95 11.70
CA GLU E 247 9.78 54.99 10.73
C GLU E 247 9.37 53.57 11.09
N ARG E 248 9.28 53.23 12.38
CA ARG E 248 8.93 51.87 12.84
C ARG E 248 7.45 51.60 12.60
N ASN E 249 6.59 52.60 12.90
CA ASN E 249 5.14 52.60 12.62
C ASN E 249 4.93 52.31 11.12
N ARG E 250 5.58 53.07 10.25
CA ARG E 250 5.41 52.99 8.78
C ARG E 250 5.74 51.56 8.28
N GLN E 251 6.78 50.92 8.84
CA GLN E 251 7.21 49.58 8.38
C GLN E 251 6.15 48.55 8.78
N ILE E 252 5.58 48.66 9.97
CA ILE E 252 4.59 47.68 10.49
C ILE E 252 3.28 47.88 9.71
N ALA E 253 2.87 49.13 9.48
CA ALA E 253 1.69 49.51 8.66
C ALA E 253 1.80 48.86 7.28
N GLU E 254 2.98 48.93 6.66
CA GLU E 254 3.24 48.36 5.31
C GLU E 254 3.17 46.83 5.35
N ILE E 255 3.53 46.19 6.45
CA ILE E 255 3.34 44.72 6.60
C ILE E 255 1.84 44.44 6.62
N GLY E 256 1.09 45.25 7.37
CA GLY E 256 -0.38 45.19 7.46
C GLY E 256 -1.04 45.34 6.09
N ALA E 257 -0.69 46.40 5.35
CA ALA E 257 -1.19 46.66 3.98
C ALA E 257 -1.04 45.40 3.12
N SER E 258 0.12 44.74 3.19
CA SER E 258 0.47 43.55 2.37
C SER E 258 -0.36 42.33 2.80
N LEU E 259 -0.52 42.15 4.11
CA LEU E 259 -1.33 41.06 4.70
C LEU E 259 -2.79 41.13 4.15
N ILE E 260 -3.36 42.34 4.14
CA ILE E 260 -4.75 42.67 3.71
C ILE E 260 -4.86 42.45 2.19
N LYS E 261 -3.93 43.04 1.44
CA LYS E 261 -3.91 43.02 -0.03
C LYS E 261 -3.91 41.58 -0.56
N HIS E 262 -3.16 40.69 0.10
CA HIS E 262 -2.94 39.29 -0.35
C HIS E 262 -3.71 38.30 0.53
N TRP E 263 -4.76 38.77 1.23
CA TRP E 263 -5.58 37.94 2.15
C TRP E 263 -5.94 36.61 1.47
N HIS F 1 21.23 -34.34 21.55
CA HIS F 1 22.15 -34.53 22.72
C HIS F 1 23.52 -34.95 22.19
N PRO F 2 24.64 -34.45 22.78
CA PRO F 2 25.98 -34.81 22.31
C PRO F 2 26.27 -36.32 22.12
N GLU F 3 25.67 -37.20 22.93
CA GLU F 3 25.94 -38.66 22.88
C GLU F 3 25.27 -39.27 21.65
N THR F 4 24.21 -38.64 21.13
CA THR F 4 23.50 -39.07 19.89
C THR F 4 24.38 -38.73 18.68
N LEU F 5 24.97 -37.53 18.70
CA LEU F 5 25.98 -37.07 17.71
C LEU F 5 27.16 -38.05 17.65
N VAL F 6 27.66 -38.52 18.80
CA VAL F 6 28.76 -39.53 18.89
C VAL F 6 28.30 -40.80 18.16
N LYS F 7 27.05 -41.23 18.31
CA LYS F 7 26.53 -42.48 17.67
C LYS F 7 26.32 -42.26 16.16
N VAL F 8 25.89 -41.07 15.75
CA VAL F 8 25.74 -40.75 14.29
C VAL F 8 27.12 -40.90 13.64
N LYS F 9 28.16 -40.35 14.25
CA LYS F 9 29.55 -40.40 13.73
C LYS F 9 30.05 -41.84 13.75
N ASP F 10 29.69 -42.62 14.76
CA ASP F 10 30.08 -44.06 14.82
C ASP F 10 29.40 -44.80 13.67
N ALA F 11 28.16 -44.42 13.33
CA ALA F 11 27.41 -45.03 12.21
C ALA F 11 28.17 -44.78 10.89
N GLU F 12 28.69 -43.56 10.70
CA GLU F 12 29.53 -43.21 9.53
C GLU F 12 30.72 -44.19 9.44
N ASP F 13 31.43 -44.43 10.55
CA ASP F 13 32.62 -45.30 10.59
C ASP F 13 32.24 -46.73 10.21
N GLN F 14 31.14 -47.25 10.75
CA GLN F 14 30.68 -48.65 10.56
C GLN F 14 30.20 -48.86 9.12
N LEU F 15 29.50 -47.87 8.54
CA LEU F 15 28.92 -47.97 7.17
C LEU F 15 29.95 -47.54 6.11
N GLY F 16 30.97 -46.78 6.47
CA GLY F 16 31.92 -46.18 5.51
C GLY F 16 31.19 -45.30 4.51
N ALA F 17 30.32 -44.43 5.02
CA ALA F 17 29.42 -43.56 4.23
C ALA F 17 28.96 -42.38 5.09
N ARG F 18 28.48 -41.32 4.43
CA ARG F 18 27.93 -40.12 5.11
C ARG F 18 26.56 -40.45 5.71
N VAL F 19 26.26 -39.84 6.86
CA VAL F 19 24.94 -39.91 7.53
C VAL F 19 24.49 -38.48 7.80
N GLY F 20 23.29 -38.12 7.36
CA GLY F 20 22.66 -36.81 7.66
C GLY F 20 21.61 -37.00 8.72
N TYR F 21 21.51 -36.06 9.66
CA TYR F 21 20.67 -36.18 10.87
C TYR F 21 20.17 -34.79 11.29
N ILE F 22 18.90 -34.68 11.69
CA ILE F 22 18.38 -33.44 12.35
C ILE F 22 17.20 -33.82 13.25
N GLU F 23 17.15 -33.20 14.45
CA GLU F 23 16.01 -33.16 15.39
C GLU F 23 15.45 -31.74 15.40
N LEU F 24 14.16 -31.55 15.07
CA LEU F 24 13.43 -30.27 15.31
C LEU F 24 12.46 -30.45 16.48
N ASP F 25 12.32 -29.41 17.31
CA ASP F 25 11.14 -29.22 18.18
C ASP F 25 9.93 -29.02 17.27
N LEU F 26 8.87 -29.81 17.45
CA LEU F 26 7.67 -29.79 16.56
C LEU F 26 6.91 -28.47 16.72
N ASN F 27 6.89 -27.92 17.94
CA ASN F 27 6.08 -26.73 18.29
C ASN F 27 6.80 -25.47 17.77
N SER F 28 8.10 -25.31 18.06
CA SER F 28 8.87 -24.05 17.87
C SER F 28 9.69 -24.07 16.57
N GLY F 29 10.07 -25.25 16.06
CA GLY F 29 10.87 -25.40 14.83
C GLY F 29 12.36 -25.34 15.09
N LYS F 30 12.76 -25.06 16.34
CA LYS F 30 14.18 -24.91 16.77
C LYS F 30 14.93 -26.23 16.54
N ILE F 31 16.15 -26.14 16.01
CA ILE F 31 17.06 -27.30 15.76
C ILE F 31 17.66 -27.72 17.10
N LEU F 32 17.50 -28.99 17.49
CA LEU F 32 17.98 -29.52 18.80
C LEU F 32 19.31 -30.25 18.60
N GLU F 33 19.50 -30.88 17.45
CA GLU F 33 20.76 -31.59 17.09
C GLU F 33 20.81 -31.75 15.57
N SER F 34 22.00 -31.65 14.98
CA SER F 34 22.21 -31.78 13.52
C SER F 34 23.59 -32.36 13.21
N PHE F 35 23.68 -33.04 12.07
CA PHE F 35 24.93 -33.49 11.45
C PHE F 35 24.71 -33.57 9.94
N ARG F 36 25.56 -32.86 9.19
CA ARG F 36 25.43 -32.65 7.72
C ARG F 36 24.01 -32.19 7.40
N PRO F 37 23.48 -31.17 8.11
CA PRO F 37 22.09 -30.74 7.92
C PRO F 37 21.78 -30.24 6.50
N GLU F 38 22.78 -29.67 5.82
CA GLU F 38 22.60 -29.00 4.50
C GLU F 38 23.34 -29.73 3.38
N GLU F 39 23.65 -31.03 3.54
CA GLU F 39 24.16 -31.91 2.47
C GLU F 39 22.98 -32.67 1.85
N ARG F 40 23.08 -33.02 0.58
CA ARG F 40 21.96 -33.65 -0.18
C ARG F 40 22.05 -35.16 -0.05
N PHE F 41 20.89 -35.82 0.06
CA PHE F 41 20.75 -37.29 0.06
C PHE F 41 19.55 -37.66 -0.79
N PRO F 42 19.54 -38.86 -1.41
CA PRO F 42 18.35 -39.39 -2.06
C PRO F 42 17.19 -39.54 -1.07
N MET F 43 16.00 -39.03 -1.42
CA MET F 43 14.79 -39.17 -0.58
C MET F 43 14.32 -40.63 -0.57
N MET F 44 14.46 -41.34 -1.69
CA MET F 44 13.84 -42.68 -1.90
C MET F 44 12.34 -42.55 -1.57
N SER F 45 11.67 -43.59 -1.05
CA SER F 45 10.20 -43.57 -0.76
C SER F 45 9.81 -42.51 0.27
N THR F 46 10.73 -41.78 0.91
CA THR F 46 10.33 -40.74 1.89
C THR F 46 9.58 -39.61 1.16
N PHE F 47 9.73 -39.47 -0.16
CA PHE F 47 9.00 -38.44 -0.96
C PHE F 47 7.49 -38.68 -0.91
N LYS F 48 7.03 -39.93 -0.75
CA LYS F 48 5.58 -40.29 -0.82
C LYS F 48 4.75 -39.49 0.20
N VAL F 49 5.35 -39.03 1.30
CA VAL F 49 4.65 -38.17 2.29
C VAL F 49 4.47 -36.77 1.71
N LEU F 50 5.48 -36.24 1.03
CA LEU F 50 5.40 -34.92 0.35
C LEU F 50 4.32 -34.96 -0.75
N LEU F 51 4.24 -36.09 -1.48
CA LEU F 51 3.27 -36.32 -2.58
C LEU F 51 1.85 -36.20 -2.03
N CYS F 52 1.54 -36.93 -0.97
CA CYS F 52 0.19 -36.95 -0.38
C CYS F 52 -0.11 -35.60 0.30
N GLY F 53 0.91 -34.86 0.72
CA GLY F 53 0.77 -33.47 1.19
C GLY F 53 0.28 -32.57 0.07
N ALA F 54 0.86 -32.72 -1.12
CA ALA F 54 0.47 -31.97 -2.34
C ALA F 54 -0.99 -32.33 -2.72
N VAL F 55 -1.34 -33.62 -2.64
CA VAL F 55 -2.70 -34.12 -2.99
C VAL F 55 -3.72 -33.50 -2.02
N LEU F 56 -3.44 -33.52 -0.71
CA LEU F 56 -4.36 -32.95 0.31
C LEU F 56 -4.48 -31.44 0.09
N SER F 57 -3.42 -30.74 -0.31
CA SER F 57 -3.45 -29.29 -0.61
C SER F 57 -4.48 -28.99 -1.73
N ARG F 58 -4.54 -29.86 -2.73
CA ARG F 58 -5.52 -29.75 -3.85
C ARG F 58 -6.92 -30.11 -3.34
N ILE F 59 -7.05 -31.09 -2.44
CA ILE F 59 -8.39 -31.41 -1.87
C ILE F 59 -8.89 -30.16 -1.12
N ASP F 60 -8.03 -29.50 -0.35
CA ASP F 60 -8.37 -28.27 0.42
C ASP F 60 -8.81 -27.16 -0.54
N ALA F 61 -8.26 -27.08 -1.75
CA ALA F 61 -8.52 -25.99 -2.74
C ALA F 61 -9.70 -26.33 -3.66
N GLY F 62 -10.34 -27.50 -3.50
CA GLY F 62 -11.47 -27.97 -4.33
C GLY F 62 -11.03 -28.39 -5.73
N GLN F 63 -9.90 -29.09 -5.85
CA GLN F 63 -9.28 -29.49 -7.14
C GLN F 63 -9.09 -31.01 -7.17
N GLU F 64 -9.53 -31.70 -6.13
CA GLU F 64 -9.38 -33.16 -5.96
C GLU F 64 -10.33 -33.60 -4.83
N GLN F 65 -10.69 -34.89 -4.81
CA GLN F 65 -11.54 -35.51 -3.76
C GLN F 65 -10.93 -36.86 -3.33
N LEU F 66 -10.85 -37.09 -2.01
CA LEU F 66 -10.43 -38.38 -1.41
C LEU F 66 -11.21 -39.53 -2.05
N GLY F 67 -12.50 -39.32 -2.37
CA GLY F 67 -13.41 -40.39 -2.84
C GLY F 67 -13.33 -40.66 -4.34
N ARG F 68 -12.57 -39.89 -5.12
CA ARG F 68 -12.52 -40.11 -6.59
C ARG F 68 -11.84 -41.44 -6.90
N ARG F 69 -12.48 -42.29 -7.71
CA ARG F 69 -11.97 -43.63 -8.10
C ARG F 69 -11.17 -43.53 -9.38
N ILE F 70 -9.99 -44.14 -9.42
CA ILE F 70 -9.07 -44.13 -10.60
C ILE F 70 -8.93 -45.57 -11.11
N HIS F 71 -9.14 -45.76 -12.41
CA HIS F 71 -8.94 -47.06 -13.11
C HIS F 71 -7.59 -47.00 -13.83
N TYR F 72 -6.87 -48.12 -13.87
CA TYR F 72 -5.53 -48.24 -14.49
C TYR F 72 -5.45 -49.63 -15.12
N SER F 73 -4.32 -49.98 -15.75
CA SER F 73 -4.16 -51.26 -16.50
C SER F 73 -2.87 -51.96 -16.06
N GLN F 74 -2.69 -53.21 -16.52
CA GLN F 74 -1.49 -54.05 -16.37
C GLN F 74 -0.22 -53.21 -16.64
N ASN F 75 -0.30 -52.36 -17.67
CA ASN F 75 0.82 -51.56 -18.26
C ASN F 75 1.31 -50.49 -17.27
N ASP F 76 0.51 -50.13 -16.26
CA ASP F 76 0.86 -49.10 -15.23
C ASP F 76 1.65 -49.73 -14.07
N LEU F 77 1.53 -51.05 -13.87
CA LEU F 77 2.12 -51.77 -12.71
C LEU F 77 3.65 -51.79 -12.83
N VAL F 78 4.35 -51.29 -11.82
CA VAL F 78 5.84 -51.40 -11.70
C VAL F 78 6.16 -52.35 -10.55
N GLU F 79 7.44 -52.62 -10.28
CA GLU F 79 7.84 -53.59 -9.24
C GLU F 79 7.44 -53.07 -7.85
N TYR F 80 7.00 -54.02 -7.00
CA TYR F 80 6.45 -53.85 -5.63
C TYR F 80 5.18 -52.99 -5.66
N SER F 81 4.07 -53.66 -5.95
CA SER F 81 2.71 -53.08 -6.07
C SER F 81 1.73 -54.03 -5.38
N PRO F 82 1.91 -54.27 -4.07
CA PRO F 82 1.16 -55.30 -3.36
C PRO F 82 -0.35 -55.01 -3.26
N VAL F 83 -0.74 -53.73 -3.25
CA VAL F 83 -2.17 -53.30 -3.22
C VAL F 83 -2.67 -53.09 -4.66
N THR F 84 -2.01 -52.27 -5.47
CA THR F 84 -2.50 -51.88 -6.83
C THR F 84 -2.63 -53.10 -7.74
N GLU F 85 -1.78 -54.11 -7.61
CA GLU F 85 -1.83 -55.32 -8.49
C GLU F 85 -3.12 -56.11 -8.25
N LYS F 86 -3.84 -55.86 -7.15
CA LYS F 86 -5.06 -56.62 -6.75
C LYS F 86 -6.34 -55.91 -7.20
N HIS F 87 -6.25 -54.69 -7.75
CA HIS F 87 -7.43 -53.84 -8.07
C HIS F 87 -7.42 -53.42 -9.54
N LEU F 88 -7.00 -54.30 -10.45
CA LEU F 88 -6.97 -53.98 -11.91
C LEU F 88 -8.40 -53.72 -12.40
N THR F 89 -9.37 -54.55 -12.02
CA THR F 89 -10.73 -54.54 -12.60
C THR F 89 -11.61 -53.48 -11.91
N ASP F 90 -11.44 -53.18 -10.62
CA ASP F 90 -12.38 -52.29 -9.87
C ASP F 90 -11.74 -50.91 -9.58
N GLY F 91 -10.41 -50.77 -9.74
CA GLY F 91 -9.70 -49.49 -9.51
C GLY F 91 -9.53 -49.19 -8.02
N MET F 92 -9.06 -47.98 -7.69
CA MET F 92 -8.81 -47.53 -6.29
C MET F 92 -9.14 -46.03 -6.16
N THR F 93 -9.59 -45.60 -4.99
CA THR F 93 -9.86 -44.17 -4.67
C THR F 93 -8.53 -43.46 -4.38
N VAL F 94 -8.50 -42.13 -4.47
CA VAL F 94 -7.31 -41.30 -4.10
C VAL F 94 -6.92 -41.65 -2.66
N ARG F 95 -7.91 -41.69 -1.77
CA ARG F 95 -7.77 -42.08 -0.33
C ARG F 95 -6.97 -43.39 -0.23
N GLU F 96 -7.41 -44.44 -0.95
CA GLU F 96 -6.80 -45.79 -0.93
C GLU F 96 -5.38 -45.74 -1.51
N LEU F 97 -5.13 -44.89 -2.51
CA LEU F 97 -3.80 -44.82 -3.19
C LEU F 97 -2.78 -44.18 -2.24
N CYS F 98 -3.14 -43.11 -1.54
CA CYS F 98 -2.27 -42.46 -0.54
C CYS F 98 -1.96 -43.43 0.61
N SER F 99 -2.97 -44.15 1.12
CA SER F 99 -2.78 -45.20 2.15
C SER F 99 -1.79 -46.26 1.63
N ALA F 100 -1.96 -46.74 0.40
CA ALA F 100 -1.11 -47.80 -0.18
C ALA F 100 0.31 -47.26 -0.43
N ALA F 101 0.45 -46.00 -0.83
CA ALA F 101 1.79 -45.41 -1.09
C ALA F 101 2.54 -45.26 0.24
N ILE F 102 1.93 -44.63 1.24
CA ILE F 102 2.61 -44.31 2.52
C ILE F 102 2.72 -45.58 3.36
N THR F 103 1.62 -46.27 3.65
CA THR F 103 1.58 -47.42 4.59
C THR F 103 2.22 -48.68 3.97
N MET F 104 1.90 -49.07 2.74
CA MET F 104 2.35 -50.36 2.13
C MET F 104 3.51 -50.13 1.15
N SER F 105 4.00 -48.90 1.05
CA SER F 105 4.99 -48.42 0.04
C SER F 105 4.73 -49.05 -1.35
N ASP F 106 3.50 -48.90 -1.86
CA ASP F 106 3.09 -49.37 -3.21
C ASP F 106 3.65 -48.39 -4.24
N ASN F 107 4.49 -48.86 -5.17
CA ASN F 107 5.19 -48.00 -6.17
C ASN F 107 4.23 -47.53 -7.26
N THR F 108 3.40 -48.43 -7.81
CA THR F 108 2.37 -48.08 -8.82
C THR F 108 1.46 -47.00 -8.22
N ALA F 109 1.10 -47.12 -6.94
CA ALA F 109 0.20 -46.18 -6.26
C ALA F 109 0.82 -44.78 -6.29
N ALA F 110 2.11 -44.66 -5.99
CA ALA F 110 2.84 -43.38 -5.99
C ALA F 110 2.84 -42.81 -7.42
N ASN F 111 3.03 -43.63 -8.44
CA ASN F 111 3.06 -43.17 -9.87
C ASN F 111 1.67 -42.63 -10.25
N LEU F 112 0.59 -43.36 -9.93
CA LEU F 112 -0.82 -42.94 -10.24
C LEU F 112 -1.11 -41.59 -9.57
N LEU F 113 -0.62 -41.36 -8.36
CA LEU F 113 -0.86 -40.10 -7.61
C LEU F 113 -0.04 -38.96 -8.22
N LEU F 114 1.19 -39.23 -8.62
CA LEU F 114 2.03 -38.26 -9.38
C LEU F 114 1.28 -37.84 -10.65
N THR F 115 0.65 -38.78 -11.36
CA THR F 115 -0.14 -38.51 -12.58
C THR F 115 -1.26 -37.52 -12.22
N THR F 116 -1.94 -37.67 -11.07
CA THR F 116 -3.07 -36.78 -10.68
C THR F 116 -2.60 -35.33 -10.54
N ILE F 117 -1.35 -35.05 -10.21
CA ILE F 117 -0.92 -33.65 -9.92
C ILE F 117 -0.10 -33.09 -11.08
N GLY F 118 0.23 -33.93 -12.08
CA GLY F 118 0.96 -33.51 -13.30
C GLY F 118 2.45 -33.86 -13.25
N GLY F 119 2.83 -34.84 -12.44
CA GLY F 119 4.17 -35.47 -12.46
C GLY F 119 5.14 -34.88 -11.44
N PRO F 120 6.39 -35.40 -11.39
CA PRO F 120 7.41 -34.92 -10.46
C PRO F 120 7.62 -33.40 -10.42
N LYS F 121 7.57 -32.72 -11.56
CA LYS F 121 7.91 -31.28 -11.64
C LYS F 121 6.82 -30.47 -10.92
N GLU F 122 5.59 -31.00 -10.79
CA GLU F 122 4.49 -30.29 -10.09
C GLU F 122 4.59 -30.52 -8.57
N LEU F 123 5.12 -31.65 -8.11
CA LEU F 123 5.48 -31.84 -6.68
C LEU F 123 6.57 -30.83 -6.31
N THR F 124 7.56 -30.64 -7.19
CA THR F 124 8.67 -29.67 -6.96
C THR F 124 8.10 -28.24 -6.89
N ALA F 125 7.08 -27.93 -7.70
CA ALA F 125 6.49 -26.57 -7.76
C ALA F 125 5.69 -26.33 -6.48
N PHE F 126 5.00 -27.35 -5.99
CA PHE F 126 4.27 -27.32 -4.69
C PHE F 126 5.26 -26.96 -3.58
N LEU F 127 6.39 -27.66 -3.52
CA LEU F 127 7.44 -27.49 -2.48
C LEU F 127 8.06 -26.09 -2.60
N HIS F 128 8.40 -25.68 -3.82
CA HIS F 128 8.99 -24.34 -4.09
C HIS F 128 8.04 -23.25 -3.57
N ASN F 129 6.73 -23.44 -3.74
CA ASN F 129 5.69 -22.40 -3.48
C ASN F 129 5.49 -22.20 -1.97
N MET F 130 5.75 -23.23 -1.15
CA MET F 130 5.62 -23.14 0.33
C MET F 130 7.01 -22.93 0.97
N GLY F 131 8.03 -22.58 0.17
CA GLY F 131 9.30 -22.02 0.68
C GLY F 131 10.44 -23.03 0.74
N ASP F 132 10.23 -24.29 0.34
CA ASP F 132 11.31 -25.31 0.22
C ASP F 132 11.94 -25.23 -1.17
N HIS F 133 13.03 -24.46 -1.30
CA HIS F 133 13.77 -24.17 -2.55
C HIS F 133 14.82 -25.27 -2.81
N VAL F 134 14.83 -26.34 -2.02
CA VAL F 134 15.94 -27.35 -2.03
C VAL F 134 15.42 -28.73 -2.45
N THR F 135 14.39 -29.25 -1.77
CA THR F 135 13.81 -30.59 -2.06
C THR F 135 13.27 -30.61 -3.49
N ARG F 136 13.47 -31.71 -4.22
CA ARG F 136 13.06 -31.81 -5.65
C ARG F 136 12.84 -33.28 -6.03
N LEU F 137 11.71 -33.59 -6.67
CA LEU F 137 11.50 -34.87 -7.36
C LEU F 137 11.63 -34.63 -8.87
N ASP F 138 12.32 -35.52 -9.58
CA ASP F 138 12.65 -35.37 -11.03
C ASP F 138 12.16 -36.58 -11.81
N ARG F 139 12.07 -37.75 -11.17
CA ARG F 139 11.76 -39.04 -11.86
C ARG F 139 10.66 -39.78 -11.10
N TRP F 140 10.19 -40.87 -11.70
CA TRP F 140 9.06 -41.71 -11.22
C TRP F 140 9.65 -42.95 -10.55
N GLU F 141 8.81 -43.81 -9.99
CA GLU F 141 9.24 -45.17 -9.55
C GLU F 141 9.40 -46.04 -10.80
N PRO F 142 10.47 -46.86 -10.93
CA PRO F 142 11.49 -47.05 -9.89
C PRO F 142 12.81 -46.25 -9.99
N GLU F 143 12.99 -45.39 -10.99
CA GLU F 143 14.36 -44.87 -11.30
C GLU F 143 14.71 -43.65 -10.44
N LEU F 144 13.81 -43.15 -9.59
CA LEU F 144 14.13 -42.05 -8.64
C LEU F 144 15.02 -42.56 -7.50
N ASN F 145 15.32 -43.87 -7.46
CA ASN F 145 16.09 -44.56 -6.38
C ASN F 145 17.56 -44.80 -6.80
N GLU F 146 18.01 -44.23 -7.92
CA GLU F 146 19.32 -44.58 -8.56
C GLU F 146 20.51 -44.10 -7.71
N ALA F 147 20.37 -42.94 -7.06
CA ALA F 147 21.32 -42.40 -6.06
C ALA F 147 22.73 -42.25 -6.65
N ILE F 148 22.86 -41.78 -7.89
CA ILE F 148 24.20 -41.51 -8.51
C ILE F 148 24.91 -40.47 -7.62
N PRO F 149 26.19 -40.67 -7.25
CA PRO F 149 26.93 -39.67 -6.47
C PRO F 149 26.95 -38.27 -7.13
N ASN F 150 26.64 -37.23 -6.33
CA ASN F 150 26.67 -35.79 -6.71
C ASN F 150 25.50 -35.42 -7.63
N ASP F 151 24.63 -36.38 -7.95
CA ASP F 151 23.39 -36.16 -8.75
C ASP F 151 22.33 -35.59 -7.82
N GLU F 152 21.87 -34.36 -8.08
CA GLU F 152 20.96 -33.60 -7.19
C GLU F 152 19.49 -33.98 -7.49
N ARG F 153 19.23 -34.82 -8.49
CA ARG F 153 17.86 -35.32 -8.80
C ARG F 153 17.35 -36.16 -7.63
N ASP F 154 16.06 -35.99 -7.29
CA ASP F 154 15.33 -36.86 -6.34
C ASP F 154 15.99 -36.81 -4.95
N THR F 155 16.47 -35.63 -4.55
CA THR F 155 17.23 -35.38 -3.31
C THR F 155 16.56 -34.30 -2.46
N THR F 156 16.88 -34.33 -1.16
CA THR F 156 16.58 -33.27 -0.17
C THR F 156 17.84 -33.08 0.69
N MET F 157 17.81 -32.10 1.59
CA MET F 157 18.74 -31.97 2.73
C MET F 157 17.97 -32.34 4.00
N PRO F 158 18.60 -32.94 5.04
CA PRO F 158 17.90 -33.21 6.30
C PRO F 158 17.13 -31.99 6.85
N ALA F 159 17.75 -30.81 6.85
CA ALA F 159 17.16 -29.56 7.39
C ALA F 159 15.94 -29.15 6.58
N ALA F 160 15.99 -29.29 5.26
CA ALA F 160 14.89 -28.92 4.33
C ALA F 160 13.71 -29.87 4.55
N MET F 161 13.96 -31.18 4.56
CA MET F 161 12.92 -32.24 4.72
C MET F 161 12.23 -32.06 6.07
N ALA F 162 12.99 -31.75 7.13
CA ALA F 162 12.45 -31.62 8.50
C ALA F 162 11.55 -30.38 8.57
N THR F 163 11.99 -29.24 8.04
CA THR F 163 11.21 -27.98 8.01
C THR F 163 9.91 -28.20 7.21
N THR F 164 9.97 -28.93 6.10
CA THR F 164 8.81 -29.15 5.19
C THR F 164 7.80 -30.03 5.92
N LEU F 165 8.26 -31.16 6.49
CA LEU F 165 7.38 -32.08 7.25
C LEU F 165 6.68 -31.32 8.38
N ARG F 166 7.40 -30.46 9.09
CA ARG F 166 6.82 -29.67 10.20
C ARG F 166 5.70 -28.76 9.67
N LYS F 167 5.91 -28.12 8.52
CA LYS F 167 4.92 -27.17 7.92
C LYS F 167 3.67 -27.92 7.45
N LEU F 168 3.80 -29.17 7.00
CA LEU F 168 2.65 -30.01 6.56
C LEU F 168 1.85 -30.52 7.76
N LEU F 169 2.51 -30.88 8.87
CA LEU F 169 1.85 -31.50 10.05
C LEU F 169 1.30 -30.45 11.02
N THR F 170 1.85 -29.22 11.03
CA THR F 170 1.46 -28.12 11.97
C THR F 170 1.37 -26.80 11.16
N GLY F 171 0.76 -25.75 11.69
CA GLY F 171 0.57 -24.50 10.92
C GLY F 171 -0.51 -24.65 9.84
N GLU F 172 -0.75 -23.56 9.10
CA GLU F 172 -2.02 -23.31 8.36
C GLU F 172 -1.92 -23.74 6.89
N LEU F 173 -0.85 -24.44 6.48
CA LEU F 173 -0.60 -24.82 5.06
C LEU F 173 -1.68 -25.80 4.57
N LEU F 174 -1.93 -26.88 5.31
CA LEU F 174 -3.12 -27.76 5.13
C LEU F 174 -4.18 -27.40 6.17
N THR F 175 -5.44 -27.73 5.91
CA THR F 175 -6.56 -27.61 6.88
C THR F 175 -6.35 -28.62 8.03
N LEU F 176 -7.05 -28.42 9.14
CA LEU F 176 -6.99 -29.30 10.34
C LEU F 176 -7.28 -30.76 9.92
N ALA F 177 -8.31 -30.99 9.10
CA ALA F 177 -8.75 -32.35 8.68
C ALA F 177 -7.67 -33.05 7.85
N SER F 178 -6.98 -32.30 6.98
CA SER F 178 -5.92 -32.79 6.06
C SER F 178 -4.61 -33.08 6.83
N ARG F 179 -4.22 -32.19 7.74
CA ARG F 179 -3.12 -32.45 8.72
C ARG F 179 -3.32 -33.82 9.38
N GLN F 180 -4.51 -34.02 9.94
CA GLN F 180 -4.87 -35.24 10.69
C GLN F 180 -4.77 -36.44 9.74
N GLN F 181 -5.24 -36.31 8.51
CA GLN F 181 -5.26 -37.45 7.55
C GLN F 181 -3.80 -37.84 7.21
N LEU F 182 -2.91 -36.86 7.04
CA LEU F 182 -1.51 -37.14 6.63
C LEU F 182 -0.80 -37.86 7.77
N ILE F 183 -0.85 -37.30 8.99
CA ILE F 183 -0.21 -37.94 10.17
C ILE F 183 -0.86 -39.31 10.41
N ASP F 184 -2.17 -39.48 10.15
CA ASP F 184 -2.88 -40.77 10.31
C ASP F 184 -2.29 -41.84 9.38
N TRP F 185 -2.06 -41.49 8.10
CA TRP F 185 -1.44 -42.41 7.12
C TRP F 185 -0.03 -42.81 7.59
N MET F 186 0.74 -41.86 8.11
CA MET F 186 2.13 -42.09 8.58
C MET F 186 2.13 -42.98 9.85
N GLU F 187 1.09 -42.88 10.68
CA GLU F 187 1.02 -43.62 11.97
C GLU F 187 0.60 -45.08 11.74
N ALA F 188 -0.18 -45.39 10.70
CA ALA F 188 -0.80 -46.71 10.47
C ALA F 188 0.23 -47.83 10.54
N ASP F 189 -0.19 -49.00 11.04
CA ASP F 189 0.63 -50.23 11.26
C ASP F 189 1.27 -50.73 9.96
N LYS F 190 2.59 -50.97 10.00
CA LYS F 190 3.42 -51.63 8.96
C LYS F 190 3.84 -53.03 9.44
N VAL F 191 4.06 -53.97 8.51
CA VAL F 191 4.31 -55.42 8.76
C VAL F 191 5.55 -55.58 9.66
N ALA F 192 6.62 -54.85 9.36
CA ALA F 192 7.86 -54.73 10.16
C ALA F 192 8.42 -53.30 10.05
N GLY F 193 9.00 -52.79 11.15
CA GLY F 193 9.81 -51.56 11.22
C GLY F 193 11.13 -51.85 11.91
N PRO F 194 12.24 -52.10 11.16
CA PRO F 194 13.53 -52.35 11.77
C PRO F 194 14.32 -51.08 12.10
N LEU F 195 13.75 -49.90 11.86
CA LEU F 195 14.42 -48.58 12.07
C LEU F 195 13.97 -48.02 13.43
N LEU F 196 13.32 -46.85 13.49
CA LEU F 196 12.96 -46.15 14.75
C LEU F 196 11.92 -46.94 15.55
N ARG F 197 10.99 -47.65 14.90
CA ARG F 197 9.88 -48.37 15.58
C ARG F 197 10.41 -49.52 16.48
N SER F 198 11.59 -50.08 16.17
CA SER F 198 12.24 -51.20 16.92
C SER F 198 12.83 -50.70 18.25
N ALA F 199 13.18 -49.41 18.34
CA ALA F 199 13.80 -48.75 19.51
C ALA F 199 12.74 -47.97 20.30
N LEU F 200 11.50 -47.96 19.83
CA LEU F 200 10.42 -47.13 20.38
C LEU F 200 9.64 -47.93 21.41
N PRO F 201 9.51 -47.42 22.65
CA PRO F 201 8.77 -48.14 23.68
C PRO F 201 7.25 -47.96 23.54
N ALA F 202 6.51 -48.83 24.21
CA ALA F 202 5.03 -48.72 24.36
C ALA F 202 4.71 -47.35 24.96
N GLY F 203 3.62 -46.74 24.49
CA GLY F 203 3.12 -45.44 24.99
C GLY F 203 3.67 -44.26 24.20
N TRP F 204 4.74 -44.46 23.44
CA TRP F 204 5.27 -43.42 22.52
C TRP F 204 4.47 -43.41 21.22
N PHE F 205 4.21 -42.20 20.70
CA PHE F 205 3.62 -41.93 19.37
C PHE F 205 4.75 -41.90 18.34
N ILE F 206 4.56 -42.62 17.23
CA ILE F 206 5.44 -42.47 16.04
C ILE F 206 4.56 -42.45 14.79
N ALA F 207 4.78 -41.45 13.96
CA ALA F 207 4.28 -41.35 12.58
C ALA F 207 5.50 -41.17 11.68
N ASP F 208 5.77 -42.13 10.79
CA ASP F 208 7.04 -42.17 10.03
C ASP F 208 6.83 -42.65 8.59
N LYS F 209 7.91 -42.54 7.80
CA LYS F 209 8.04 -43.10 6.45
C LYS F 209 9.50 -43.44 6.21
N SER F 210 9.78 -44.69 5.85
CA SER F 210 11.16 -45.20 5.63
C SER F 210 11.49 -45.20 4.13
N GLY F 211 12.79 -45.36 3.80
CA GLY F 211 13.34 -45.30 2.44
C GLY F 211 14.56 -46.18 2.27
N ALA F 212 14.63 -46.87 1.11
CA ALA F 212 15.81 -47.64 0.63
C ALA F 212 15.99 -47.37 -0.86
N GLY F 213 17.25 -47.33 -1.32
CA GLY F 213 17.59 -47.15 -2.74
C GLY F 213 18.85 -47.90 -3.12
N GLU F 214 19.41 -47.57 -4.28
CA GLU F 214 20.65 -48.17 -4.82
C GLU F 214 21.84 -47.58 -4.03
N ARG F 215 23.00 -48.22 -4.14
CA ARG F 215 24.29 -47.73 -3.57
C ARG F 215 24.15 -47.49 -2.06
N GLY F 216 23.51 -48.43 -1.36
CA GLY F 216 23.39 -48.47 0.11
C GLY F 216 22.59 -47.30 0.67
N SER F 217 21.71 -46.71 -0.14
CA SER F 217 20.78 -45.63 0.28
C SER F 217 19.76 -46.18 1.29
N ARG F 218 19.54 -45.43 2.37
CA ARG F 218 18.61 -45.78 3.47
C ARG F 218 18.23 -44.52 4.24
N GLY F 219 17.00 -44.46 4.73
CA GLY F 219 16.54 -43.25 5.45
C GLY F 219 15.21 -43.43 6.13
N ILE F 220 14.81 -42.40 6.88
CA ILE F 220 13.50 -42.34 7.56
C ILE F 220 13.21 -40.90 7.97
N ILE F 221 11.95 -40.49 7.87
CA ILE F 221 11.41 -39.22 8.43
C ILE F 221 10.35 -39.61 9.46
N ALA F 222 10.22 -38.86 10.57
CA ALA F 222 9.32 -39.22 11.68
C ALA F 222 8.89 -37.98 12.47
N ALA F 223 7.62 -37.97 12.89
CA ALA F 223 7.11 -37.18 14.03
C ALA F 223 6.89 -38.16 15.18
N LEU F 224 7.50 -37.92 16.35
CA LEU F 224 7.42 -38.88 17.48
C LEU F 224 7.53 -38.13 18.81
N GLY F 225 7.04 -38.76 19.88
CA GLY F 225 7.24 -38.26 21.25
C GLY F 225 6.67 -39.22 22.31
N PRO F 226 6.93 -38.94 23.60
CA PRO F 226 6.35 -39.75 24.66
C PRO F 226 4.88 -39.35 24.92
N ASP F 227 4.18 -40.12 25.76
CA ASP F 227 2.83 -39.78 26.30
C ASP F 227 1.80 -39.76 25.16
N GLY F 228 2.01 -40.56 24.11
CA GLY F 228 1.04 -40.77 23.02
C GLY F 228 0.85 -39.56 22.12
N LYS F 229 1.77 -38.59 22.13
CA LYS F 229 1.73 -37.36 21.29
C LYS F 229 3.09 -37.12 20.64
N PRO F 230 3.15 -36.61 19.38
CA PRO F 230 4.41 -36.18 18.79
C PRO F 230 4.87 -34.85 19.38
N SER F 231 6.17 -34.67 19.61
CA SER F 231 6.77 -33.38 20.04
C SER F 231 8.10 -33.09 19.32
N ARG F 232 8.61 -34.01 18.49
CA ARG F 232 9.83 -33.76 17.67
C ARG F 232 9.71 -34.35 16.27
N ILE F 233 10.36 -33.69 15.31
CA ILE F 233 10.66 -34.25 13.96
C ILE F 233 12.08 -34.79 13.97
N VAL F 234 12.28 -35.98 13.41
CA VAL F 234 13.61 -36.61 13.22
C VAL F 234 13.75 -37.05 11.76
N VAL F 235 14.86 -36.65 11.12
CA VAL F 235 15.19 -37.06 9.71
C VAL F 235 16.58 -37.68 9.73
N ILE F 236 16.71 -38.92 9.23
CA ILE F 236 18.00 -39.66 9.10
C ILE F 236 18.14 -40.18 7.65
N TYR F 237 19.25 -39.87 6.99
CA TYR F 237 19.59 -40.36 5.62
C TYR F 237 21.04 -40.86 5.62
N THR F 238 21.31 -41.91 4.83
CA THR F 238 22.68 -42.37 4.47
C THR F 238 22.68 -42.81 2.99
N THR F 239 23.80 -42.60 2.29
CA THR F 239 24.02 -43.12 0.92
C THR F 239 25.52 -43.39 0.75
N GLY F 240 25.87 -44.44 -0.02
CA GLY F 240 27.25 -44.77 -0.41
C GLY F 240 27.79 -46.05 0.22
N SER F 241 27.19 -46.55 1.30
CA SER F 241 27.70 -47.74 2.04
C SER F 241 27.60 -49.00 1.15
N GLN F 242 28.55 -49.91 1.28
CA GLN F 242 28.54 -51.24 0.62
C GLN F 242 28.07 -52.30 1.63
N ALA F 243 27.60 -51.88 2.81
CA ALA F 243 27.13 -52.77 3.90
C ALA F 243 25.75 -53.38 3.56
N THR F 244 25.47 -54.57 4.10
CA THR F 244 24.17 -55.29 3.93
C THR F 244 23.02 -54.41 4.42
N MET F 245 21.79 -54.72 4.01
CA MET F 245 20.57 -54.03 4.50
C MET F 245 20.47 -54.19 6.02
N ASP F 246 20.76 -55.40 6.54
CA ASP F 246 20.73 -55.68 8.01
C ASP F 246 21.66 -54.72 8.74
N GLU F 247 22.87 -54.48 8.22
CA GLU F 247 23.91 -53.63 8.85
C GLU F 247 23.45 -52.17 8.85
N ARG F 248 22.78 -51.72 7.78
CA ARG F 248 22.33 -50.30 7.66
C ARG F 248 21.14 -50.06 8.60
N ASN F 249 20.20 -51.01 8.66
CA ASN F 249 19.05 -51.03 9.60
C ASN F 249 19.58 -50.88 11.03
N ARG F 250 20.53 -51.75 11.43
CA ARG F 250 21.06 -51.81 12.81
C ARG F 250 21.66 -50.45 13.20
N GLN F 251 22.36 -49.76 12.28
CA GLN F 251 23.03 -48.46 12.60
C GLN F 251 21.96 -47.38 12.84
N ILE F 252 20.89 -47.37 12.04
CA ILE F 252 19.82 -46.35 12.16
C ILE F 252 19.03 -46.61 13.45
N ALA F 253 18.71 -47.88 13.73
CA ALA F 253 18.02 -48.32 14.98
C ALA F 253 18.82 -47.84 16.20
N GLU F 254 20.15 -47.97 16.17
CA GLU F 254 21.05 -47.57 17.29
C GLU F 254 21.06 -46.05 17.42
N ILE F 255 20.90 -45.28 16.34
CA ILE F 255 20.76 -43.80 16.44
C ILE F 255 19.43 -43.51 17.14
N GLY F 256 18.36 -44.22 16.78
CA GLY F 256 17.04 -44.14 17.42
C GLY F 256 17.12 -44.44 18.91
N ALA F 257 17.71 -45.57 19.30
CA ALA F 257 17.89 -45.98 20.71
C ALA F 257 18.53 -44.82 21.51
N SER F 258 19.55 -44.16 20.94
CA SER F 258 20.31 -43.06 21.59
C SER F 258 19.44 -41.80 21.72
N LEU F 259 18.70 -41.47 20.66
CA LEU F 259 17.74 -40.32 20.64
C LEU F 259 16.73 -40.45 21.79
N ILE F 260 16.16 -41.65 21.98
CA ILE F 260 15.13 -42.01 22.98
C ILE F 260 15.76 -41.95 24.39
N LYS F 261 16.90 -42.61 24.56
CA LYS F 261 17.63 -42.71 25.85
C LYS F 261 17.95 -41.31 26.39
N HIS F 262 18.35 -40.37 25.53
CA HIS F 262 18.82 -39.01 25.93
C HIS F 262 17.76 -37.95 25.60
N TRP F 263 16.49 -38.34 25.44
CA TRP F 263 15.35 -37.43 25.12
C TRP F 263 15.43 -36.19 26.00
S1 TBE G . 7.32 27.46 -24.03
O12 TBE G . 8.28 28.08 -23.14
O13 TBE G . 6.48 26.47 -23.41
C2 TBE G . 6.25 28.84 -24.64
C3 TBE G . 4.76 28.54 -24.85
N4 TBE G . 4.54 27.35 -25.66
C5 TBE G . 3.37 26.81 -26.09
C20 TBE G . 6.44 30.04 -23.70
C14 TBE G . 6.87 29.26 -26.01
N15 TBE G . 6.32 30.48 -26.60
N16 TBE G . 5.32 30.41 -27.51
N17 TBE G . 5.08 31.66 -27.90
C18 TBE G . 5.94 32.48 -27.26
C19 TBE G . 6.73 31.77 -26.45
C9 TBE G . 4.03 28.49 -23.49
O10 TBE G . 3.61 27.39 -23.10
O11 TBE G . 3.88 29.56 -22.90
C6 TBE G . 2.36 27.58 -26.56
C7 TBE G . 1.18 27.05 -27.04
O8 TBE G . 0.23 27.65 -27.55
C ACT H . -15.46 26.38 -20.98
O ACT H . -15.47 25.13 -21.00
OXT ACT H . -15.85 27.06 -20.04
CH3 ACT H . -14.91 27.14 -22.18
S1 TBE I . -9.03 -14.48 -28.09
O12 TBE I . -8.85 -13.51 -27.05
O13 TBE I . -9.52 -15.76 -27.66
C2 TBE I . -10.32 -13.63 -29.03
C3 TBE I . -11.63 -14.42 -28.92
N4 TBE I . -11.62 -15.72 -29.54
C5 TBE I . -12.74 -16.22 -30.05
C20 TBE I . -10.50 -12.29 -28.32
C14 TBE I . -9.95 -13.33 -30.50
N15 TBE I . -10.03 -11.91 -30.80
N16 TBE I . -11.16 -11.37 -31.28
N17 TBE I . -10.94 -10.08 -31.45
C18 TBE I . -9.68 -9.81 -31.06
C19 TBE I . -9.09 -10.94 -30.64
C9 TBE I . -11.95 -14.53 -27.42
O10 TBE I . -11.53 -13.61 -26.72
O11 TBE I . -12.55 -15.55 -27.02
C6 TBE I . -13.74 -15.38 -30.36
C7 TBE I . -14.95 -15.79 -30.78
O8 TBE I . -15.80 -15.10 -31.30
S1 TBE J . 24.96 -7.31 8.86
O12 TBE J . 25.23 -8.63 9.38
O13 TBE J . 25.26 -6.17 9.71
C2 TBE J . 25.93 -7.30 7.29
C3 TBE J . 26.68 -6.04 6.84
N4 TBE J . 25.88 -4.82 6.90
C5 TBE J . 26.25 -3.66 6.34
C20 TBE J . 26.91 -8.47 7.39
C14 TBE J . 24.86 -7.64 6.22
N15 TBE J . 25.37 -8.31 5.04
N16 TBE J . 25.68 -7.61 3.91
N17 TBE J . 26.06 -8.48 3.00
C18 TBE J . 25.99 -9.72 3.54
C19 TBE J . 25.54 -9.64 4.81
C9 TBE J . 27.99 -5.78 7.60
O10 TBE J . 28.00 -4.88 8.44
O11 TBE J . 28.97 -6.47 7.27
C6 TBE J . 26.82 -3.65 5.12
C7 TBE J . 27.43 -2.59 4.54
O8 TBE J . 28.09 -2.63 3.51
S1 TBE K . -17.80 9.40 20.06
O12 TBE K . -17.79 10.52 19.14
O13 TBE K . -17.96 8.12 19.43
C2 TBE K . -16.15 9.46 20.87
C3 TBE K . -15.32 8.15 20.91
N4 TBE K . -16.09 7.02 21.44
C5 TBE K . -15.59 5.82 21.79
C20 TBE K . -15.33 10.56 20.18
C14 TBE K . -16.44 9.97 22.30
N15 TBE K . -15.28 10.46 23.03
N16 TBE K . -14.58 9.64 23.86
N17 TBE K . -13.62 10.36 24.40
C18 TBE K . -13.72 11.63 23.92
C19 TBE K . -14.76 11.71 23.07
C9 TBE K . -14.70 7.76 19.56
O10 TBE K . -13.81 8.49 19.09
O11 TBE K . -15.13 6.73 19.03
C6 TBE K . -14.41 5.76 22.40
C7 TBE K . -13.84 4.62 22.84
O8 TBE K . -12.78 4.57 23.46
C ACT L . -1.31 -6.29 15.97
O ACT L . -0.49 -5.70 15.25
OXT ACT L . -1.80 -7.42 15.69
CH3 ACT L . -1.74 -5.59 17.26
S1 TBE M . -1.01 54.13 22.37
O12 TBE M . -1.60 55.42 22.11
O13 TBE M . -0.73 53.35 21.18
C2 TBE M . 0.65 54.45 23.13
C3 TBE M . 1.51 53.16 23.07
N4 TBE M . 0.76 52.04 23.64
C5 TBE M . 1.28 50.91 24.16
C20 TBE M . 1.30 55.59 22.33
C14 TBE M . 0.43 54.93 24.59
N15 TBE M . 1.51 55.73 25.17
N16 TBE M . 2.33 55.19 26.13
N17 TBE M . 3.17 56.14 26.49
C18 TBE M . 2.89 57.26 25.79
C19 TBE M . 1.84 57.03 24.97
C9 TBE M . 2.05 52.81 21.66
O10 TBE M . 1.74 51.71 21.18
O11 TBE M . 2.78 53.65 21.09
C6 TBE M . 2.54 50.87 24.64
C7 TBE M . 3.14 49.75 25.10
O8 TBE M . 4.22 49.71 25.65
#